data_8J5T
#
_entry.id   8J5T
#
_cell.length_a   1.00
_cell.length_b   1.00
_cell.length_c   1.00
_cell.angle_alpha   90.00
_cell.angle_beta   90.00
_cell.angle_gamma   90.00
#
_symmetry.space_group_name_H-M   'P 1'
#
loop_
_entity.id
_entity.type
_entity.pdbx_description
1 polymer 'Uncharacterized protein Rv1280c'
2 polymer 'Putative peptide transport permease protein Rv1283c'
3 polymer 'Putative peptide transport permease protein Rv1282c'
4 polymer 'Uncharacterized ABC transporter ATP-binding protein Rv1281c'
5 non-polymer "ADENOSINE-5'-TRIPHOSPHATE"
6 non-polymer 'MAGNESIUM ION'
7 non-polymer 'IRON/SULFUR CLUSTER'
#
loop_
_entity_poly.entity_id
_entity_poly.type
_entity_poly.pdbx_seq_one_letter_code
_entity_poly.pdbx_strand_id
1 'polypeptide(L)'
;VADRGQRRGCAPGIASALRASFQGKSRPWTQTRYWAFALLTPLVVAMVLTGCSASGTQLELAPTADRRAAVGTTSDINQQ
DPATLQDGGNLRLSLTDFPPNFNILHIDGNNAEVAAMMKATLPRAFIIGPDGSTTVDTNYFTSIELTRTAPQVVTYTINP
EAVWSDGTPITWRDIASQIHAISGADKAFEIASSSGAERVASVTRGVDDRQAVVTFAKPYAEWRGMFAGNGMLLPASMTA
TPEAFNKGQLDGPGPSAGPFVVSALDRTAQRIVLTRNPRWWGARPRLDSITYLVLDDAARLPALQNNTIDATGVGTLDQL
TIAARTKGISIRRAPGPSWYHFTLNGAPGSILADKALRLAIAKGIDRYTIARVAQYGLTSDPVPLNNHVFVAGQDGYQDN
SGVVAYNPEQAKRELDALGWRRSGAFREKDGRQLVIRDLFYDAQSTRQFAQIAQHTLAQIGVKLELQAKSGSGFFSDYVN
VGAFDIAQFGWVGDAFPLSSLTQIYASDGESNFGKIGSPQIDAAIERTLAELDPGKARALANQVDELIWAEGFSLPLTQS
PGTVAVRSTLANFGATGLADLDYTAIGFMRRDYKDDDDK
;
A
2 'polypeptide(L)'
;MTRYLARRLLNYLVLLALASFLTYCLTSLAFSPLESLMQRSPRPPQAVIDAKAHDLGLDRPILARYANWVSHAVRGDFGT
TITGQPVGTELGRRIGVSLRLLVVGSVFGTVAGVVIGAWGAIRQYRLSDRVMTTLALLVLSTPTFVVANLLILGALRVNW
AVGIQLFDYTGETSPGVAGGVWDRLGDRLQHLILPSLTLALAAAAGFSRYQRNAMLDVLGQDFIRTARAKGLTRRRALLK
HGLRTALIPMATLFAYGVAGLVTGAVFVEKIFGWHGMGEWMVRGISTQDTNIVAAITVFSGAVVLLAGLLSDVIYAALDP
RVRVS
;
B
3 'polypeptide(L)'
;MTEFASRRTLVVRRFLRNRAAVASLAALLLLFVSAYALPPLLPYSYDDLDFNALLQPPGTKHWLGTNALGQDLLAQTLRG
MQKSMLIGVCVAVISTGIAATVGAISGYFGGWRDRTLMWVVDLLLVVPSFILIAIVTPRTKNSANIMFLVLLLAGFGWMI
SSRMVRGMTMSLREREFIRAARYMGVSSRRIIVGHVVPNVASILIIDAALNVAAAILAETGLSFLGFGIQPPDVSLGTLI
ADGTASATAFPWVFLFPASILVLILVCANLTGDGLRDALDPASRSLRRGVR
;
C
4 'polypeptide(L)'
;MSPLLEVTDLAVTFRTDGDPVTAVRGISYRVEPGEVVAMVGESGSGKSAAAMAVVGLLPEYAQVRGSVRLQGTELLGLAD
NAMSRFRGKAIGTVFQDPMSALTPVYTVGDQIAEAIEVHQPRVGKKAARRRAVELLDLVGISQPQRRSRAFPHELSGGER
QRVVIAIAIANDPDLLICDDPTTALDVTVQAQILDVLKAARDVTGAGVLIITHDLGVVAEFADRALVMYAGRVVESAGVN
DLYRDRRMPYTVGLLGSVPRLDAAQGTRLVPIPGAPPSLAGLAPGCPFAPRCPLVIDECLTAEPELLDVATDHRAACIRT
ELVTGRSAADIYRVKTEARPAALGDASVVVRVRHLVKTYRLAKGVVLRRAIGEVRAVDGISLELRQGRTLGIVGESGSGK
STTLHEILELAAPQSGSIEVLGTDVATLGTAERRSLRRDIQVVFQDPVASLDPRLPVFDLIAEPLQANGFGKNETHARVA
ELLDIVGLRHGDASRYPAEFSGGQKQRIGIARALALQPKILALDDPVSALDVSIQAGIINLLLDLQEQFGLSYLFVSHDL
SVVKHLAHQVAVMLAGTVVEQGDSEEVFGNPKHEYTRRLLGAVPQPDPARRG
;
D
#
# COMPACT_ATOMS: atom_id res chain seq x y z
N THR A 73 -17.01 -12.53 -53.92
CA THR A 73 -16.04 -13.61 -53.82
C THR A 73 -15.87 -14.08 -52.39
N THR A 74 -16.18 -13.19 -51.43
CA THR A 74 -16.17 -13.47 -50.00
C THR A 74 -14.74 -13.66 -49.47
N SER A 75 -13.73 -13.67 -50.33
CA SER A 75 -12.35 -13.86 -49.92
C SER A 75 -11.51 -12.64 -50.30
N ASP A 76 -10.58 -12.26 -49.43
CA ASP A 76 -9.74 -11.08 -49.64
C ASP A 76 -8.39 -11.35 -48.99
N ILE A 77 -7.42 -11.78 -49.79
CA ILE A 77 -6.15 -12.26 -49.25
C ILE A 77 -4.95 -11.65 -49.96
N ASN A 78 -5.20 -10.70 -50.88
CA ASN A 78 -4.15 -10.11 -51.70
C ASN A 78 -3.45 -11.20 -52.51
N GLN A 79 -4.22 -11.79 -53.43
CA GLN A 79 -3.70 -12.87 -54.27
C GLN A 79 -2.53 -12.39 -55.11
N GLN A 80 -1.50 -13.23 -55.18
CA GLN A 80 -0.36 -13.00 -56.08
C GLN A 80 0.13 -14.33 -56.59
N ASP A 81 0.82 -14.30 -57.73
CA ASP A 81 1.49 -15.50 -58.20
C ASP A 81 2.57 -15.90 -57.20
N PRO A 82 2.60 -17.15 -56.75
CA PRO A 82 3.65 -17.56 -55.81
C PRO A 82 5.06 -17.36 -56.33
N ALA A 83 5.29 -17.58 -57.62
CA ALA A 83 6.65 -17.53 -58.16
C ALA A 83 7.25 -16.13 -58.15
N THR A 84 6.44 -15.09 -57.94
CA THR A 84 6.92 -13.71 -57.92
C THR A 84 7.07 -13.17 -56.51
N LEU A 85 7.31 -14.05 -55.54
CA LEU A 85 7.50 -13.66 -54.15
C LEU A 85 8.92 -14.02 -53.72
N GLN A 86 9.19 -13.79 -52.44
CA GLN A 86 10.49 -14.13 -51.89
C GLN A 86 10.61 -15.65 -51.74
N ASP A 87 11.86 -16.12 -51.69
CA ASP A 87 12.17 -17.52 -51.48
C ASP A 87 12.52 -17.82 -50.04
N GLY A 88 11.98 -17.06 -49.11
CA GLY A 88 12.25 -17.26 -47.71
C GLY A 88 11.22 -16.53 -46.89
N GLY A 89 11.65 -16.04 -45.74
CA GLY A 89 10.77 -15.28 -44.87
C GLY A 89 10.29 -16.10 -43.69
N ASN A 90 9.68 -15.39 -42.74
CA ASN A 90 9.24 -16.00 -41.49
C ASN A 90 7.93 -15.31 -41.11
N LEU A 91 6.82 -15.98 -41.39
CA LEU A 91 5.52 -15.52 -40.91
C LEU A 91 5.42 -15.74 -39.42
N ARG A 92 5.03 -14.71 -38.68
CA ARG A 92 4.88 -14.79 -37.23
C ARG A 92 3.46 -14.41 -36.86
N LEU A 93 2.77 -15.33 -36.21
CA LEU A 93 1.36 -15.20 -35.86
C LEU A 93 1.20 -15.21 -34.35
N SER A 94 -0.04 -15.26 -33.88
CA SER A 94 -0.31 -15.30 -32.46
C SER A 94 -1.46 -16.24 -32.16
N LEU A 95 -1.38 -16.93 -31.03
CA LEU A 95 -2.46 -17.70 -30.45
C LEU A 95 -2.92 -17.01 -29.18
N THR A 96 -3.90 -17.61 -28.50
CA THR A 96 -4.33 -17.09 -27.22
C THR A 96 -4.08 -18.03 -26.05
N ASP A 97 -3.76 -19.30 -26.30
CA ASP A 97 -3.33 -20.19 -25.24
C ASP A 97 -2.52 -21.33 -25.83
N PHE A 98 -1.49 -21.75 -25.10
CA PHE A 98 -0.67 -22.86 -25.55
C PHE A 98 -1.54 -24.11 -25.64
N PRO A 99 -1.53 -24.83 -26.76
CA PRO A 99 -2.40 -25.99 -26.91
C PRO A 99 -2.11 -27.04 -25.86
N PRO A 100 -3.11 -27.37 -25.03
CA PRO A 100 -2.87 -28.41 -24.01
C PRO A 100 -2.61 -29.78 -24.61
N ASN A 101 -3.52 -30.23 -25.48
CA ASN A 101 -3.37 -31.47 -26.21
C ASN A 101 -3.20 -31.15 -27.68
N PHE A 102 -2.39 -31.93 -28.38
CA PHE A 102 -2.09 -31.66 -29.77
C PHE A 102 -2.87 -32.56 -30.72
N ASN A 103 -3.89 -33.25 -30.21
CA ASN A 103 -4.76 -34.11 -31.02
C ASN A 103 -6.06 -33.37 -31.28
N ILE A 104 -6.35 -33.12 -32.57
CA ILE A 104 -7.52 -32.32 -32.91
C ILE A 104 -8.83 -33.06 -32.72
N LEU A 105 -8.79 -34.39 -32.65
CA LEU A 105 -10.01 -35.17 -32.44
C LEU A 105 -10.32 -35.39 -30.98
N HIS A 106 -9.55 -34.80 -30.07
CA HIS A 106 -9.72 -34.95 -28.64
C HIS A 106 -10.42 -33.71 -28.10
N ILE A 107 -11.17 -33.89 -27.01
CA ILE A 107 -11.96 -32.78 -26.47
C ILE A 107 -11.06 -31.64 -26.05
N ASP A 108 -9.93 -31.95 -25.40
CA ASP A 108 -8.98 -30.93 -25.01
C ASP A 108 -8.10 -30.47 -26.15
N GLY A 109 -8.22 -31.09 -27.32
CA GLY A 109 -7.36 -30.74 -28.43
C GLY A 109 -8.06 -29.95 -29.53
N ASN A 110 -9.35 -30.16 -29.71
CA ASN A 110 -10.05 -29.43 -30.76
C ASN A 110 -10.23 -27.97 -30.34
N ASN A 111 -10.15 -27.08 -31.32
CA ASN A 111 -10.21 -25.65 -31.09
C ASN A 111 -10.16 -25.00 -32.47
N ALA A 112 -10.62 -23.75 -32.54
CA ALA A 112 -10.55 -23.03 -33.81
C ALA A 112 -9.11 -22.83 -34.24
N GLU A 113 -8.29 -22.26 -33.36
CA GLU A 113 -6.94 -21.86 -33.72
C GLU A 113 -5.96 -23.03 -33.73
N VAL A 114 -6.13 -24.01 -32.84
CA VAL A 114 -5.26 -25.18 -32.87
C VAL A 114 -5.44 -25.93 -34.18
N ALA A 115 -6.70 -26.12 -34.60
CA ALA A 115 -6.95 -26.72 -35.90
C ALA A 115 -6.41 -25.85 -37.03
N ALA A 116 -6.56 -24.53 -36.90
CA ALA A 116 -6.03 -23.63 -37.92
C ALA A 116 -4.52 -23.80 -38.08
N MET A 117 -3.81 -23.99 -36.97
CA MET A 117 -2.38 -24.20 -37.04
C MET A 117 -2.05 -25.57 -37.62
N MET A 118 -2.81 -26.61 -37.23
CA MET A 118 -2.53 -27.96 -37.73
C MET A 118 -2.82 -28.12 -39.21
N LYS A 119 -3.69 -27.29 -39.77
CA LYS A 119 -4.03 -27.46 -41.18
C LYS A 119 -2.81 -27.39 -42.09
N ALA A 120 -1.74 -26.74 -41.64
CA ALA A 120 -0.51 -26.67 -42.41
C ALA A 120 0.32 -27.94 -42.31
N THR A 121 -0.01 -28.85 -41.40
CA THR A 121 0.83 -30.01 -41.14
C THR A 121 0.15 -31.34 -41.36
N LEU A 122 -1.15 -31.38 -41.64
CA LEU A 122 -1.85 -32.65 -41.71
C LEU A 122 -2.67 -32.76 -42.99
N PRO A 123 -2.91 -33.99 -43.45
CA PRO A 123 -3.70 -34.17 -44.67
C PRO A 123 -5.15 -33.75 -44.51
N ARG A 124 -5.75 -33.36 -45.62
CA ARG A 124 -7.17 -33.06 -45.69
C ARG A 124 -7.71 -33.52 -47.03
N ALA A 125 -8.92 -34.08 -47.03
CA ALA A 125 -9.44 -34.74 -48.22
C ALA A 125 -9.88 -33.76 -49.28
N PHE A 126 -10.53 -32.66 -48.90
CA PHE A 126 -11.10 -31.72 -49.86
C PHE A 126 -10.63 -30.31 -49.57
N ILE A 127 -10.55 -29.51 -50.63
CA ILE A 127 -10.26 -28.08 -50.53
C ILE A 127 -11.57 -27.34 -50.68
N ILE A 128 -11.96 -26.59 -49.67
CA ILE A 128 -13.23 -25.88 -49.68
C ILE A 128 -13.03 -24.50 -50.27
N GLY A 129 -13.80 -24.18 -51.30
CA GLY A 129 -13.67 -22.93 -52.01
C GLY A 129 -14.19 -21.76 -51.22
N PRO A 130 -14.24 -20.59 -51.85
CA PRO A 130 -14.67 -19.38 -51.11
C PRO A 130 -16.10 -19.45 -50.60
N ASP A 131 -16.97 -20.23 -51.24
CA ASP A 131 -18.37 -20.32 -50.81
C ASP A 131 -18.71 -21.68 -50.20
N GLY A 132 -17.71 -22.45 -49.82
CA GLY A 132 -17.93 -23.76 -49.25
C GLY A 132 -17.91 -24.92 -50.23
N SER A 133 -17.83 -24.65 -51.53
CA SER A 133 -17.74 -25.72 -52.51
C SER A 133 -16.41 -26.46 -52.36
N THR A 134 -16.46 -27.78 -52.51
CA THR A 134 -15.32 -28.64 -52.24
C THR A 134 -14.79 -29.25 -53.53
N THR A 135 -13.47 -29.41 -53.59
CA THR A 135 -12.82 -30.12 -54.69
C THR A 135 -11.71 -30.99 -54.11
N VAL A 136 -11.40 -32.09 -54.80
CA VAL A 136 -10.51 -33.10 -54.26
C VAL A 136 -9.11 -32.53 -54.09
N ASP A 137 -8.47 -32.86 -52.97
CA ASP A 137 -7.08 -32.46 -52.71
C ASP A 137 -6.16 -33.43 -53.44
N THR A 138 -5.58 -32.97 -54.55
CA THR A 138 -4.77 -33.85 -55.38
C THR A 138 -3.45 -34.20 -54.70
N ASN A 139 -2.96 -33.35 -53.80
CA ASN A 139 -1.68 -33.60 -53.15
C ASN A 139 -1.72 -34.83 -52.25
N TYR A 140 -2.89 -35.24 -51.78
CA TYR A 140 -3.02 -36.40 -50.92
C TYR A 140 -3.78 -37.53 -51.58
N PHE A 141 -4.91 -37.24 -52.23
CA PHE A 141 -5.74 -38.26 -52.86
C PHE A 141 -5.81 -38.00 -54.35
N THR A 142 -5.70 -39.07 -55.15
CA THR A 142 -5.87 -38.91 -56.58
C THR A 142 -7.35 -38.78 -56.95
N SER A 143 -8.23 -39.47 -56.24
CA SER A 143 -9.66 -39.41 -56.55
C SER A 143 -10.46 -39.95 -55.39
N ILE A 144 -11.46 -39.19 -54.96
CA ILE A 144 -12.46 -39.64 -53.99
C ILE A 144 -13.80 -39.61 -54.68
N GLU A 145 -14.50 -40.73 -54.68
CA GLU A 145 -15.74 -40.84 -55.45
C GLU A 145 -16.80 -41.56 -54.65
N LEU A 146 -18.05 -41.23 -54.96
CA LEU A 146 -19.22 -41.95 -54.45
C LEU A 146 -19.49 -43.09 -55.43
N THR A 147 -19.15 -44.31 -55.04
CA THR A 147 -19.04 -45.39 -56.01
C THR A 147 -20.41 -45.96 -56.38
N ARG A 148 -21.14 -46.48 -55.41
CA ARG A 148 -22.28 -47.35 -55.69
C ARG A 148 -23.59 -46.86 -55.09
N THR A 149 -23.55 -46.10 -53.99
CA THR A 149 -24.67 -45.38 -53.38
C THR A 149 -25.93 -46.19 -53.10
N ALA A 150 -25.87 -47.53 -53.13
CA ALA A 150 -27.03 -48.25 -52.61
C ALA A 150 -26.94 -48.32 -51.08
N PRO A 151 -25.86 -48.82 -50.49
CA PRO A 151 -25.54 -48.44 -49.10
C PRO A 151 -24.56 -47.29 -48.96
N GLN A 152 -24.24 -46.57 -50.05
CA GLN A 152 -23.32 -45.44 -50.04
C GLN A 152 -21.92 -45.87 -49.61
N VAL A 153 -21.28 -46.64 -50.48
CA VAL A 153 -19.88 -46.95 -50.33
C VAL A 153 -19.05 -45.82 -50.95
N VAL A 154 -18.05 -45.34 -50.20
CA VAL A 154 -17.17 -44.26 -50.64
C VAL A 154 -15.76 -44.82 -50.76
N THR A 155 -15.08 -44.48 -51.85
CA THR A 155 -13.76 -45.03 -52.14
C THR A 155 -12.73 -43.91 -52.15
N TYR A 156 -11.79 -43.96 -51.20
CA TYR A 156 -10.65 -43.07 -51.17
C TYR A 156 -9.43 -43.79 -51.72
N THR A 157 -8.66 -43.11 -52.56
CA THR A 157 -7.37 -43.64 -53.00
C THR A 157 -6.31 -42.58 -52.82
N ILE A 158 -5.16 -42.99 -52.31
CA ILE A 158 -4.07 -42.09 -51.95
C ILE A 158 -2.98 -42.18 -53.00
N ASN A 159 -2.34 -41.04 -53.31
CA ASN A 159 -1.30 -41.09 -54.33
C ASN A 159 -0.03 -41.70 -53.75
N PRO A 160 0.72 -42.45 -54.54
CA PRO A 160 1.92 -43.14 -54.03
C PRO A 160 3.11 -42.20 -53.83
N GLU A 161 2.86 -41.06 -53.20
CA GLU A 161 3.91 -40.16 -52.79
C GLU A 161 3.73 -39.63 -51.38
N ALA A 162 2.56 -39.81 -50.78
CA ALA A 162 2.29 -39.28 -49.44
C ALA A 162 2.89 -40.20 -48.40
N VAL A 163 3.80 -39.65 -47.59
CA VAL A 163 4.43 -40.38 -46.50
C VAL A 163 4.39 -39.52 -45.25
N TRP A 164 4.42 -40.17 -44.10
CA TRP A 164 4.36 -39.46 -42.84
C TRP A 164 5.73 -38.88 -42.49
N SER A 165 5.79 -38.15 -41.38
CA SER A 165 7.06 -37.59 -40.93
C SER A 165 8.07 -38.67 -40.65
N ASP A 166 7.65 -39.77 -40.01
CA ASP A 166 8.59 -40.85 -39.75
C ASP A 166 9.01 -41.59 -41.00
N GLY A 167 8.33 -41.36 -42.13
CA GLY A 167 8.67 -42.00 -43.38
C GLY A 167 7.80 -43.17 -43.77
N THR A 168 6.79 -43.50 -42.98
CA THR A 168 5.95 -44.62 -43.39
C THR A 168 4.85 -44.15 -44.33
N PRO A 169 4.52 -44.94 -45.35
CA PRO A 169 3.52 -44.50 -46.33
C PRO A 169 2.14 -44.35 -45.71
N ILE A 170 1.36 -43.44 -46.27
CA ILE A 170 -0.04 -43.27 -45.87
C ILE A 170 -0.85 -44.33 -46.59
N THR A 171 -1.54 -45.19 -45.82
CA THR A 171 -2.32 -46.25 -46.42
C THR A 171 -3.76 -46.23 -45.91
N TRP A 172 -4.54 -47.25 -46.26
CA TRP A 172 -5.93 -47.27 -45.87
C TRP A 172 -6.10 -47.44 -44.37
N ARG A 173 -5.14 -48.08 -43.71
CA ARG A 173 -5.26 -48.34 -42.28
C ARG A 173 -5.37 -47.05 -41.49
N ASP A 174 -4.77 -45.96 -41.97
CA ASP A 174 -4.92 -44.69 -41.28
C ASP A 174 -6.36 -44.23 -41.27
N ILE A 175 -7.03 -44.32 -42.42
CA ILE A 175 -8.44 -43.95 -42.51
C ILE A 175 -9.28 -44.86 -41.62
N ALA A 176 -9.05 -46.16 -41.73
CA ALA A 176 -9.82 -47.12 -40.94
C ALA A 176 -9.67 -46.85 -39.45
N SER A 177 -8.44 -46.69 -39.00
CA SER A 177 -8.18 -46.47 -37.58
C SER A 177 -8.79 -45.18 -37.09
N GLN A 178 -8.67 -44.10 -37.87
CA GLN A 178 -9.22 -42.82 -37.41
C GLN A 178 -10.73 -42.91 -37.26
N ILE A 179 -11.42 -43.44 -38.27
CA ILE A 179 -12.87 -43.40 -38.19
C ILE A 179 -13.42 -44.49 -37.28
N HIS A 180 -12.62 -45.50 -36.94
CA HIS A 180 -13.03 -46.35 -35.82
C HIS A 180 -12.81 -45.64 -34.50
N ALA A 181 -11.76 -44.81 -34.40
CA ALA A 181 -11.52 -44.08 -33.17
C ALA A 181 -12.65 -43.11 -32.86
N ILE A 182 -13.17 -42.43 -33.88
CA ILE A 182 -14.23 -41.45 -33.65
C ILE A 182 -15.62 -42.02 -33.88
N SER A 183 -15.73 -43.32 -34.13
CA SER A 183 -17.05 -43.91 -34.39
C SER A 183 -17.91 -43.95 -33.13
N GLY A 184 -17.32 -43.80 -31.96
CA GLY A 184 -18.08 -43.85 -30.73
C GLY A 184 -18.46 -45.24 -30.26
N ALA A 185 -17.98 -46.29 -30.94
CA ALA A 185 -18.28 -47.65 -30.53
C ALA A 185 -17.44 -48.11 -29.36
N ASP A 186 -16.39 -47.36 -29.00
CA ASP A 186 -15.59 -47.63 -27.82
C ASP A 186 -15.57 -46.37 -26.98
N LYS A 187 -16.02 -46.46 -25.74
CA LYS A 187 -16.21 -45.27 -24.93
C LYS A 187 -14.91 -44.74 -24.34
N ALA A 188 -13.81 -45.46 -24.49
CA ALA A 188 -12.55 -45.03 -23.89
C ALA A 188 -12.01 -43.78 -24.57
N PHE A 189 -12.17 -43.68 -25.89
CA PHE A 189 -11.74 -42.48 -26.61
C PHE A 189 -12.60 -41.30 -26.18
N GLU A 190 -11.95 -40.18 -25.86
CA GLU A 190 -12.66 -38.96 -25.49
C GLU A 190 -12.78 -38.05 -26.70
N ILE A 191 -13.57 -38.51 -27.67
CA ILE A 191 -13.74 -37.78 -28.93
C ILE A 191 -14.49 -36.49 -28.68
N ALA A 192 -14.21 -35.49 -29.51
CA ALA A 192 -14.91 -34.21 -29.42
C ALA A 192 -16.19 -34.19 -30.23
N SER A 193 -16.24 -34.95 -31.31
CA SER A 193 -17.44 -35.10 -32.12
C SER A 193 -17.32 -36.40 -32.90
N SER A 194 -18.46 -36.92 -33.36
CA SER A 194 -18.45 -38.15 -34.14
C SER A 194 -18.29 -37.90 -35.64
N SER A 195 -18.76 -36.76 -36.12
CA SER A 195 -18.51 -36.29 -37.50
C SER A 195 -19.04 -37.25 -38.56
N GLY A 196 -20.01 -38.10 -38.21
CA GLY A 196 -20.59 -39.02 -39.16
C GLY A 196 -19.90 -40.35 -39.28
N ALA A 197 -18.86 -40.60 -38.48
CA ALA A 197 -18.30 -41.95 -38.39
C ALA A 197 -19.24 -42.92 -37.70
N GLU A 198 -20.19 -42.40 -36.92
CA GLU A 198 -21.19 -43.22 -36.27
C GLU A 198 -22.03 -44.02 -37.26
N ARG A 199 -22.08 -43.57 -38.52
CA ARG A 199 -22.91 -44.19 -39.53
C ARG A 199 -22.13 -45.13 -40.44
N VAL A 200 -20.84 -45.30 -40.19
CA VAL A 200 -19.99 -46.12 -41.05
C VAL A 200 -20.14 -47.58 -40.68
N ALA A 201 -20.43 -48.43 -41.68
CA ALA A 201 -20.57 -49.85 -41.43
C ALA A 201 -19.21 -50.51 -41.26
N SER A 202 -18.36 -50.42 -42.29
CA SER A 202 -17.07 -51.08 -42.23
C SER A 202 -16.13 -50.42 -43.24
N VAL A 203 -14.84 -50.57 -42.99
CA VAL A 203 -13.80 -50.12 -43.91
C VAL A 203 -12.93 -51.31 -44.26
N THR A 204 -12.77 -51.56 -45.55
CA THR A 204 -11.93 -52.65 -46.01
C THR A 204 -10.84 -52.10 -46.93
N ARG A 205 -10.09 -53.01 -47.52
CA ARG A 205 -8.97 -52.67 -48.37
C ARG A 205 -9.39 -52.80 -49.83
N GLY A 206 -9.08 -51.80 -50.64
CA GLY A 206 -9.49 -51.79 -52.03
C GLY A 206 -8.61 -52.64 -52.90
N VAL A 207 -8.15 -52.06 -54.02
CA VAL A 207 -7.27 -52.80 -54.91
C VAL A 207 -5.90 -53.03 -54.26
N ASP A 208 -5.39 -52.04 -53.54
CA ASP A 208 -4.11 -52.16 -52.87
C ASP A 208 -4.18 -51.47 -51.51
N ASP A 209 -3.01 -51.23 -50.91
CA ASP A 209 -2.96 -50.60 -49.60
C ASP A 209 -3.26 -49.11 -49.66
N ARG A 210 -3.24 -48.50 -50.84
CA ARG A 210 -3.50 -47.07 -50.98
C ARG A 210 -4.95 -46.76 -51.26
N GLN A 211 -5.83 -47.74 -51.13
CA GLN A 211 -7.25 -47.54 -51.43
C GLN A 211 -8.09 -48.05 -50.26
N ALA A 212 -9.02 -47.23 -49.82
CA ALA A 212 -9.94 -47.59 -48.73
C ALA A 212 -11.36 -47.38 -49.23
N VAL A 213 -12.21 -48.38 -49.02
CA VAL A 213 -13.62 -48.28 -49.38
C VAL A 213 -14.42 -48.19 -48.08
N VAL A 214 -15.17 -47.10 -47.94
CA VAL A 214 -15.91 -46.80 -46.73
C VAL A 214 -17.37 -47.06 -47.00
N THR A 215 -17.94 -48.04 -46.31
CA THR A 215 -19.34 -48.42 -46.48
C THR A 215 -20.16 -47.85 -45.33
N PHE A 216 -21.30 -47.27 -45.67
CA PHE A 216 -22.14 -46.60 -44.69
C PHE A 216 -23.34 -47.48 -44.32
N ALA A 217 -23.69 -47.49 -43.04
CA ALA A 217 -24.86 -48.22 -42.60
C ALA A 217 -26.13 -47.60 -43.15
N LYS A 218 -26.28 -46.29 -43.00
CA LYS A 218 -27.37 -45.52 -43.57
C LYS A 218 -26.80 -44.33 -44.31
N PRO A 219 -27.50 -43.84 -45.33
CA PRO A 219 -26.93 -42.77 -46.17
C PRO A 219 -26.58 -41.53 -45.36
N TYR A 220 -25.48 -40.91 -45.74
CA TYR A 220 -24.99 -39.69 -45.10
C TYR A 220 -24.69 -38.68 -46.20
N ALA A 221 -25.50 -37.63 -46.28
CA ALA A 221 -25.31 -36.62 -47.32
C ALA A 221 -23.98 -35.89 -47.15
N GLU A 222 -23.58 -35.67 -45.91
CA GLU A 222 -22.45 -34.82 -45.56
C GLU A 222 -21.17 -35.63 -45.36
N TRP A 223 -20.81 -36.47 -46.32
CA TRP A 223 -19.68 -37.36 -46.13
C TRP A 223 -18.36 -36.76 -46.55
N ARG A 224 -18.37 -35.73 -47.41
CA ARG A 224 -17.13 -35.09 -47.79
C ARG A 224 -16.45 -34.40 -46.61
N GLY A 225 -17.19 -34.09 -45.56
CA GLY A 225 -16.66 -33.40 -44.42
C GLY A 225 -16.05 -34.29 -43.35
N MET A 226 -15.79 -35.56 -43.68
CA MET A 226 -15.21 -36.45 -42.69
C MET A 226 -13.72 -36.17 -42.49
N PHE A 227 -12.99 -35.89 -43.56
CA PHE A 227 -11.58 -35.54 -43.51
C PHE A 227 -11.33 -34.17 -44.15
N ALA A 228 -12.25 -33.23 -43.94
CA ALA A 228 -12.15 -31.93 -44.55
C ALA A 228 -12.68 -30.88 -43.60
N GLY A 229 -12.49 -29.62 -43.96
CA GLY A 229 -12.91 -28.53 -43.11
C GLY A 229 -12.06 -28.44 -41.86
N ASN A 230 -12.65 -28.72 -40.70
CA ASN A 230 -11.90 -28.77 -39.46
C ASN A 230 -11.34 -30.16 -39.18
N GLY A 231 -11.71 -31.16 -39.98
CA GLY A 231 -11.24 -32.51 -39.78
C GLY A 231 -10.08 -32.83 -40.70
N MET A 232 -9.06 -33.47 -40.14
CA MET A 232 -7.88 -33.87 -40.87
C MET A 232 -7.73 -35.39 -40.77
N LEU A 233 -6.61 -35.89 -41.29
CA LEU A 233 -6.28 -37.31 -41.20
C LEU A 233 -5.07 -37.46 -40.30
N LEU A 234 -5.19 -38.26 -39.26
CA LEU A 234 -4.11 -38.46 -38.33
C LEU A 234 -3.46 -39.82 -38.55
N PRO A 235 -2.19 -39.98 -38.19
CA PRO A 235 -1.51 -41.25 -38.45
C PRO A 235 -2.13 -42.39 -37.68
N ALA A 236 -2.05 -43.59 -38.25
CA ALA A 236 -2.64 -44.76 -37.61
C ALA A 236 -1.99 -45.07 -36.27
N SER A 237 -0.79 -44.58 -36.02
CA SER A 237 -0.12 -44.84 -34.75
C SER A 237 -0.64 -43.94 -33.64
N MET A 238 -1.18 -42.77 -33.97
CA MET A 238 -1.70 -41.86 -32.97
C MET A 238 -3.20 -42.02 -32.75
N THR A 239 -3.89 -42.76 -33.61
CA THR A 239 -5.27 -43.16 -33.36
C THR A 239 -5.34 -44.67 -33.61
N ALA A 240 -4.92 -45.45 -32.62
CA ALA A 240 -5.08 -46.90 -32.69
C ALA A 240 -5.50 -47.54 -31.39
N THR A 241 -5.21 -46.94 -30.24
CA THR A 241 -5.59 -47.40 -28.93
C THR A 241 -6.02 -46.18 -28.13
N PRO A 242 -6.88 -46.37 -27.12
CA PRO A 242 -7.31 -45.21 -26.32
C PRO A 242 -6.16 -44.47 -25.68
N GLU A 243 -5.09 -45.14 -25.30
CA GLU A 243 -4.01 -44.38 -24.64
C GLU A 243 -3.41 -43.40 -25.65
N ALA A 244 -3.04 -43.88 -26.83
CA ALA A 244 -2.38 -43.02 -27.84
C ALA A 244 -3.26 -41.82 -28.17
N PHE A 245 -4.55 -42.04 -28.32
CA PHE A 245 -5.46 -40.93 -28.61
C PHE A 245 -5.41 -39.94 -27.45
N ASN A 246 -5.85 -40.36 -26.28
CA ASN A 246 -6.02 -39.43 -25.15
C ASN A 246 -4.71 -38.80 -24.67
N LYS A 247 -3.59 -39.52 -24.64
CA LYS A 247 -2.36 -38.94 -24.06
C LYS A 247 -1.13 -39.17 -24.95
N GLY A 248 -1.30 -39.62 -26.18
CA GLY A 248 -0.20 -39.87 -27.09
C GLY A 248 0.59 -38.62 -27.42
N GLN A 249 -0.09 -37.50 -27.59
CA GLN A 249 0.55 -36.24 -27.95
C GLN A 249 0.13 -35.14 -26.99
N LEU A 250 0.23 -35.42 -25.70
CA LEU A 250 -0.04 -34.42 -24.69
C LEU A 250 0.99 -33.30 -24.72
N ASP A 251 2.21 -33.58 -25.18
CA ASP A 251 3.32 -32.64 -25.12
C ASP A 251 4.06 -32.58 -26.44
N GLY A 252 3.33 -32.43 -27.54
CA GLY A 252 3.93 -32.37 -28.85
C GLY A 252 3.31 -33.38 -29.78
N PRO A 253 2.97 -32.93 -30.99
CA PRO A 253 2.19 -33.79 -31.90
C PRO A 253 3.04 -34.92 -32.47
N GLY A 254 2.35 -35.90 -33.03
CA GLY A 254 2.98 -37.04 -33.65
C GLY A 254 3.42 -36.72 -35.05
N PRO A 255 3.59 -37.75 -35.88
CA PRO A 255 4.04 -37.51 -37.26
C PRO A 255 3.04 -36.68 -38.03
N SER A 256 3.57 -35.92 -39.00
CA SER A 256 2.79 -35.04 -39.84
C SER A 256 3.10 -35.36 -41.29
N ALA A 257 2.21 -34.91 -42.18
CA ALA A 257 2.48 -35.05 -43.62
C ALA A 257 1.80 -33.89 -44.34
N GLY A 258 2.51 -32.78 -44.43
CA GLY A 258 1.99 -31.61 -45.13
C GLY A 258 3.13 -30.68 -45.44
N PRO A 259 2.89 -29.46 -45.92
CA PRO A 259 3.99 -28.60 -46.31
C PRO A 259 4.94 -28.21 -45.17
N PHE A 260 4.53 -28.27 -43.91
CA PHE A 260 5.37 -27.84 -42.76
C PHE A 260 5.35 -28.89 -41.66
N VAL A 261 6.28 -28.82 -40.71
CA VAL A 261 6.41 -29.80 -39.59
C VAL A 261 6.67 -28.98 -38.34
N VAL A 262 6.15 -29.34 -37.19
CA VAL A 262 6.45 -28.49 -36.01
C VAL A 262 7.78 -28.97 -35.44
N SER A 263 8.74 -28.07 -35.23
CA SER A 263 10.01 -28.54 -34.70
C SER A 263 10.57 -27.66 -33.59
N ALA A 264 9.71 -26.91 -32.88
CA ALA A 264 10.18 -26.17 -31.71
C ALA A 264 8.97 -25.82 -30.86
N LEU A 265 8.86 -26.43 -29.69
CA LEU A 265 7.87 -26.05 -28.69
C LEU A 265 8.61 -25.50 -27.49
N ASP A 266 8.48 -24.19 -27.27
CA ASP A 266 9.13 -23.51 -26.15
C ASP A 266 8.05 -23.26 -25.10
N ARG A 267 7.83 -24.24 -24.22
CA ARG A 267 6.72 -24.16 -23.30
C ARG A 267 6.89 -23.04 -22.26
N THR A 268 8.11 -22.56 -22.04
CA THR A 268 8.29 -21.49 -21.08
C THR A 268 8.09 -20.11 -21.70
N ALA A 269 8.51 -19.92 -22.95
CA ALA A 269 8.19 -18.72 -23.70
C ALA A 269 6.84 -18.82 -24.41
N GLN A 270 6.28 -20.03 -24.51
CA GLN A 270 5.01 -20.28 -25.18
C GLN A 270 5.06 -19.80 -26.63
N ARG A 271 5.95 -20.42 -27.40
CA ARG A 271 6.05 -20.15 -28.82
C ARG A 271 6.28 -21.45 -29.58
N ILE A 272 5.59 -21.60 -30.70
CA ILE A 272 5.64 -22.80 -31.53
C ILE A 272 6.19 -22.40 -32.88
N VAL A 273 7.16 -23.17 -33.38
CA VAL A 273 7.82 -22.88 -34.65
C VAL A 273 7.58 -24.04 -35.60
N LEU A 274 7.08 -23.73 -36.78
CA LEU A 274 6.86 -24.70 -37.84
C LEU A 274 7.85 -24.42 -38.96
N THR A 275 8.62 -25.43 -39.34
CA THR A 275 9.56 -25.27 -40.43
C THR A 275 9.13 -26.13 -41.62
N ARG A 276 9.88 -26.00 -42.71
CA ARG A 276 9.52 -26.70 -43.95
C ARG A 276 9.72 -28.20 -43.80
N ASN A 277 8.79 -29.00 -44.30
CA ASN A 277 8.86 -30.45 -44.27
C ASN A 277 9.90 -30.93 -45.27
N PRO A 278 10.94 -31.64 -44.85
CA PRO A 278 11.96 -32.08 -45.79
C PRO A 278 11.47 -33.11 -46.80
N ARG A 279 10.40 -33.83 -46.50
CA ARG A 279 9.91 -34.91 -47.34
C ARG A 279 8.55 -34.60 -47.91
N TRP A 280 8.31 -33.33 -48.25
CA TRP A 280 7.03 -32.90 -48.79
C TRP A 280 7.08 -33.03 -50.32
N TRP A 281 6.20 -33.87 -50.85
CA TRP A 281 6.20 -34.27 -52.25
C TRP A 281 5.50 -33.27 -53.16
N GLY A 282 4.85 -32.26 -52.60
CA GLY A 282 4.07 -31.32 -53.37
C GLY A 282 4.80 -30.04 -53.69
N ALA A 283 4.06 -28.96 -53.82
CA ALA A 283 4.63 -27.67 -54.15
C ALA A 283 5.53 -27.17 -53.02
N ARG A 284 6.62 -26.53 -53.40
CA ARG A 284 7.60 -26.08 -52.43
C ARG A 284 7.19 -24.73 -51.85
N PRO A 285 6.98 -24.63 -50.54
CA PRO A 285 6.45 -23.38 -49.98
C PRO A 285 7.44 -22.23 -50.11
N ARG A 286 6.88 -21.02 -50.24
CA ARG A 286 7.72 -19.84 -50.34
C ARG A 286 8.27 -19.40 -48.99
N LEU A 287 7.52 -19.62 -47.93
CA LEU A 287 8.00 -19.23 -46.61
C LEU A 287 9.13 -20.15 -46.16
N ASP A 288 9.78 -19.77 -45.07
CA ASP A 288 10.81 -20.61 -44.47
C ASP A 288 10.39 -21.16 -43.11
N SER A 289 9.53 -20.45 -42.39
CA SER A 289 9.00 -20.95 -41.13
C SER A 289 7.78 -20.13 -40.76
N ILE A 290 6.98 -20.68 -39.84
CA ILE A 290 5.85 -19.98 -39.26
C ILE A 290 6.00 -20.06 -37.74
N THR A 291 5.87 -18.93 -37.07
CA THR A 291 6.08 -18.83 -35.64
C THR A 291 4.81 -18.34 -34.97
N TYR A 292 4.36 -19.07 -33.96
CA TYR A 292 3.17 -18.71 -33.21
C TYR A 292 3.57 -18.23 -31.82
N LEU A 293 3.05 -17.07 -31.43
CA LEU A 293 3.31 -16.50 -30.12
C LEU A 293 2.02 -16.48 -29.32
N VAL A 294 2.04 -17.07 -28.13
CA VAL A 294 0.85 -17.06 -27.27
C VAL A 294 0.76 -15.68 -26.65
N LEU A 295 -0.17 -14.87 -27.15
CA LEU A 295 -0.31 -13.48 -26.71
C LEU A 295 -1.70 -13.26 -26.16
N ASP A 296 -1.78 -12.54 -25.05
CA ASP A 296 -3.07 -12.09 -24.56
C ASP A 296 -3.65 -11.05 -25.52
N ASP A 297 -4.97 -10.92 -25.49
CA ASP A 297 -5.63 -9.97 -26.38
C ASP A 297 -5.15 -8.55 -26.20
N ALA A 298 -4.63 -8.21 -25.01
CA ALA A 298 -4.12 -6.87 -24.78
C ALA A 298 -2.77 -6.64 -25.45
N ALA A 299 -1.98 -7.69 -25.64
CA ALA A 299 -0.66 -7.58 -26.25
C ALA A 299 -0.68 -7.79 -27.75
N ARG A 300 -1.82 -8.16 -28.32
CA ARG A 300 -1.84 -8.55 -29.72
C ARG A 300 -1.59 -7.35 -30.64
N LEU A 301 -2.22 -6.22 -30.35
CA LEU A 301 -2.09 -5.05 -31.21
C LEU A 301 -0.74 -4.36 -31.00
N PRO A 302 -0.30 -4.09 -29.77
CA PRO A 302 1.04 -3.52 -29.59
C PRO A 302 2.15 -4.36 -30.18
N ALA A 303 2.00 -5.69 -30.20
CA ALA A 303 3.01 -6.53 -30.82
C ALA A 303 3.01 -6.37 -32.33
N LEU A 304 1.84 -6.21 -32.93
CA LEU A 304 1.77 -5.97 -34.37
C LEU A 304 2.32 -4.59 -34.72
N GLN A 305 2.17 -3.63 -33.82
CA GLN A 305 2.55 -2.25 -34.13
C GLN A 305 4.04 -2.10 -34.38
N ASN A 306 4.89 -2.92 -33.73
CA ASN A 306 6.32 -2.90 -34.04
C ASN A 306 6.86 -4.31 -34.33
N ASN A 307 6.64 -4.75 -35.57
CA ASN A 307 7.37 -5.85 -36.18
C ASN A 307 7.66 -7.00 -35.21
N THR A 308 6.62 -7.45 -34.51
CA THR A 308 6.73 -8.67 -33.72
C THR A 308 5.86 -9.79 -34.24
N ILE A 309 4.61 -9.49 -34.59
CA ILE A 309 3.77 -10.40 -35.35
C ILE A 309 3.22 -9.59 -36.53
N ASP A 310 2.77 -10.30 -37.56
CA ASP A 310 2.30 -9.59 -38.74
C ASP A 310 0.91 -10.06 -39.17
N ALA A 311 0.06 -10.41 -38.22
CA ALA A 311 -1.36 -10.60 -38.47
C ALA A 311 -2.12 -10.70 -37.16
N THR A 312 -3.18 -9.93 -37.00
CA THR A 312 -4.07 -10.02 -35.84
C THR A 312 -5.51 -10.12 -36.33
N GLY A 313 -6.43 -10.14 -35.37
CA GLY A 313 -7.83 -9.99 -35.68
C GLY A 313 -8.40 -8.79 -34.96
N VAL A 314 -8.83 -7.78 -35.70
CA VAL A 314 -9.29 -6.52 -35.10
C VAL A 314 -10.82 -6.65 -34.96
N GLY A 315 -11.25 -7.19 -33.82
CA GLY A 315 -12.66 -7.44 -33.62
C GLY A 315 -13.47 -6.17 -33.48
N THR A 316 -12.94 -5.18 -32.78
CA THR A 316 -13.67 -3.98 -32.41
C THR A 316 -13.25 -2.80 -33.26
N LEU A 317 -14.14 -1.80 -33.32
CA LEU A 317 -13.83 -0.56 -34.04
C LEU A 317 -12.64 0.16 -33.45
N ASP A 318 -12.44 0.00 -32.15
CA ASP A 318 -11.26 0.52 -31.47
C ASP A 318 -9.97 0.02 -32.11
N GLN A 319 -9.76 -1.30 -32.05
CA GLN A 319 -8.58 -1.90 -32.65
C GLN A 319 -8.53 -1.63 -34.14
N LEU A 320 -9.69 -1.57 -34.80
CA LEU A 320 -9.72 -1.27 -36.23
C LEU A 320 -9.12 0.11 -36.50
N THR A 321 -9.50 1.10 -35.70
CA THR A 321 -8.96 2.45 -35.90
C THR A 321 -7.46 2.46 -35.66
N ILE A 322 -7.02 1.89 -34.55
CA ILE A 322 -5.60 1.94 -34.21
C ILE A 322 -4.77 1.21 -35.29
N ALA A 323 -5.30 0.11 -35.82
CA ALA A 323 -4.56 -0.64 -36.83
C ALA A 323 -4.62 0.07 -38.19
N ALA A 324 -5.75 0.68 -38.52
CA ALA A 324 -5.89 1.32 -39.81
C ALA A 324 -4.94 2.50 -39.94
N ARG A 325 -4.76 3.27 -38.86
CA ARG A 325 -3.89 4.42 -38.93
C ARG A 325 -2.43 4.09 -38.64
N THR A 326 -2.03 2.83 -38.75
CA THR A 326 -0.65 2.42 -38.54
C THR A 326 0.03 2.19 -39.88
N LYS A 327 1.16 2.84 -40.08
CA LYS A 327 1.86 2.75 -41.35
C LYS A 327 2.48 1.36 -41.53
N GLY A 328 2.27 0.78 -42.70
CA GLY A 328 2.87 -0.51 -43.03
C GLY A 328 1.93 -1.68 -42.96
N ILE A 329 0.77 -1.54 -42.33
CA ILE A 329 -0.20 -2.62 -42.21
C ILE A 329 -1.49 -2.18 -42.89
N SER A 330 -2.13 -3.12 -43.59
CA SER A 330 -3.36 -2.86 -44.32
C SER A 330 -4.41 -3.85 -43.86
N ILE A 331 -5.60 -3.34 -43.55
CA ILE A 331 -6.67 -4.18 -43.01
C ILE A 331 -7.49 -4.74 -44.16
N ARG A 332 -7.69 -6.06 -44.14
CA ARG A 332 -8.49 -6.74 -45.14
C ARG A 332 -9.54 -7.58 -44.44
N ARG A 333 -10.75 -7.57 -44.97
CA ARG A 333 -11.90 -8.14 -44.29
C ARG A 333 -12.67 -9.06 -45.21
N ALA A 334 -13.34 -10.03 -44.59
CA ALA A 334 -14.20 -10.99 -45.26
C ALA A 334 -15.07 -11.67 -44.20
N PRO A 335 -16.41 -11.70 -44.43
CA PRO A 335 -17.37 -12.20 -43.44
C PRO A 335 -16.97 -13.54 -42.85
N GLY A 336 -16.81 -13.61 -41.52
CA GLY A 336 -16.48 -14.87 -40.84
C GLY A 336 -17.69 -15.75 -40.65
N PRO A 337 -17.55 -17.04 -40.27
CA PRO A 337 -18.69 -17.96 -40.17
C PRO A 337 -19.44 -17.89 -38.82
N SER A 338 -18.81 -17.36 -37.78
CA SER A 338 -19.44 -17.32 -36.43
C SER A 338 -20.53 -16.24 -36.38
N TRP A 339 -21.59 -16.47 -35.60
CA TRP A 339 -22.68 -15.50 -35.49
C TRP A 339 -23.27 -15.52 -34.10
N TYR A 340 -24.22 -14.61 -33.88
CA TYR A 340 -24.93 -14.42 -32.61
C TYR A 340 -26.41 -14.69 -32.81
N HIS A 341 -27.13 -14.82 -31.70
CA HIS A 341 -28.55 -15.08 -31.77
C HIS A 341 -29.17 -14.87 -30.40
N PHE A 342 -30.49 -14.71 -30.40
CA PHE A 342 -31.32 -14.86 -29.21
C PHE A 342 -31.96 -16.24 -29.28
N THR A 343 -31.90 -16.99 -28.18
CA THR A 343 -32.51 -18.31 -28.11
C THR A 343 -33.68 -18.25 -27.14
N LEU A 344 -34.87 -18.57 -27.65
CA LEU A 344 -36.09 -18.48 -26.86
C LEU A 344 -36.29 -19.74 -26.04
N ASN A 345 -36.83 -19.59 -24.84
CA ASN A 345 -37.10 -20.71 -23.95
C ASN A 345 -38.56 -21.12 -24.11
N GLY A 346 -38.79 -22.19 -24.85
CA GLY A 346 -40.14 -22.68 -25.04
C GLY A 346 -40.47 -23.84 -24.13
N ALA A 347 -39.67 -24.03 -23.08
CA ALA A 347 -39.93 -25.12 -22.16
C ALA A 347 -41.27 -24.90 -21.48
N PRO A 348 -42.02 -25.97 -21.19
CA PRO A 348 -43.39 -25.79 -20.68
C PRO A 348 -43.42 -25.10 -19.34
N GLY A 349 -43.95 -23.87 -19.30
CA GLY A 349 -43.99 -23.13 -18.06
C GLY A 349 -43.43 -21.73 -18.17
N SER A 350 -42.39 -21.55 -19.00
CA SER A 350 -41.92 -20.20 -19.28
C SER A 350 -42.99 -19.43 -20.05
N ILE A 351 -42.95 -18.11 -19.91
CA ILE A 351 -43.91 -17.24 -20.59
C ILE A 351 -44.06 -17.61 -22.04
N LEU A 352 -42.98 -18.06 -22.68
CA LEU A 352 -42.93 -18.26 -24.11
C LEU A 352 -43.26 -19.68 -24.53
N ALA A 353 -43.97 -20.44 -23.69
CA ALA A 353 -44.35 -21.79 -24.09
C ALA A 353 -45.38 -21.80 -25.21
N ASP A 354 -45.97 -20.66 -25.54
CA ASP A 354 -46.95 -20.57 -26.62
C ASP A 354 -46.29 -20.00 -27.87
N LYS A 355 -46.57 -20.63 -29.01
CA LYS A 355 -45.92 -20.26 -30.26
C LYS A 355 -46.27 -18.84 -30.69
N ALA A 356 -47.54 -18.45 -30.54
CA ALA A 356 -47.98 -17.14 -31.00
C ALA A 356 -47.28 -16.03 -30.24
N LEU A 357 -47.06 -16.22 -28.93
CA LEU A 357 -46.35 -15.21 -28.17
C LEU A 357 -44.92 -15.04 -28.67
N ARG A 358 -44.23 -16.15 -28.95
CA ARG A 358 -42.87 -16.04 -29.47
C ARG A 358 -42.86 -15.33 -30.81
N LEU A 359 -43.79 -15.69 -31.69
CA LEU A 359 -43.83 -15.07 -33.02
C LEU A 359 -44.30 -13.62 -32.96
N ALA A 360 -44.89 -13.18 -31.86
CA ALA A 360 -45.24 -11.78 -31.71
C ALA A 360 -44.15 -10.97 -31.03
N ILE A 361 -43.42 -11.55 -30.08
CA ILE A 361 -42.29 -10.85 -29.49
C ILE A 361 -41.17 -10.69 -30.51
N ALA A 362 -40.99 -11.67 -31.39
CA ALA A 362 -39.94 -11.57 -32.38
C ALA A 362 -40.29 -10.61 -33.53
N LYS A 363 -41.57 -10.34 -33.75
CA LYS A 363 -41.99 -9.32 -34.70
C LYS A 363 -42.00 -7.93 -34.11
N GLY A 364 -41.30 -7.72 -33.00
CA GLY A 364 -41.25 -6.43 -32.35
C GLY A 364 -39.83 -6.11 -31.96
N ILE A 365 -38.89 -6.80 -32.61
CA ILE A 365 -37.46 -6.61 -32.38
C ILE A 365 -36.83 -6.28 -33.72
N ASP A 366 -36.01 -5.23 -33.75
CA ASP A 366 -35.40 -4.75 -34.99
C ASP A 366 -34.00 -5.34 -35.06
N ARG A 367 -33.84 -6.40 -35.84
CA ARG A 367 -32.52 -6.99 -36.01
C ARG A 367 -31.63 -6.15 -36.90
N TYR A 368 -32.22 -5.32 -37.77
CA TYR A 368 -31.42 -4.48 -38.66
C TYR A 368 -30.74 -3.35 -37.89
N THR A 369 -31.45 -2.71 -36.96
CA THR A 369 -30.81 -1.70 -36.13
C THR A 369 -29.78 -2.33 -35.21
N ILE A 370 -30.07 -3.52 -34.69
CA ILE A 370 -29.08 -4.23 -33.89
C ILE A 370 -27.80 -4.43 -34.69
N ALA A 371 -27.93 -4.89 -35.94
CA ALA A 371 -26.77 -5.10 -36.79
C ALA A 371 -26.05 -3.78 -37.07
N ARG A 372 -26.80 -2.76 -37.48
CA ARG A 372 -26.21 -1.50 -37.91
C ARG A 372 -25.51 -0.78 -36.76
N VAL A 373 -25.99 -0.95 -35.53
CA VAL A 373 -25.35 -0.30 -34.40
C VAL A 373 -24.21 -1.14 -33.84
N ALA A 374 -24.39 -2.46 -33.71
CA ALA A 374 -23.34 -3.30 -33.15
C ALA A 374 -22.21 -3.56 -34.13
N GLN A 375 -22.36 -3.17 -35.39
CA GLN A 375 -21.28 -3.29 -36.38
C GLN A 375 -21.03 -1.93 -37.02
N TYR A 376 -20.89 -0.91 -36.18
CA TYR A 376 -20.91 0.48 -36.62
C TYR A 376 -19.82 0.80 -37.64
N GLY A 377 -18.55 0.74 -37.24
CA GLY A 377 -17.47 1.07 -38.12
C GLY A 377 -16.78 -0.10 -38.76
N LEU A 378 -17.17 -1.32 -38.42
CA LEU A 378 -16.49 -2.51 -38.94
C LEU A 378 -16.84 -2.78 -40.39
N THR A 379 -18.04 -2.39 -40.83
CA THR A 379 -18.51 -2.71 -42.17
C THR A 379 -19.36 -1.55 -42.66
N SER A 380 -19.52 -1.48 -43.98
CA SER A 380 -20.50 -0.61 -44.61
C SER A 380 -21.69 -1.45 -45.01
N ASP A 381 -22.89 -0.93 -44.77
CA ASP A 381 -24.13 -1.71 -45.01
C ASP A 381 -24.19 -2.90 -44.05
N PRO A 382 -24.15 -2.68 -42.71
CA PRO A 382 -24.18 -3.77 -41.73
C PRO A 382 -25.56 -4.43 -41.76
N VAL A 383 -25.62 -5.73 -42.06
CA VAL A 383 -26.92 -6.40 -42.19
C VAL A 383 -27.00 -7.56 -41.20
N PRO A 384 -28.19 -8.00 -40.83
CA PRO A 384 -28.31 -9.17 -39.98
C PRO A 384 -28.23 -10.47 -40.78
N LEU A 385 -28.01 -11.55 -40.05
CA LEU A 385 -28.04 -12.88 -40.63
C LEU A 385 -29.48 -13.39 -40.67
N ASN A 386 -29.84 -14.02 -41.77
CA ASN A 386 -31.22 -14.44 -42.01
C ASN A 386 -31.30 -15.90 -42.39
N ASN A 387 -30.56 -16.75 -41.68
CA ASN A 387 -30.48 -18.16 -42.01
C ASN A 387 -29.89 -18.89 -40.83
N HIS A 388 -30.48 -20.04 -40.49
CA HIS A 388 -29.98 -20.82 -39.36
C HIS A 388 -28.95 -21.85 -39.77
N VAL A 389 -28.86 -22.18 -41.05
CA VAL A 389 -27.99 -23.24 -41.54
C VAL A 389 -26.74 -22.68 -42.19
N PHE A 390 -26.90 -21.76 -43.14
CA PHE A 390 -25.79 -21.23 -43.91
C PHE A 390 -25.43 -19.82 -43.46
N VAL A 391 -24.34 -19.30 -44.01
CA VAL A 391 -23.88 -17.96 -43.69
C VAL A 391 -23.86 -17.13 -44.96
N ALA A 392 -23.48 -15.86 -44.85
CA ALA A 392 -23.69 -14.91 -45.93
C ALA A 392 -22.92 -15.30 -47.19
N GLY A 393 -21.65 -15.68 -47.04
CA GLY A 393 -20.87 -16.05 -48.19
C GLY A 393 -21.16 -17.43 -48.74
N GLN A 394 -21.68 -18.32 -47.90
CA GLN A 394 -21.92 -19.69 -48.31
C GLN A 394 -22.99 -19.75 -49.40
N ASP A 395 -22.89 -20.76 -50.26
CA ASP A 395 -23.94 -20.96 -51.24
C ASP A 395 -25.09 -21.75 -50.62
N GLY A 396 -26.26 -21.60 -51.22
CA GLY A 396 -27.48 -22.07 -50.60
C GLY A 396 -28.07 -21.12 -49.59
N TYR A 397 -27.38 -20.02 -49.29
CA TYR A 397 -27.91 -19.02 -48.40
C TYR A 397 -29.04 -18.25 -49.07
N GLN A 398 -30.06 -17.92 -48.28
CA GLN A 398 -31.19 -17.15 -48.76
C GLN A 398 -31.87 -16.52 -47.55
N ASP A 399 -32.71 -15.54 -47.81
CA ASP A 399 -33.45 -14.84 -46.74
C ASP A 399 -34.72 -15.63 -46.45
N ASN A 400 -34.79 -16.22 -45.27
CA ASN A 400 -35.95 -17.01 -44.85
C ASN A 400 -36.72 -16.37 -43.71
N SER A 401 -36.31 -15.21 -43.24
CA SER A 401 -36.98 -14.55 -42.12
C SER A 401 -38.07 -13.61 -42.60
N GLY A 402 -38.97 -14.11 -43.44
CA GLY A 402 -40.06 -13.30 -43.94
C GLY A 402 -41.31 -13.42 -43.09
N VAL A 403 -41.38 -14.46 -42.26
CA VAL A 403 -42.51 -14.64 -41.37
C VAL A 403 -42.39 -13.75 -40.13
N VAL A 404 -41.18 -13.30 -39.81
CA VAL A 404 -40.92 -12.59 -38.57
C VAL A 404 -40.34 -11.22 -38.88
N ALA A 405 -40.78 -10.63 -39.99
CA ALA A 405 -40.38 -9.28 -40.39
C ALA A 405 -40.61 -8.29 -39.26
N TYR A 406 -39.91 -7.15 -39.30
CA TYR A 406 -39.83 -6.30 -38.12
C TYR A 406 -41.17 -5.69 -37.73
N ASN A 407 -41.98 -5.28 -38.72
CA ASN A 407 -43.01 -4.25 -38.53
C ASN A 407 -43.71 -4.35 -37.17
N PRO A 408 -43.62 -3.30 -36.35
CA PRO A 408 -44.03 -3.41 -34.94
C PRO A 408 -45.52 -3.22 -34.71
N GLU A 409 -46.26 -2.61 -35.64
CA GLU A 409 -47.68 -2.46 -35.43
C GLU A 409 -48.39 -3.81 -35.40
N GLN A 410 -47.83 -4.81 -36.08
CA GLN A 410 -48.40 -6.14 -36.02
C GLN A 410 -48.10 -6.83 -34.70
N ALA A 411 -46.94 -6.57 -34.10
CA ALA A 411 -46.69 -7.10 -32.76
C ALA A 411 -47.71 -6.56 -31.77
N LYS A 412 -47.98 -5.26 -31.83
CA LYS A 412 -49.00 -4.67 -30.96
C LYS A 412 -50.36 -5.28 -31.24
N ARG A 413 -50.71 -5.42 -32.53
CA ARG A 413 -52.00 -5.99 -32.89
C ARG A 413 -52.16 -7.39 -32.32
N GLU A 414 -51.14 -8.23 -32.49
CA GLU A 414 -51.25 -9.62 -32.08
C GLU A 414 -51.26 -9.75 -30.56
N LEU A 415 -50.43 -8.97 -29.87
CA LEU A 415 -50.42 -9.03 -28.41
C LEU A 415 -51.76 -8.55 -27.85
N ASP A 416 -52.40 -7.57 -28.49
CA ASP A 416 -53.74 -7.19 -28.08
C ASP A 416 -54.73 -8.33 -28.33
N ALA A 417 -54.67 -8.94 -29.51
CA ALA A 417 -55.56 -10.03 -29.84
C ALA A 417 -55.15 -11.36 -29.19
N LEU A 418 -54.20 -11.31 -28.26
CA LEU A 418 -53.73 -12.50 -27.57
C LEU A 418 -53.96 -12.45 -26.07
N GLY A 419 -54.18 -11.28 -25.49
CA GLY A 419 -54.54 -11.20 -24.09
C GLY A 419 -53.82 -10.12 -23.30
N TRP A 420 -52.57 -9.82 -23.63
CA TRP A 420 -51.76 -8.93 -22.81
C TRP A 420 -52.14 -7.49 -23.11
N ARG A 421 -52.93 -6.90 -22.22
CA ARG A 421 -53.40 -5.55 -22.43
C ARG A 421 -52.36 -4.53 -21.99
N ARG A 422 -52.46 -3.33 -22.55
CA ARG A 422 -51.50 -2.27 -22.28
C ARG A 422 -51.95 -1.48 -21.06
N SER A 423 -51.36 -1.80 -19.91
CA SER A 423 -51.69 -1.12 -18.65
C SER A 423 -50.62 -0.06 -18.36
N GLY A 424 -50.70 1.04 -19.10
CA GLY A 424 -49.89 2.20 -18.80
C GLY A 424 -48.45 2.11 -19.27
N ALA A 425 -47.64 1.32 -18.57
CA ALA A 425 -46.23 1.16 -18.94
C ALA A 425 -46.00 -0.08 -19.79
N PHE A 426 -46.26 -1.26 -19.24
CA PHE A 426 -45.98 -2.52 -19.91
C PHE A 426 -47.22 -3.39 -19.88
N ARG A 427 -47.27 -4.33 -20.82
CA ARG A 427 -48.47 -5.15 -21.00
C ARG A 427 -48.65 -6.12 -19.84
N GLU A 428 -49.91 -6.36 -19.46
CA GLU A 428 -50.24 -7.23 -18.34
C GLU A 428 -51.37 -8.16 -18.75
N LYS A 429 -51.16 -9.47 -18.58
CA LYS A 429 -52.20 -10.43 -18.96
C LYS A 429 -53.33 -10.46 -17.94
N ASP A 430 -53.02 -10.88 -16.71
CA ASP A 430 -53.97 -10.73 -15.59
C ASP A 430 -53.16 -10.39 -14.33
N GLY A 431 -52.88 -9.12 -14.14
CA GLY A 431 -51.96 -8.84 -13.04
C GLY A 431 -50.51 -9.20 -13.33
N ARG A 432 -50.26 -10.38 -13.90
CA ARG A 432 -48.92 -10.72 -14.34
C ARG A 432 -48.48 -9.76 -15.44
N GLN A 433 -47.27 -9.24 -15.31
CA GLN A 433 -46.73 -8.29 -16.27
C GLN A 433 -45.91 -9.02 -17.33
N LEU A 434 -45.98 -8.52 -18.56
CA LEU A 434 -45.22 -9.13 -19.65
C LEU A 434 -43.74 -8.80 -19.49
N VAL A 435 -43.01 -9.63 -18.76
CA VAL A 435 -41.65 -9.33 -18.35
C VAL A 435 -40.77 -10.51 -18.74
N ILE A 436 -39.73 -10.24 -19.52
CA ILE A 436 -38.87 -11.28 -20.07
C ILE A 436 -37.48 -11.13 -19.49
N ARG A 437 -36.79 -12.26 -19.32
CA ARG A 437 -35.45 -12.27 -18.74
C ARG A 437 -34.43 -12.59 -19.82
N ASP A 438 -33.44 -11.72 -19.96
CA ASP A 438 -32.37 -11.87 -20.95
C ASP A 438 -31.08 -12.23 -20.24
N LEU A 439 -30.44 -13.30 -20.67
CA LEU A 439 -29.19 -13.76 -20.03
C LEU A 439 -28.04 -13.71 -21.02
N PHE A 440 -27.03 -12.95 -20.76
CA PHE A 440 -25.88 -13.07 -21.65
C PHE A 440 -24.62 -13.16 -20.82
N TYR A 441 -23.56 -13.77 -21.33
CA TYR A 441 -22.32 -13.63 -20.56
C TYR A 441 -21.45 -12.65 -21.31
N ASP A 442 -20.19 -12.60 -20.94
CA ASP A 442 -19.18 -11.73 -21.60
C ASP A 442 -19.67 -10.29 -21.66
N ALA A 443 -20.29 -9.76 -20.61
CA ALA A 443 -20.99 -8.47 -20.55
C ALA A 443 -20.48 -7.37 -21.48
N GLN A 444 -19.17 -7.11 -21.55
CA GLN A 444 -18.66 -5.96 -22.36
C GLN A 444 -18.90 -6.08 -23.86
N SER A 445 -18.54 -7.21 -24.47
CA SER A 445 -18.64 -7.38 -25.94
C SER A 445 -20.08 -7.55 -26.44
N THR A 446 -21.03 -7.99 -25.58
CA THR A 446 -22.45 -8.31 -25.96
C THR A 446 -23.53 -7.54 -25.18
N ARG A 447 -23.11 -6.55 -24.42
CA ARG A 447 -24.09 -5.63 -23.82
C ARG A 447 -24.82 -4.93 -24.98
N GLN A 448 -24.11 -4.70 -26.08
CA GLN A 448 -24.64 -4.01 -27.28
C GLN A 448 -26.00 -4.56 -27.69
N PHE A 449 -26.11 -5.89 -27.85
CA PHE A 449 -27.40 -6.45 -28.28
C PHE A 449 -28.37 -6.51 -27.14
N ALA A 450 -27.90 -6.73 -25.92
CA ALA A 450 -28.95 -6.74 -24.88
C ALA A 450 -29.64 -5.39 -24.81
N GLN A 451 -28.91 -4.28 -24.85
CA GLN A 451 -29.51 -2.95 -24.61
C GLN A 451 -30.32 -2.41 -25.77
N ILE A 452 -29.97 -2.69 -27.01
CA ILE A 452 -30.76 -2.28 -28.16
C ILE A 452 -32.09 -3.02 -28.20
N ALA A 453 -32.07 -4.33 -27.94
CA ALA A 453 -33.31 -5.10 -27.97
C ALA A 453 -34.27 -4.61 -26.90
N GLN A 454 -33.76 -4.29 -25.72
CA GLN A 454 -34.61 -3.76 -24.67
C GLN A 454 -35.22 -2.43 -25.05
N HIS A 455 -34.41 -1.53 -25.62
CA HIS A 455 -34.92 -0.22 -26.03
C HIS A 455 -36.00 -0.36 -27.10
N THR A 456 -35.79 -1.24 -28.07
CA THR A 456 -36.78 -1.35 -29.14
C THR A 456 -37.98 -2.20 -28.75
N LEU A 457 -37.88 -2.99 -27.68
CA LEU A 457 -39.04 -3.75 -27.21
C LEU A 457 -39.87 -2.99 -26.20
N ALA A 458 -39.29 -2.01 -25.51
CA ALA A 458 -40.08 -1.22 -24.58
C ALA A 458 -41.21 -0.47 -25.28
N GLN A 459 -41.03 -0.15 -26.56
CA GLN A 459 -42.06 0.58 -27.29
C GLN A 459 -43.27 -0.27 -27.63
N ILE A 460 -43.20 -1.58 -27.41
CA ILE A 460 -44.32 -2.47 -27.66
C ILE A 460 -45.00 -2.78 -26.32
N GLY A 461 -44.25 -2.70 -25.24
CA GLY A 461 -44.79 -3.00 -23.93
C GLY A 461 -44.24 -4.31 -23.39
N VAL A 462 -42.97 -4.57 -23.66
CA VAL A 462 -42.28 -5.78 -23.20
C VAL A 462 -41.07 -5.33 -22.40
N LYS A 463 -40.89 -5.91 -21.21
CA LYS A 463 -39.88 -5.37 -20.30
C LYS A 463 -38.48 -5.79 -20.69
N LEU A 464 -38.18 -7.09 -20.65
CA LEU A 464 -36.85 -7.61 -21.01
C LEU A 464 -35.77 -6.98 -20.12
N GLU A 465 -35.77 -7.37 -18.85
CA GLU A 465 -34.66 -6.95 -18.00
C GLU A 465 -33.44 -7.81 -18.26
N LEU A 466 -32.27 -7.18 -18.11
CA LEU A 466 -31.00 -7.79 -18.45
C LEU A 466 -30.38 -8.45 -17.23
N GLN A 467 -30.00 -9.71 -17.38
CA GLN A 467 -29.34 -10.48 -16.33
C GLN A 467 -27.99 -10.91 -16.90
N ALA A 468 -26.96 -10.09 -16.67
CA ALA A 468 -25.64 -10.37 -17.19
C ALA A 468 -24.95 -11.36 -16.27
N LYS A 469 -24.72 -12.57 -16.75
CA LYS A 469 -24.06 -13.56 -15.91
C LYS A 469 -22.55 -13.42 -16.05
N SER A 470 -21.84 -14.03 -15.10
CA SER A 470 -20.38 -13.91 -15.07
C SER A 470 -19.74 -14.55 -16.28
N GLY A 471 -20.26 -15.70 -16.70
CA GLY A 471 -19.64 -16.51 -17.73
C GLY A 471 -18.84 -17.68 -17.19
N SER A 472 -18.49 -17.65 -15.90
CA SER A 472 -17.88 -18.79 -15.26
C SER A 472 -18.85 -19.97 -15.29
N GLY A 473 -19.96 -19.84 -14.58
CA GLY A 473 -21.08 -20.74 -14.78
C GLY A 473 -22.23 -20.04 -15.46
N PHE A 474 -22.38 -20.26 -16.76
CA PHE A 474 -23.49 -19.71 -17.52
C PHE A 474 -24.39 -20.83 -18.04
N PHE A 475 -23.84 -21.72 -18.86
CA PHE A 475 -24.58 -22.87 -19.30
C PHE A 475 -24.99 -23.73 -18.12
N SER A 476 -23.99 -24.23 -17.37
CA SER A 476 -24.23 -25.24 -16.34
C SER A 476 -25.28 -24.79 -15.33
N ASP A 477 -25.27 -23.51 -14.96
CA ASP A 477 -26.19 -23.05 -13.94
C ASP A 477 -27.52 -22.57 -14.50
N TYR A 478 -27.56 -22.03 -15.72
CA TYR A 478 -28.81 -21.45 -16.20
C TYR A 478 -29.34 -22.10 -17.47
N VAL A 479 -28.49 -22.30 -18.48
CA VAL A 479 -29.01 -22.60 -19.81
C VAL A 479 -29.44 -24.06 -19.92
N ASN A 480 -28.60 -24.93 -19.38
CA ASN A 480 -28.84 -26.38 -19.50
C ASN A 480 -30.01 -26.78 -18.61
N VAL A 481 -30.35 -25.97 -17.61
CA VAL A 481 -31.42 -26.32 -16.62
C VAL A 481 -32.70 -25.57 -16.98
N GLY A 482 -32.62 -24.60 -17.87
CA GLY A 482 -33.79 -23.88 -18.36
C GLY A 482 -34.18 -22.65 -17.58
N ALA A 483 -33.30 -22.13 -16.73
CA ALA A 483 -33.61 -20.96 -15.93
C ALA A 483 -33.35 -19.67 -16.71
N PHE A 484 -34.07 -19.54 -17.83
CA PHE A 484 -33.98 -18.35 -18.65
C PHE A 484 -35.25 -18.21 -19.46
N ASP A 485 -35.44 -17.03 -20.03
CA ASP A 485 -36.51 -16.76 -20.98
C ASP A 485 -35.98 -16.46 -22.37
N ILE A 486 -34.92 -15.65 -22.46
CA ILE A 486 -34.16 -15.47 -23.68
C ILE A 486 -32.68 -15.54 -23.31
N ALA A 487 -31.94 -16.43 -23.96
CA ALA A 487 -30.51 -16.53 -23.77
C ALA A 487 -29.81 -16.23 -25.08
N GLN A 488 -28.73 -15.46 -25.01
CA GLN A 488 -27.97 -15.11 -26.21
C GLN A 488 -26.55 -15.59 -26.07
N PHE A 489 -26.14 -16.46 -26.99
CA PHE A 489 -24.76 -16.90 -27.13
C PHE A 489 -24.48 -17.01 -28.62
N GLY A 490 -23.40 -17.67 -28.99
CA GLY A 490 -22.98 -17.74 -30.37
C GLY A 490 -22.93 -19.16 -30.89
N TRP A 491 -23.15 -19.30 -32.18
CA TRP A 491 -22.85 -20.52 -32.92
C TRP A 491 -21.72 -20.22 -33.90
N VAL A 492 -21.25 -21.25 -34.59
CA VAL A 492 -20.19 -21.11 -35.58
C VAL A 492 -20.63 -21.85 -36.84
N GLY A 493 -20.65 -21.15 -37.96
CA GLY A 493 -20.95 -21.79 -39.22
C GLY A 493 -19.78 -22.59 -39.73
N ASP A 494 -20.07 -23.57 -40.58
CA ASP A 494 -19.05 -24.45 -41.11
C ASP A 494 -19.31 -24.70 -42.59
N ALA A 495 -18.25 -25.05 -43.31
CA ALA A 495 -18.40 -25.41 -44.71
C ALA A 495 -19.25 -26.66 -44.88
N PHE A 496 -19.38 -27.45 -43.82
CA PHE A 496 -20.24 -28.63 -43.78
C PHE A 496 -21.21 -28.40 -42.62
N PRO A 497 -22.38 -27.81 -42.88
CA PRO A 497 -23.24 -27.35 -41.78
C PRO A 497 -24.35 -28.31 -41.38
N LEU A 498 -24.58 -29.37 -42.16
CA LEU A 498 -25.76 -30.20 -41.92
C LEU A 498 -25.65 -31.06 -40.68
N SER A 499 -24.44 -31.37 -40.21
CA SER A 499 -24.31 -32.26 -39.05
C SER A 499 -24.78 -31.60 -37.76
N SER A 500 -24.62 -30.28 -37.65
CA SER A 500 -24.94 -29.61 -36.40
C SER A 500 -26.43 -29.45 -36.18
N LEU A 501 -27.22 -29.43 -37.24
CA LEU A 501 -28.63 -29.14 -37.06
C LEU A 501 -29.38 -30.30 -36.43
N THR A 502 -28.97 -31.54 -36.71
CA THR A 502 -29.61 -32.68 -36.06
C THR A 502 -29.30 -32.75 -34.57
N GLN A 503 -28.37 -31.94 -34.09
CA GLN A 503 -28.10 -31.85 -32.65
C GLN A 503 -28.68 -30.60 -32.02
N ILE A 504 -28.82 -29.52 -32.78
CA ILE A 504 -29.35 -28.28 -32.21
C ILE A 504 -30.87 -28.21 -32.36
N TYR A 505 -31.41 -28.44 -33.56
CA TYR A 505 -32.81 -28.17 -33.84
C TYR A 505 -33.69 -29.41 -33.77
N ALA A 506 -33.14 -30.56 -33.37
CA ALA A 506 -33.97 -31.72 -33.15
C ALA A 506 -34.70 -31.60 -31.81
N SER A 507 -35.79 -32.35 -31.68
CA SER A 507 -36.56 -32.33 -30.45
C SER A 507 -35.73 -32.86 -29.28
N ASP A 508 -34.99 -33.93 -29.52
CA ASP A 508 -34.19 -34.59 -28.49
C ASP A 508 -32.71 -34.22 -28.57
N GLY A 509 -32.36 -33.21 -29.35
CA GLY A 509 -30.97 -32.83 -29.48
C GLY A 509 -30.39 -32.38 -28.14
N GLU A 510 -29.08 -32.60 -28.00
CA GLU A 510 -28.42 -32.27 -26.74
C GLU A 510 -28.12 -30.78 -26.62
N SER A 511 -28.20 -30.03 -27.72
CA SER A 511 -27.99 -28.59 -27.70
C SER A 511 -29.27 -27.80 -27.89
N ASN A 512 -30.44 -28.44 -27.87
CA ASN A 512 -31.72 -27.75 -27.91
C ASN A 512 -32.06 -27.25 -26.50
N PHE A 513 -31.30 -26.25 -26.06
CA PHE A 513 -31.39 -25.83 -24.66
C PHE A 513 -32.73 -25.21 -24.30
N GLY A 514 -33.59 -24.92 -25.27
CA GLY A 514 -34.87 -24.29 -24.99
C GLY A 514 -36.09 -25.16 -25.22
N LYS A 515 -35.87 -26.40 -25.65
CA LYS A 515 -36.92 -27.41 -25.76
C LYS A 515 -38.08 -26.96 -26.65
N ILE A 516 -37.74 -26.37 -27.80
CA ILE A 516 -38.72 -26.03 -28.83
C ILE A 516 -38.48 -26.95 -30.03
N GLY A 517 -39.50 -27.69 -30.42
CA GLY A 517 -39.37 -28.58 -31.57
C GLY A 517 -40.70 -29.20 -31.92
N SER A 518 -40.71 -29.84 -33.09
CA SER A 518 -41.91 -30.51 -33.60
C SER A 518 -41.51 -31.75 -34.36
N PRO A 519 -42.38 -32.77 -34.42
CA PRO A 519 -42.05 -33.96 -35.23
C PRO A 519 -41.85 -33.64 -36.70
N GLN A 520 -42.49 -32.59 -37.22
CA GLN A 520 -42.23 -32.16 -38.58
C GLN A 520 -40.78 -31.77 -38.77
N ILE A 521 -40.23 -31.02 -37.82
CA ILE A 521 -38.83 -30.60 -37.88
C ILE A 521 -37.91 -31.81 -37.90
N ASP A 522 -38.18 -32.78 -37.02
CA ASP A 522 -37.33 -33.97 -36.98
C ASP A 522 -37.43 -34.77 -38.26
N ALA A 523 -38.64 -34.92 -38.80
CA ALA A 523 -38.82 -35.68 -40.03
C ALA A 523 -38.16 -35.00 -41.22
N ALA A 524 -37.99 -33.69 -41.18
CA ALA A 524 -37.28 -33.01 -42.27
C ALA A 524 -35.77 -32.99 -42.05
N ILE A 525 -35.35 -32.86 -40.80
CA ILE A 525 -33.93 -32.87 -40.47
C ILE A 525 -33.32 -34.22 -40.82
N GLU A 526 -33.97 -35.30 -40.41
CA GLU A 526 -33.51 -36.61 -40.86
C GLU A 526 -34.13 -36.99 -42.20
N ARG A 527 -34.13 -36.02 -43.11
CA ARG A 527 -34.32 -36.23 -44.53
C ARG A 527 -33.36 -35.38 -45.37
N THR A 528 -32.89 -34.25 -44.85
CA THR A 528 -31.85 -33.52 -45.56
C THR A 528 -30.53 -34.28 -45.53
N LEU A 529 -30.10 -34.76 -44.36
CA LEU A 529 -28.85 -35.50 -44.32
C LEU A 529 -29.09 -36.97 -44.67
N ALA A 530 -29.86 -37.22 -45.70
CA ALA A 530 -29.97 -38.54 -46.26
C ALA A 530 -30.02 -38.49 -47.78
N GLU A 531 -29.88 -37.32 -48.38
CA GLU A 531 -29.98 -37.13 -49.81
C GLU A 531 -28.57 -36.95 -50.37
N LEU A 532 -28.17 -37.86 -51.25
CA LEU A 532 -26.81 -37.85 -51.78
C LEU A 532 -26.66 -36.91 -52.96
N ASP A 533 -27.54 -35.93 -53.10
CA ASP A 533 -27.43 -34.93 -54.14
C ASP A 533 -26.95 -33.61 -53.54
N PRO A 534 -25.81 -33.09 -53.98
CA PRO A 534 -25.25 -31.89 -53.34
C PRO A 534 -26.17 -30.68 -53.35
N GLY A 535 -27.01 -30.52 -54.37
CA GLY A 535 -27.89 -29.36 -54.44
C GLY A 535 -29.27 -29.59 -53.87
N LYS A 536 -29.81 -30.79 -54.09
CA LYS A 536 -31.10 -31.12 -53.50
C LYS A 536 -31.02 -31.12 -51.98
N ALA A 537 -29.87 -31.50 -51.42
CA ALA A 537 -29.69 -31.40 -49.98
C ALA A 537 -29.77 -29.95 -49.52
N ARG A 538 -29.25 -29.01 -50.32
CA ARG A 538 -29.33 -27.60 -49.94
C ARG A 538 -30.77 -27.10 -49.98
N ALA A 539 -31.53 -27.51 -50.99
CA ALA A 539 -32.95 -27.16 -51.02
C ALA A 539 -33.68 -27.66 -49.76
N LEU A 540 -33.43 -28.92 -49.39
CA LEU A 540 -34.08 -29.46 -48.20
C LEU A 540 -33.62 -28.76 -46.92
N ALA A 541 -32.35 -28.37 -46.85
CA ALA A 541 -31.86 -27.63 -45.71
C ALA A 541 -32.62 -26.31 -45.57
N ASN A 542 -32.92 -25.67 -46.69
CA ASN A 542 -33.71 -24.45 -46.60
C ASN A 542 -35.16 -24.72 -46.19
N GLN A 543 -35.71 -25.88 -46.55
CA GLN A 543 -37.01 -26.24 -46.00
C GLN A 543 -36.97 -26.30 -44.47
N VAL A 544 -35.95 -26.97 -43.93
CA VAL A 544 -35.82 -27.05 -42.47
C VAL A 544 -35.66 -25.66 -41.88
N ASP A 545 -34.87 -24.80 -42.52
CA ASP A 545 -34.66 -23.45 -42.00
C ASP A 545 -35.96 -22.65 -41.97
N GLU A 546 -36.74 -22.73 -43.05
CA GLU A 546 -38.02 -22.03 -43.07
C GLU A 546 -38.92 -22.52 -41.96
N LEU A 547 -38.86 -23.81 -41.65
CA LEU A 547 -39.69 -24.32 -40.56
C LEU A 547 -39.23 -23.81 -39.21
N ILE A 548 -37.92 -23.77 -38.96
CA ILE A 548 -37.49 -23.29 -37.64
C ILE A 548 -37.65 -21.79 -37.51
N TRP A 549 -37.76 -21.06 -38.62
CA TRP A 549 -38.13 -19.65 -38.52
C TRP A 549 -39.60 -19.47 -38.16
N ALA A 550 -40.43 -20.47 -38.42
CA ALA A 550 -41.87 -20.35 -38.33
C ALA A 550 -42.41 -20.72 -36.95
N GLU A 551 -41.55 -21.00 -35.98
CA GLU A 551 -42.01 -21.29 -34.63
C GLU A 551 -41.21 -20.51 -33.59
N GLY A 552 -40.48 -19.49 -33.99
CA GLY A 552 -39.76 -18.67 -33.03
C GLY A 552 -38.73 -19.43 -32.23
N PHE A 553 -37.99 -20.34 -32.89
CA PHE A 553 -36.94 -21.06 -32.20
C PHE A 553 -35.86 -20.10 -31.71
N SER A 554 -35.35 -19.25 -32.60
CA SER A 554 -34.26 -18.35 -32.27
C SER A 554 -34.25 -17.22 -33.28
N LEU A 555 -33.43 -16.21 -32.98
CA LEU A 555 -33.30 -15.03 -33.83
C LEU A 555 -31.82 -14.76 -34.06
N PRO A 556 -31.25 -15.25 -35.15
CA PRO A 556 -29.85 -14.92 -35.46
C PRO A 556 -29.69 -13.44 -35.68
N LEU A 557 -28.72 -12.84 -35.00
CA LEU A 557 -28.54 -11.39 -35.05
C LEU A 557 -27.51 -10.97 -36.09
N THR A 558 -26.25 -11.34 -35.90
CA THR A 558 -25.17 -10.82 -36.73
C THR A 558 -24.07 -11.87 -36.80
N GLN A 559 -23.44 -11.95 -37.97
CA GLN A 559 -22.28 -12.86 -38.15
C GLN A 559 -21.04 -11.96 -38.12
N SER A 560 -19.98 -12.39 -37.44
CA SER A 560 -18.79 -11.51 -37.25
C SER A 560 -18.09 -11.17 -38.57
N PRO A 561 -17.68 -9.91 -38.83
CA PRO A 561 -16.87 -9.58 -39.99
C PRO A 561 -15.43 -10.00 -39.74
N GLY A 562 -14.80 -10.55 -40.77
CA GLY A 562 -13.45 -11.06 -40.59
C GLY A 562 -12.40 -10.00 -40.83
N THR A 563 -12.48 -8.90 -40.09
CA THR A 563 -11.50 -7.83 -40.22
C THR A 563 -10.21 -8.28 -39.54
N VAL A 564 -9.18 -8.55 -40.33
CA VAL A 564 -7.85 -8.87 -39.82
C VAL A 564 -6.89 -7.82 -40.32
N ALA A 565 -5.97 -7.41 -39.46
CA ALA A 565 -4.96 -6.41 -39.79
C ALA A 565 -3.66 -7.13 -40.09
N VAL A 566 -3.29 -7.21 -41.36
CA VAL A 566 -2.08 -7.91 -41.76
C VAL A 566 -1.08 -6.90 -42.31
N ARG A 567 0.20 -7.25 -42.19
CA ARG A 567 1.25 -6.44 -42.78
C ARG A 567 1.05 -6.36 -44.29
N SER A 568 1.17 -5.16 -44.84
CA SER A 568 0.89 -4.97 -46.25
C SER A 568 1.87 -5.70 -47.15
N THR A 569 3.00 -6.15 -46.61
CA THR A 569 3.98 -6.90 -47.38
C THR A 569 3.51 -8.34 -47.63
N LEU A 570 2.61 -8.86 -46.82
CA LEU A 570 2.16 -10.24 -46.97
C LEU A 570 1.36 -10.41 -48.25
N ALA A 571 1.44 -11.62 -48.81
CA ALA A 571 0.67 -11.98 -49.98
C ALA A 571 0.05 -13.34 -49.79
N ASN A 572 -1.08 -13.58 -50.45
CA ASN A 572 -1.83 -14.83 -50.40
C ASN A 572 -2.25 -15.20 -49.00
N PHE A 573 -2.20 -14.27 -48.05
CA PHE A 573 -2.65 -14.48 -46.69
C PHE A 573 -3.54 -13.33 -46.29
N GLY A 574 -4.59 -13.63 -45.54
CA GLY A 574 -5.50 -12.60 -45.09
C GLY A 574 -6.78 -13.18 -44.54
N ALA A 575 -7.90 -12.51 -44.81
CA ALA A 575 -9.21 -12.98 -44.36
C ALA A 575 -9.85 -13.84 -45.43
N THR A 576 -10.03 -15.13 -45.14
CA THR A 576 -10.47 -16.07 -46.18
C THR A 576 -11.97 -16.37 -46.12
N GLY A 577 -12.56 -16.30 -44.94
CA GLY A 577 -13.99 -16.61 -44.81
C GLY A 577 -14.18 -18.05 -44.42
N LEU A 578 -14.95 -18.79 -45.20
CA LEU A 578 -15.19 -20.22 -44.91
C LEU A 578 -14.15 -21.01 -45.68
N ALA A 579 -13.51 -20.36 -46.64
CA ALA A 579 -12.50 -21.03 -47.47
C ALA A 579 -11.24 -21.30 -46.67
N ASP A 580 -10.35 -22.10 -47.20
CA ASP A 580 -9.11 -22.46 -46.52
C ASP A 580 -7.92 -21.92 -47.28
N LEU A 581 -6.87 -21.57 -46.54
CA LEU A 581 -5.63 -21.18 -47.18
C LEU A 581 -4.92 -22.41 -47.74
N ASP A 582 -4.07 -22.18 -48.72
CA ASP A 582 -2.99 -23.11 -49.01
C ASP A 582 -1.70 -22.47 -48.54
N TYR A 583 -0.78 -23.28 -48.08
CA TYR A 583 0.38 -22.76 -47.38
C TYR A 583 1.65 -22.81 -48.20
N THR A 584 1.62 -23.41 -49.38
CA THR A 584 2.75 -23.37 -50.29
C THR A 584 2.75 -22.12 -51.16
N ALA A 585 1.79 -21.23 -50.99
CA ALA A 585 1.67 -20.05 -51.83
C ALA A 585 1.66 -18.74 -51.06
N ILE A 586 1.62 -18.76 -49.73
CA ILE A 586 1.71 -17.53 -48.97
C ILE A 586 3.17 -17.15 -48.81
N GLY A 587 3.46 -15.87 -48.97
CA GLY A 587 4.82 -15.39 -48.89
C GLY A 587 4.85 -13.89 -48.77
N PHE A 588 6.07 -13.36 -48.82
CA PHE A 588 6.28 -11.92 -48.75
C PHE A 588 6.58 -11.36 -50.12
N MET A 589 6.00 -10.20 -50.42
CA MET A 589 6.22 -9.59 -51.73
C MET A 589 7.69 -9.26 -51.92
N ARG A 590 8.18 -9.49 -53.14
CA ARG A 590 9.59 -9.28 -53.42
C ARG A 590 9.96 -7.82 -53.17
N ARG A 591 11.18 -7.62 -52.68
CA ARG A 591 11.76 -6.30 -52.40
C ARG A 591 10.87 -5.43 -51.51
N MET B 1 17.65 -16.12 18.27
CA MET B 1 16.50 -16.61 19.03
C MET B 1 16.01 -17.94 18.47
N THR B 2 16.73 -19.02 18.79
CA THR B 2 16.37 -20.34 18.29
C THR B 2 15.00 -20.78 18.78
N ARG B 3 14.68 -20.47 20.05
CA ARG B 3 13.37 -20.80 20.58
C ARG B 3 12.26 -20.13 19.78
N TYR B 4 12.47 -18.88 19.39
CA TYR B 4 11.47 -18.18 18.59
C TYR B 4 11.22 -18.87 17.26
N LEU B 5 12.29 -19.31 16.59
CA LEU B 5 12.12 -20.03 15.33
C LEU B 5 11.34 -21.32 15.56
N ALA B 6 11.68 -22.07 16.62
CA ALA B 6 10.96 -23.30 16.91
C ALA B 6 9.47 -23.04 17.14
N ARG B 7 9.14 -21.83 17.62
CA ARG B 7 7.72 -21.49 17.77
C ARG B 7 7.08 -21.12 16.43
N ARG B 8 7.71 -20.21 15.69
CA ARG B 8 7.08 -19.64 14.50
C ARG B 8 6.95 -20.65 13.38
N LEU B 9 7.88 -21.58 13.25
CA LEU B 9 7.77 -22.51 12.13
C LEU B 9 6.53 -23.40 12.27
N LEU B 10 6.20 -23.79 13.49
CA LEU B 10 4.94 -24.51 13.70
C LEU B 10 3.74 -23.58 13.56
N ASN B 11 3.86 -22.35 14.10
CA ASN B 11 2.78 -21.38 14.00
C ASN B 11 2.46 -21.03 12.55
N TYR B 12 3.40 -21.23 11.63
CA TYR B 12 3.17 -21.02 10.21
C TYR B 12 2.83 -22.30 9.46
N LEU B 13 3.33 -23.45 9.90
CA LEU B 13 2.96 -24.70 9.27
C LEU B 13 1.48 -24.97 9.44
N VAL B 14 0.95 -24.76 10.64
CA VAL B 14 -0.49 -24.95 10.84
C VAL B 14 -1.27 -23.97 9.98
N LEU B 15 -0.82 -22.72 9.93
CA LEU B 15 -1.49 -21.69 9.15
C LEU B 15 -1.56 -22.07 7.67
N LEU B 16 -0.43 -22.52 7.11
CA LEU B 16 -0.39 -22.92 5.72
C LEU B 16 -1.28 -24.13 5.47
N ALA B 17 -1.17 -25.14 6.34
CA ALA B 17 -1.92 -26.37 6.15
C ALA B 17 -3.43 -26.17 6.32
N LEU B 18 -3.86 -25.08 6.96
CA LEU B 18 -5.28 -24.80 7.08
C LEU B 18 -5.80 -23.85 6.00
N ALA B 19 -5.00 -22.86 5.60
CA ALA B 19 -5.39 -22.01 4.50
C ALA B 19 -5.54 -22.81 3.21
N SER B 20 -4.59 -23.70 2.93
CA SER B 20 -4.76 -24.61 1.81
C SER B 20 -5.60 -25.81 2.19
N PHE B 21 -6.67 -25.56 2.94
CA PHE B 21 -7.79 -26.47 3.14
C PHE B 21 -9.03 -25.68 2.80
N LEU B 22 -9.06 -24.44 3.33
CA LEU B 22 -10.18 -23.57 3.03
C LEU B 22 -10.29 -23.32 1.54
N THR B 23 -9.16 -23.06 0.87
CA THR B 23 -9.26 -22.77 -0.56
C THR B 23 -9.71 -24.00 -1.34
N TYR B 24 -9.20 -25.18 -1.01
CA TYR B 24 -9.57 -26.37 -1.76
C TYR B 24 -11.07 -26.64 -1.65
N CYS B 25 -11.61 -26.55 -0.44
CA CYS B 25 -13.05 -26.80 -0.30
C CYS B 25 -13.89 -25.71 -0.96
N LEU B 26 -13.49 -24.44 -0.80
CA LEU B 26 -14.27 -23.36 -1.40
C LEU B 26 -14.29 -23.47 -2.91
N THR B 27 -13.13 -23.75 -3.52
CA THR B 27 -13.09 -23.86 -4.98
C THR B 27 -13.77 -25.14 -5.46
N SER B 28 -13.74 -26.21 -4.66
CA SER B 28 -14.51 -27.40 -5.02
C SER B 28 -16.00 -27.10 -5.04
N LEU B 29 -16.45 -26.17 -4.19
CA LEU B 29 -17.87 -25.82 -4.23
C LEU B 29 -18.19 -24.86 -5.36
N ALA B 30 -17.38 -23.80 -5.51
CA ALA B 30 -17.73 -22.73 -6.44
C ALA B 30 -17.46 -23.10 -7.89
N PHE B 31 -16.37 -23.82 -8.15
CA PHE B 31 -15.94 -24.05 -9.52
C PHE B 31 -16.80 -25.10 -10.21
N SER B 32 -16.96 -24.93 -11.52
CA SER B 32 -17.63 -25.89 -12.40
C SER B 32 -16.69 -26.18 -13.55
N PRO B 33 -15.84 -27.19 -13.42
CA PRO B 33 -14.76 -27.39 -14.41
C PRO B 33 -15.24 -27.65 -15.83
N LEU B 34 -16.41 -28.25 -16.00
CA LEU B 34 -16.83 -28.76 -17.30
C LEU B 34 -17.63 -27.77 -18.12
N GLU B 35 -17.71 -26.51 -17.69
CA GLU B 35 -18.47 -25.51 -18.44
C GLU B 35 -17.81 -25.18 -19.78
N SER B 36 -16.47 -25.11 -19.78
CA SER B 36 -15.74 -24.81 -21.00
C SER B 36 -16.03 -25.82 -22.09
N LEU B 37 -16.38 -27.06 -21.71
CA LEU B 37 -16.76 -28.05 -22.69
C LEU B 37 -18.13 -27.75 -23.29
N MET B 38 -18.99 -27.06 -22.54
CA MET B 38 -20.32 -26.74 -23.02
C MET B 38 -20.34 -25.49 -23.88
N GLN B 39 -19.48 -24.54 -23.58
CA GLN B 39 -19.42 -23.29 -24.36
C GLN B 39 -18.60 -23.60 -25.60
N ARG B 40 -18.93 -24.70 -26.28
CA ARG B 40 -18.19 -25.13 -27.49
C ARG B 40 -19.22 -25.50 -28.57
N SER B 41 -19.14 -24.89 -29.75
CA SER B 41 -20.11 -25.18 -30.85
C SER B 41 -20.24 -26.71 -31.03
N PRO B 42 -19.17 -27.50 -31.28
CA PRO B 42 -19.28 -28.96 -31.35
C PRO B 42 -19.36 -29.57 -29.94
N ARG B 43 -20.40 -29.22 -29.18
CA ARG B 43 -20.53 -29.72 -27.79
C ARG B 43 -20.25 -31.22 -27.75
N PRO B 44 -19.21 -31.68 -27.01
CA PRO B 44 -18.83 -33.07 -26.94
C PRO B 44 -20.05 -33.93 -26.62
N PRO B 45 -20.28 -35.10 -27.23
CA PRO B 45 -21.40 -35.95 -26.80
C PRO B 45 -21.46 -36.06 -25.30
N GLN B 46 -22.68 -36.18 -24.78
CA GLN B 46 -22.87 -36.23 -23.34
C GLN B 46 -22.06 -37.36 -22.70
N ALA B 47 -21.96 -38.50 -23.39
CA ALA B 47 -21.24 -39.63 -22.83
C ALA B 47 -19.80 -39.27 -22.49
N VAL B 48 -19.12 -38.58 -23.42
CA VAL B 48 -17.70 -38.29 -23.22
C VAL B 48 -17.44 -37.07 -22.36
N ILE B 49 -18.48 -36.43 -21.83
CA ILE B 49 -18.27 -35.35 -20.88
C ILE B 49 -18.63 -35.87 -19.48
N ASP B 50 -19.59 -36.79 -19.39
CA ASP B 50 -19.76 -37.51 -18.13
C ASP B 50 -18.54 -38.38 -17.83
N ALA B 51 -17.96 -38.98 -18.86
CA ALA B 51 -16.73 -39.74 -18.68
C ALA B 51 -15.61 -38.83 -18.17
N LYS B 52 -15.50 -37.62 -18.72
CA LYS B 52 -14.47 -36.70 -18.26
C LYS B 52 -14.73 -36.26 -16.82
N ALA B 53 -16.00 -36.08 -16.46
CA ALA B 53 -16.34 -35.78 -15.07
C ALA B 53 -15.81 -36.86 -14.15
N HIS B 54 -16.12 -38.12 -14.44
CA HIS B 54 -15.62 -39.22 -13.62
C HIS B 54 -14.10 -39.33 -13.67
N ASP B 55 -13.47 -38.84 -14.74
CA ASP B 55 -12.02 -39.00 -14.87
C ASP B 55 -11.25 -38.20 -13.84
N LEU B 56 -11.65 -36.95 -13.59
CA LEU B 56 -10.93 -36.07 -12.68
C LEU B 56 -11.57 -35.99 -11.31
N GLY B 57 -12.22 -37.07 -10.87
CA GLY B 57 -12.93 -37.04 -9.60
C GLY B 57 -14.31 -36.46 -9.80
N LEU B 58 -14.59 -35.32 -9.18
CA LEU B 58 -15.77 -34.50 -9.45
C LEU B 58 -17.08 -35.18 -9.06
N ASP B 59 -17.04 -36.43 -8.61
CA ASP B 59 -18.23 -37.10 -8.08
C ASP B 59 -17.99 -37.73 -6.72
N ARG B 60 -16.81 -37.57 -6.17
CA ARG B 60 -16.42 -38.05 -4.86
C ARG B 60 -16.58 -36.95 -3.82
N PRO B 61 -16.76 -37.32 -2.55
CA PRO B 61 -16.92 -36.30 -1.51
C PRO B 61 -15.72 -35.36 -1.46
N ILE B 62 -15.99 -34.08 -1.22
CA ILE B 62 -14.96 -33.06 -1.33
C ILE B 62 -13.83 -33.32 -0.36
N LEU B 63 -14.16 -33.79 0.85
CA LEU B 63 -13.13 -34.11 1.82
C LEU B 63 -12.24 -35.24 1.31
N ALA B 64 -12.82 -36.23 0.65
CA ALA B 64 -12.02 -37.30 0.06
C ALA B 64 -11.11 -36.78 -1.04
N ARG B 65 -11.62 -35.85 -1.86
CA ARG B 65 -10.80 -35.25 -2.90
C ARG B 65 -9.62 -34.52 -2.30
N TYR B 66 -9.85 -33.74 -1.25
CA TYR B 66 -8.75 -33.03 -0.61
C TYR B 66 -7.76 -34.01 0.02
N ALA B 67 -8.26 -35.10 0.60
CA ALA B 67 -7.37 -36.11 1.15
C ALA B 67 -6.44 -36.66 0.07
N ASN B 68 -7.01 -36.98 -1.09
CA ASN B 68 -6.18 -37.46 -2.19
C ASN B 68 -5.17 -36.39 -2.61
N TRP B 69 -5.61 -35.14 -2.72
CA TRP B 69 -4.70 -34.08 -3.12
C TRP B 69 -3.49 -34.01 -2.20
N VAL B 70 -3.75 -33.74 -0.90
CA VAL B 70 -2.66 -33.60 0.04
C VAL B 70 -1.88 -34.90 0.23
N SER B 71 -2.44 -36.04 -0.18
CA SER B 71 -1.72 -37.30 -0.03
C SER B 71 -0.39 -37.27 -0.76
N HIS B 72 -0.38 -36.84 -2.02
CA HIS B 72 0.86 -36.74 -2.77
C HIS B 72 1.25 -35.31 -3.11
N ALA B 73 0.55 -34.32 -2.55
CA ALA B 73 1.06 -32.96 -2.63
C ALA B 73 2.29 -32.78 -1.74
N VAL B 74 2.48 -33.65 -0.75
CA VAL B 74 3.64 -33.55 0.12
C VAL B 74 4.90 -34.10 -0.55
N ARG B 75 4.77 -34.91 -1.58
CA ARG B 75 5.91 -35.45 -2.31
C ARG B 75 6.03 -34.86 -3.71
N GLY B 76 5.62 -33.60 -3.87
CA GLY B 76 5.84 -32.86 -5.10
C GLY B 76 4.80 -33.06 -6.18
N ASP B 77 3.92 -34.05 -6.05
CA ASP B 77 2.87 -34.27 -7.05
C ASP B 77 1.76 -33.27 -6.78
N PHE B 78 1.86 -32.11 -7.43
CA PHE B 78 0.85 -31.08 -7.23
C PHE B 78 -0.35 -31.27 -8.14
N GLY B 79 -0.40 -32.36 -8.89
CA GLY B 79 -1.60 -32.68 -9.61
C GLY B 79 -1.50 -32.55 -11.11
N THR B 80 -2.57 -32.08 -11.72
CA THR B 80 -2.70 -32.07 -13.17
C THR B 80 -3.86 -31.16 -13.52
N THR B 81 -3.67 -30.28 -14.49
CA THR B 81 -4.74 -29.38 -14.90
C THR B 81 -5.90 -30.18 -15.49
N ILE B 82 -6.98 -29.48 -15.82
CA ILE B 82 -8.14 -30.15 -16.39
C ILE B 82 -7.85 -30.78 -17.74
N THR B 83 -6.67 -30.53 -18.29
CA THR B 83 -6.33 -30.93 -19.65
C THR B 83 -5.10 -31.85 -19.72
N GLY B 84 -4.70 -32.43 -18.59
CA GLY B 84 -3.64 -33.41 -18.58
C GLY B 84 -2.25 -32.87 -18.32
N GLN B 85 -2.06 -31.56 -18.41
CA GLN B 85 -0.73 -31.02 -18.20
C GLN B 85 -0.40 -30.99 -16.70
N PRO B 86 0.81 -31.37 -16.31
CA PRO B 86 1.17 -31.35 -14.90
C PRO B 86 1.24 -29.94 -14.34
N VAL B 87 1.06 -29.84 -13.03
CA VAL B 87 0.97 -28.55 -12.36
C VAL B 87 2.31 -28.15 -11.72
N GLY B 88 3.08 -29.10 -11.21
CA GLY B 88 4.30 -28.73 -10.52
C GLY B 88 5.35 -28.09 -11.41
N THR B 89 5.59 -28.69 -12.58
CA THR B 89 6.60 -28.15 -13.48
C THR B 89 6.19 -26.77 -13.98
N GLU B 90 4.90 -26.58 -14.25
CA GLU B 90 4.40 -25.26 -14.63
C GLU B 90 4.55 -24.28 -13.48
N LEU B 91 4.36 -24.74 -12.25
CA LEU B 91 4.58 -23.88 -11.09
C LEU B 91 6.00 -23.33 -11.08
N GLY B 92 6.98 -24.21 -11.30
CA GLY B 92 8.35 -23.76 -11.38
C GLY B 92 8.56 -22.73 -12.49
N ARG B 93 8.06 -23.03 -13.68
CA ARG B 93 8.20 -22.11 -14.81
C ARG B 93 7.65 -20.72 -14.47
N ARG B 94 6.45 -20.67 -13.91
CA ARG B 94 5.79 -19.39 -13.68
C ARG B 94 6.50 -18.58 -12.60
N ILE B 95 6.94 -19.23 -11.51
CA ILE B 95 7.62 -18.44 -10.48
C ILE B 95 8.93 -17.88 -11.03
N GLY B 96 9.64 -18.65 -11.86
CA GLY B 96 10.84 -18.11 -12.47
C GLY B 96 10.54 -16.87 -13.30
N VAL B 97 9.51 -16.97 -14.16
CA VAL B 97 9.21 -15.85 -15.05
C VAL B 97 8.87 -14.60 -14.25
N SER B 98 8.03 -14.74 -13.22
CA SER B 98 7.62 -13.56 -12.47
C SER B 98 8.79 -12.95 -11.71
N LEU B 99 9.70 -13.78 -11.20
CA LEU B 99 10.90 -13.24 -10.55
C LEU B 99 11.68 -12.34 -11.50
N ARG B 100 12.00 -12.88 -12.68
CA ARG B 100 12.79 -12.11 -13.63
C ARG B 100 12.08 -10.85 -14.07
N LEU B 101 10.74 -10.88 -14.11
CA LEU B 101 10.02 -9.68 -14.51
C LEU B 101 10.04 -8.62 -13.41
N LEU B 102 9.89 -9.03 -12.15
CA LEU B 102 9.53 -8.06 -11.12
C LEU B 102 10.70 -7.48 -10.35
N VAL B 103 11.83 -8.19 -10.23
CA VAL B 103 12.84 -7.75 -9.25
C VAL B 103 13.36 -6.35 -9.55
N VAL B 104 13.79 -6.11 -10.80
CA VAL B 104 14.46 -4.85 -11.14
C VAL B 104 13.49 -3.69 -10.96
N GLY B 105 12.31 -3.80 -11.56
CA GLY B 105 11.35 -2.72 -11.51
C GLY B 105 10.95 -2.39 -10.09
N SER B 106 10.66 -3.41 -9.28
CA SER B 106 10.17 -3.13 -7.94
C SER B 106 11.25 -2.54 -7.05
N VAL B 107 12.47 -3.07 -7.10
CA VAL B 107 13.50 -2.54 -6.20
C VAL B 107 13.85 -1.10 -6.58
N PHE B 108 14.00 -0.80 -7.89
CA PHE B 108 14.26 0.59 -8.25
C PHE B 108 13.07 1.48 -7.99
N GLY B 109 11.85 0.95 -8.09
CA GLY B 109 10.69 1.76 -7.81
C GLY B 109 10.62 2.19 -6.36
N THR B 110 10.88 1.26 -5.43
CA THR B 110 10.82 1.65 -4.03
C THR B 110 11.98 2.55 -3.64
N VAL B 111 13.17 2.33 -4.21
CA VAL B 111 14.28 3.24 -3.92
C VAL B 111 13.93 4.66 -4.38
N ALA B 112 13.44 4.78 -5.62
CA ALA B 112 13.06 6.09 -6.14
C ALA B 112 11.93 6.69 -5.32
N GLY B 113 10.98 5.87 -4.88
CA GLY B 113 9.87 6.39 -4.10
C GLY B 113 10.31 6.93 -2.76
N VAL B 114 11.24 6.24 -2.10
CA VAL B 114 11.78 6.75 -0.84
C VAL B 114 12.44 8.09 -1.05
N VAL B 115 13.27 8.20 -2.10
CA VAL B 115 13.96 9.46 -2.36
C VAL B 115 12.96 10.58 -2.63
N ILE B 116 11.96 10.30 -3.48
CA ILE B 116 11.00 11.34 -3.86
C ILE B 116 10.17 11.78 -2.67
N GLY B 117 9.68 10.83 -1.86
CA GLY B 117 8.90 11.20 -0.69
C GLY B 117 9.69 12.00 0.32
N ALA B 118 10.92 11.55 0.60
CA ALA B 118 11.76 12.29 1.55
C ALA B 118 12.05 13.70 1.03
N TRP B 119 12.29 13.83 -0.27
CA TRP B 119 12.51 15.15 -0.85
C TRP B 119 11.26 16.03 -0.71
N GLY B 120 10.09 15.44 -0.95
CA GLY B 120 8.85 16.20 -0.84
C GLY B 120 8.50 16.60 0.58
N ALA B 121 9.00 15.88 1.58
CA ALA B 121 8.75 16.30 2.96
C ALA B 121 9.58 17.52 3.32
N ILE B 122 10.84 17.58 2.86
CA ILE B 122 11.69 18.72 3.19
C ILE B 122 11.16 20.01 2.56
N ARG B 123 10.76 19.94 1.30
CA ARG B 123 10.14 21.07 0.61
C ARG B 123 8.63 20.83 0.63
N GLN B 124 8.04 21.02 1.82
CA GLN B 124 6.62 20.62 2.09
C GLN B 124 5.57 21.19 1.14
N TYR B 125 5.63 22.47 0.80
CA TYR B 125 4.57 23.04 -0.02
C TYR B 125 5.13 23.85 -1.18
N ARG B 126 6.39 23.60 -1.53
CA ARG B 126 7.00 24.34 -2.61
C ARG B 126 6.61 23.73 -3.95
N LEU B 127 7.03 24.38 -5.03
CA LEU B 127 6.62 23.95 -6.37
C LEU B 127 7.08 22.53 -6.66
N SER B 128 8.29 22.18 -6.21
CA SER B 128 8.79 20.83 -6.43
C SER B 128 7.84 19.79 -5.86
N ASP B 129 7.41 19.98 -4.62
CA ASP B 129 6.46 19.05 -4.03
C ASP B 129 5.14 19.07 -4.77
N ARG B 130 4.58 20.25 -5.02
CA ARG B 130 3.27 20.30 -5.65
C ARG B 130 3.28 19.48 -6.95
N VAL B 131 4.33 19.67 -7.76
CA VAL B 131 4.44 18.94 -9.01
C VAL B 131 4.55 17.44 -8.75
N MET B 132 5.45 17.03 -7.85
CA MET B 132 5.65 15.61 -7.60
C MET B 132 4.39 14.95 -7.04
N THR B 133 3.65 15.69 -6.22
CA THR B 133 2.43 15.17 -5.61
C THR B 133 1.36 14.91 -6.66
N THR B 134 1.14 15.87 -7.56
CA THR B 134 0.15 15.63 -8.60
C THR B 134 0.58 14.48 -9.49
N LEU B 135 1.88 14.35 -9.78
CA LEU B 135 2.32 13.24 -10.60
C LEU B 135 2.06 11.90 -9.93
N ALA B 136 2.35 11.79 -8.63
CA ALA B 136 2.11 10.54 -7.92
C ALA B 136 0.63 10.20 -7.91
N LEU B 137 -0.23 11.18 -7.62
CA LEU B 137 -1.66 10.91 -7.58
C LEU B 137 -2.20 10.56 -8.97
N LEU B 138 -1.68 11.21 -10.00
CA LEU B 138 -2.06 10.89 -11.36
C LEU B 138 -1.76 9.44 -11.70
N VAL B 139 -0.57 8.97 -11.32
CA VAL B 139 -0.23 7.58 -11.59
C VAL B 139 -1.12 6.64 -10.77
N LEU B 140 -1.39 6.98 -9.51
CA LEU B 140 -2.16 6.08 -8.67
C LEU B 140 -3.64 6.03 -9.05
N SER B 141 -4.13 7.02 -9.81
CA SER B 141 -5.54 7.06 -10.15
C SER B 141 -5.83 6.67 -11.59
N THR B 142 -4.91 5.94 -12.23
CA THR B 142 -5.16 5.45 -13.57
C THR B 142 -4.86 3.95 -13.63
N PRO B 143 -5.61 3.19 -14.42
CA PRO B 143 -5.30 1.77 -14.58
C PRO B 143 -3.96 1.57 -15.27
N THR B 144 -3.28 0.49 -14.91
CA THR B 144 -1.94 0.28 -15.44
C THR B 144 -1.95 -0.08 -16.92
N PHE B 145 -3.09 -0.54 -17.45
CA PHE B 145 -3.22 -0.67 -18.90
C PHE B 145 -2.92 0.66 -19.57
N VAL B 146 -3.42 1.76 -19.00
CA VAL B 146 -3.27 3.07 -19.61
C VAL B 146 -1.82 3.56 -19.51
N VAL B 147 -1.22 3.42 -18.32
CA VAL B 147 0.16 3.86 -18.15
C VAL B 147 1.08 3.11 -19.11
N ALA B 148 0.92 1.79 -19.17
CA ALA B 148 1.77 1.00 -20.05
C ALA B 148 1.51 1.31 -21.51
N ASN B 149 0.26 1.56 -21.89
CA ASN B 149 -0.03 1.88 -23.27
C ASN B 149 0.57 3.22 -23.68
N LEU B 150 0.58 4.18 -22.75
CA LEU B 150 1.26 5.45 -23.03
C LEU B 150 2.75 5.21 -23.24
N LEU B 151 3.36 4.36 -22.41
CA LEU B 151 4.75 4.01 -22.62
C LEU B 151 4.97 3.43 -24.01
N ILE B 152 4.06 2.57 -24.45
CA ILE B 152 4.20 1.95 -25.77
C ILE B 152 4.09 3.00 -26.88
N LEU B 153 3.16 3.95 -26.72
CA LEU B 153 3.05 5.03 -27.71
C LEU B 153 4.36 5.80 -27.83
N GLY B 154 4.94 6.17 -26.69
CA GLY B 154 6.19 6.91 -26.73
C GLY B 154 7.33 6.11 -27.33
N ALA B 155 7.44 4.83 -26.96
CA ALA B 155 8.49 3.99 -27.51
C ALA B 155 8.35 3.82 -29.02
N LEU B 156 7.12 3.68 -29.49
CA LEU B 156 6.89 3.58 -30.93
C LEU B 156 7.32 4.86 -31.64
N ARG B 157 7.03 6.02 -31.03
CA ARG B 157 7.46 7.27 -31.65
C ARG B 157 8.98 7.35 -31.72
N VAL B 158 9.66 6.93 -30.66
CA VAL B 158 11.13 6.96 -30.68
C VAL B 158 11.66 6.05 -31.78
N ASN B 159 11.10 4.84 -31.89
CA ASN B 159 11.53 3.92 -32.93
C ASN B 159 11.31 4.50 -34.32
N TRP B 160 10.15 5.13 -34.54
CA TRP B 160 9.82 5.65 -35.85
C TRP B 160 10.56 6.94 -36.18
N ALA B 161 11.09 7.63 -35.17
CA ALA B 161 11.87 8.83 -35.43
C ALA B 161 13.34 8.52 -35.66
N VAL B 162 13.95 7.68 -34.82
CA VAL B 162 15.34 7.31 -35.01
C VAL B 162 15.50 6.51 -36.29
N GLY B 163 14.57 5.59 -36.55
CA GLY B 163 14.64 4.73 -37.72
C GLY B 163 15.10 3.32 -37.42
N ILE B 164 15.61 3.06 -36.22
CA ILE B 164 16.06 1.74 -35.82
C ILE B 164 15.18 1.27 -34.66
N GLN B 165 14.95 -0.03 -34.60
CA GLN B 165 14.14 -0.60 -33.52
C GLN B 165 15.05 -0.78 -32.31
N LEU B 166 15.03 0.19 -31.40
CA LEU B 166 15.76 0.08 -30.15
C LEU B 166 14.87 -0.21 -28.96
N PHE B 167 13.56 -0.26 -29.17
CA PHE B 167 12.59 -0.59 -28.12
C PHE B 167 11.81 -1.82 -28.56
N ASP B 168 12.10 -2.95 -27.94
CA ASP B 168 11.39 -4.20 -28.17
C ASP B 168 10.76 -4.59 -26.84
N TYR B 169 9.44 -4.47 -26.74
CA TYR B 169 8.79 -4.58 -25.45
C TYR B 169 7.99 -5.85 -25.25
N THR B 170 7.52 -6.48 -26.31
CA THR B 170 6.64 -7.63 -26.16
C THR B 170 7.45 -8.92 -26.08
N GLY B 171 7.00 -9.81 -25.21
CA GLY B 171 7.73 -11.03 -24.95
C GLY B 171 8.76 -10.86 -23.86
N GLU B 172 9.68 -11.82 -23.82
CA GLU B 172 10.77 -11.83 -22.86
C GLU B 172 12.13 -11.92 -23.50
N THR B 173 12.22 -12.47 -24.70
CA THR B 173 13.51 -12.46 -25.43
C THR B 173 13.14 -12.38 -26.90
N SER B 174 14.06 -11.98 -27.78
CA SER B 174 13.68 -11.74 -29.18
C SER B 174 13.28 -13.05 -29.84
N PRO B 175 12.07 -13.12 -30.43
CA PRO B 175 11.61 -14.37 -31.00
C PRO B 175 12.59 -14.69 -32.12
N GLY B 176 13.38 -15.75 -31.95
CA GLY B 176 14.40 -16.12 -32.95
C GLY B 176 15.73 -15.44 -32.67
N VAL B 177 15.99 -15.09 -31.40
CA VAL B 177 17.31 -14.48 -31.04
C VAL B 177 18.42 -15.43 -31.52
N ALA B 178 19.42 -14.89 -32.22
CA ALA B 178 20.48 -15.76 -32.80
C ALA B 178 21.62 -15.93 -31.79
N GLY B 179 22.82 -16.26 -32.27
CA GLY B 179 23.96 -16.55 -31.37
C GLY B 179 24.38 -15.44 -30.44
N GLY B 180 25.22 -15.77 -29.47
CA GLY B 180 25.72 -14.78 -28.51
C GLY B 180 25.70 -15.38 -27.12
N VAL B 181 26.40 -14.75 -26.20
CA VAL B 181 26.30 -15.19 -24.79
C VAL B 181 26.08 -13.89 -24.05
N TRP B 182 26.48 -12.84 -24.75
CA TRP B 182 26.35 -11.44 -24.31
C TRP B 182 25.07 -10.97 -24.99
N ASP B 183 25.02 -11.20 -26.28
CA ASP B 183 23.86 -10.73 -27.10
C ASP B 183 22.60 -11.34 -26.49
N ARG B 184 22.74 -12.31 -25.59
CA ARG B 184 21.56 -12.76 -24.88
C ARG B 184 21.19 -11.78 -23.77
N LEU B 185 22.20 -11.35 -23.00
CA LEU B 185 21.94 -10.41 -21.92
C LEU B 185 21.49 -9.06 -22.45
N GLY B 186 22.08 -8.64 -23.58
CA GLY B 186 21.60 -7.42 -24.23
C GLY B 186 20.13 -7.51 -24.58
N ASP B 187 19.72 -8.65 -25.14
CA ASP B 187 18.31 -8.84 -25.48
C ASP B 187 17.41 -8.83 -24.25
N ARG B 188 17.82 -9.51 -23.19
CA ARG B 188 16.99 -9.55 -21.97
C ARG B 188 16.81 -8.15 -21.40
N LEU B 189 17.90 -7.39 -21.30
CA LEU B 189 17.78 -6.06 -20.74
C LEU B 189 17.04 -5.11 -21.68
N GLN B 190 17.12 -5.34 -22.98
CA GLN B 190 16.32 -4.56 -23.91
C GLN B 190 14.83 -4.80 -23.70
N HIS B 191 14.45 -6.06 -23.43
CA HIS B 191 13.05 -6.36 -23.23
C HIS B 191 12.54 -5.97 -21.85
N LEU B 192 13.44 -5.74 -20.90
CA LEU B 192 12.97 -5.38 -19.56
C LEU B 192 12.68 -3.89 -19.38
N ILE B 193 12.92 -3.05 -20.39
CA ILE B 193 12.93 -1.61 -20.15
C ILE B 193 11.52 -1.09 -19.84
N LEU B 194 10.53 -1.47 -20.64
CA LEU B 194 9.19 -0.93 -20.49
C LEU B 194 8.40 -1.58 -19.36
N PRO B 195 8.41 -2.92 -19.21
CA PRO B 195 7.73 -3.50 -18.04
C PRO B 195 8.27 -2.96 -16.73
N SER B 196 9.58 -2.78 -16.64
CA SER B 196 10.17 -2.21 -15.44
C SER B 196 9.73 -0.78 -15.24
N LEU B 197 9.59 -0.01 -16.32
CA LEU B 197 9.11 1.36 -16.18
C LEU B 197 7.70 1.41 -15.62
N THR B 198 6.82 0.55 -16.12
CA THR B 198 5.46 0.51 -15.59
C THR B 198 5.46 0.18 -14.11
N LEU B 199 6.16 -0.90 -13.74
CA LEU B 199 6.17 -1.33 -12.34
C LEU B 199 6.81 -0.26 -11.45
N ALA B 200 7.87 0.38 -11.93
CA ALA B 200 8.58 1.38 -11.14
C ALA B 200 7.73 2.63 -10.95
N LEU B 201 6.98 3.04 -11.98
CA LEU B 201 6.10 4.18 -11.80
C LEU B 201 5.06 3.89 -10.72
N ALA B 202 4.44 2.72 -10.78
CA ALA B 202 3.44 2.38 -9.76
C ALA B 202 4.06 2.37 -8.37
N ALA B 203 5.22 1.71 -8.24
CA ALA B 203 5.84 1.57 -6.92
C ALA B 203 6.30 2.91 -6.36
N ALA B 204 6.95 3.73 -7.19
CA ALA B 204 7.42 5.03 -6.72
C ALA B 204 6.26 5.91 -6.31
N ALA B 205 5.19 5.92 -7.12
CA ALA B 205 4.03 6.74 -6.77
C ALA B 205 3.43 6.31 -5.44
N GLY B 206 3.27 5.00 -5.24
CA GLY B 206 2.70 4.54 -3.98
C GLY B 206 3.59 4.82 -2.79
N PHE B 207 4.90 4.58 -2.93
CA PHE B 207 5.81 4.69 -1.81
C PHE B 207 6.10 6.13 -1.41
N SER B 208 6.04 7.07 -2.37
CA SER B 208 6.43 8.44 -2.07
C SER B 208 5.46 9.08 -1.08
N ARG B 209 4.17 8.79 -1.21
CA ARG B 209 3.19 9.39 -0.29
C ARG B 209 3.44 8.91 1.14
N TYR B 210 3.65 7.60 1.30
CA TYR B 210 3.93 7.06 2.61
C TYR B 210 5.21 7.64 3.20
N GLN B 211 6.25 7.71 2.36
CA GLN B 211 7.56 8.26 2.84
C GLN B 211 7.35 9.72 3.27
N ARG B 212 6.64 10.50 2.47
CA ARG B 212 6.41 11.91 2.77
C ARG B 212 5.75 12.06 4.14
N ASN B 213 4.67 11.32 4.36
CA ASN B 213 3.96 11.46 5.62
C ASN B 213 4.77 10.94 6.80
N ALA B 214 5.57 9.90 6.59
CA ALA B 214 6.41 9.39 7.67
C ALA B 214 7.54 10.33 8.02
N MET B 215 8.08 11.03 7.02
CA MET B 215 9.21 11.94 7.26
C MET B 215 8.76 13.24 7.92
N LEU B 216 7.55 13.72 7.60
CA LEU B 216 7.09 14.95 8.21
C LEU B 216 7.02 14.87 9.73
N ASP B 217 6.91 13.67 10.30
CA ASP B 217 6.86 13.54 11.75
C ASP B 217 8.22 13.72 12.40
N VAL B 218 9.29 13.32 11.72
CA VAL B 218 10.64 13.42 12.26
C VAL B 218 11.36 14.65 11.72
N LEU B 219 10.67 15.49 10.96
CA LEU B 219 11.32 16.68 10.41
C LEU B 219 11.81 17.64 11.49
N GLY B 220 10.97 17.94 12.48
CA GLY B 220 11.27 19.05 13.37
C GLY B 220 11.86 18.69 14.71
N GLN B 221 12.37 17.47 14.87
CA GLN B 221 12.81 16.99 16.16
C GLN B 221 14.19 17.56 16.51
N ASP B 222 14.75 17.10 17.63
CA ASP B 222 15.94 17.69 18.22
C ASP B 222 17.23 17.00 17.82
N PHE B 223 17.21 15.69 17.61
CA PHE B 223 18.44 15.02 17.23
C PHE B 223 18.96 15.50 15.88
N ILE B 224 18.08 16.01 15.03
CA ILE B 224 18.54 16.65 13.80
C ILE B 224 19.33 17.91 14.13
N ARG B 225 18.88 18.68 15.11
CA ARG B 225 19.61 19.87 15.52
C ARG B 225 20.99 19.50 16.05
N THR B 226 21.08 18.45 16.86
CA THR B 226 22.41 18.10 17.39
C THR B 226 23.30 17.48 16.32
N ALA B 227 22.70 16.76 15.36
CA ALA B 227 23.47 16.30 14.22
C ALA B 227 24.05 17.46 13.44
N ARG B 228 23.25 18.51 13.24
CA ARG B 228 23.77 19.71 12.57
C ARG B 228 24.84 20.40 13.41
N ALA B 229 24.72 20.33 14.73
CA ALA B 229 25.74 20.91 15.59
C ALA B 229 27.03 20.09 15.60
N LYS B 230 26.99 18.84 15.17
CA LYS B 230 28.23 18.11 14.97
C LYS B 230 29.06 18.72 13.85
N GLY B 231 28.40 19.30 12.84
CA GLY B 231 29.09 19.84 11.68
C GLY B 231 28.50 19.32 10.39
N LEU B 232 27.35 18.64 10.48
CA LEU B 232 26.69 18.11 9.31
C LEU B 232 25.88 19.18 8.61
N THR B 233 25.92 19.18 7.28
CA THR B 233 25.05 20.04 6.50
C THR B 233 23.60 19.66 6.75
N ARG B 234 22.69 20.64 6.59
CA ARG B 234 21.28 20.39 6.84
C ARG B 234 20.76 19.23 6.00
N ARG B 235 21.20 19.16 4.74
CA ARG B 235 20.80 18.05 3.87
C ARG B 235 21.29 16.72 4.43
N ARG B 236 22.58 16.65 4.75
CA ARG B 236 23.13 15.40 5.25
C ARG B 236 22.56 15.02 6.60
N ALA B 237 22.37 16.00 7.49
CA ALA B 237 21.75 15.69 8.77
C ALA B 237 20.36 15.12 8.57
N LEU B 238 19.55 15.78 7.75
CA LEU B 238 18.19 15.31 7.52
C LEU B 238 18.19 13.89 6.98
N LEU B 239 18.98 13.63 5.93
CA LEU B 239 19.01 12.26 5.43
C LEU B 239 19.52 11.31 6.51
N LYS B 240 20.80 11.43 6.87
CA LYS B 240 21.48 10.44 7.70
C LYS B 240 20.75 10.14 9.00
N HIS B 241 20.09 11.14 9.60
CA HIS B 241 19.42 10.92 10.86
C HIS B 241 17.91 10.86 10.74
N GLY B 242 17.29 11.88 10.15
CA GLY B 242 15.84 11.88 10.04
C GLY B 242 15.29 10.77 9.17
N LEU B 243 15.89 10.55 8.00
CA LEU B 243 15.37 9.50 7.13
C LEU B 243 15.61 8.11 7.74
N ARG B 244 16.78 7.95 8.35
CA ARG B 244 17.08 6.71 9.06
C ARG B 244 16.05 6.43 10.13
N THR B 245 15.58 7.47 10.82
CA THR B 245 14.51 7.28 11.80
C THR B 245 13.18 7.02 11.11
N ALA B 246 12.92 7.68 9.99
CA ALA B 246 11.62 7.61 9.35
C ALA B 246 11.36 6.28 8.64
N LEU B 247 12.39 5.49 8.38
CA LEU B 247 12.18 4.26 7.62
C LEU B 247 11.38 3.18 8.36
N ILE B 248 11.14 3.33 9.66
CA ILE B 248 10.57 2.21 10.43
C ILE B 248 9.21 1.77 9.93
N PRO B 249 8.25 2.67 9.65
CA PRO B 249 6.96 2.20 9.11
C PRO B 249 7.06 1.56 7.73
N MET B 250 8.14 1.80 6.99
CA MET B 250 8.24 1.35 5.60
C MET B 250 8.85 -0.04 5.47
N ALA B 251 9.37 -0.59 6.56
CA ALA B 251 9.85 -1.96 6.55
C ALA B 251 8.75 -2.91 6.13
N THR B 252 7.59 -2.74 6.74
CA THR B 252 6.42 -3.58 6.43
C THR B 252 6.10 -3.39 4.96
N LEU B 253 5.79 -2.17 4.54
CA LEU B 253 5.38 -1.96 3.14
C LEU B 253 6.32 -2.73 2.24
N PHE B 254 7.63 -2.61 2.40
CA PHE B 254 8.54 -3.30 1.46
C PHE B 254 8.41 -4.82 1.60
N ALA B 255 8.75 -5.38 2.76
CA ALA B 255 8.61 -6.83 3.00
C ALA B 255 7.29 -7.38 2.43
N TYR B 256 6.26 -6.55 2.29
CA TYR B 256 5.05 -7.12 1.66
C TYR B 256 5.09 -6.73 0.19
N GLY B 257 6.02 -5.83 -0.19
CA GLY B 257 6.25 -5.61 -1.59
C GLY B 257 7.15 -6.63 -2.23
N VAL B 258 7.77 -7.47 -1.40
CA VAL B 258 8.39 -8.69 -1.91
C VAL B 258 7.31 -9.70 -2.31
N ALA B 259 6.18 -9.72 -1.60
CA ALA B 259 5.07 -10.61 -1.87
C ALA B 259 3.85 -9.80 -2.33
N GLY B 260 2.74 -10.49 -2.55
CA GLY B 260 1.50 -9.84 -2.93
C GLY B 260 1.44 -9.45 -4.40
N LEU B 261 2.52 -8.87 -4.89
CA LEU B 261 2.60 -8.47 -6.29
C LEU B 261 2.87 -9.63 -7.23
N VAL B 262 3.33 -10.78 -6.72
CA VAL B 262 3.63 -11.90 -7.62
C VAL B 262 2.43 -12.20 -8.48
N THR B 263 1.25 -12.28 -7.87
CA THR B 263 0.01 -12.55 -8.57
C THR B 263 -0.73 -11.29 -9.00
N GLY B 264 -0.27 -10.11 -8.60
CA GLY B 264 -0.95 -8.87 -8.92
C GLY B 264 -0.37 -8.09 -10.07
N ALA B 265 0.59 -8.64 -10.81
CA ALA B 265 1.15 -8.01 -11.99
C ALA B 265 0.44 -8.47 -13.25
N VAL B 266 -0.75 -9.05 -13.11
CA VAL B 266 -1.45 -9.67 -14.24
C VAL B 266 -1.47 -8.71 -15.43
N PHE B 267 -1.80 -7.44 -15.18
CA PHE B 267 -1.96 -6.48 -16.27
C PHE B 267 -0.64 -6.07 -16.90
N VAL B 268 0.48 -6.15 -16.17
CA VAL B 268 1.77 -5.87 -16.79
C VAL B 268 2.17 -7.01 -17.72
N GLU B 269 1.82 -8.24 -17.35
CA GLU B 269 2.12 -9.39 -18.18
C GLU B 269 1.08 -9.61 -19.27
N LYS B 270 -0.01 -8.84 -19.27
CA LYS B 270 -0.94 -8.90 -20.39
C LYS B 270 -0.41 -8.13 -21.58
N ILE B 271 -0.06 -6.86 -21.37
CA ILE B 271 0.33 -6.01 -22.49
C ILE B 271 1.67 -6.43 -23.08
N PHE B 272 2.59 -6.91 -22.25
CA PHE B 272 3.94 -7.14 -22.73
C PHE B 272 4.22 -8.61 -23.05
N GLY B 273 3.25 -9.49 -22.87
CA GLY B 273 3.40 -10.85 -23.32
C GLY B 273 4.32 -11.70 -22.49
N TRP B 274 4.43 -11.42 -21.19
CA TRP B 274 5.08 -12.32 -20.24
C TRP B 274 4.04 -13.27 -19.67
N HIS B 275 4.50 -14.42 -19.20
CA HIS B 275 3.60 -15.48 -18.73
C HIS B 275 4.07 -15.99 -17.38
N GLY B 276 3.56 -15.40 -16.30
CA GLY B 276 3.78 -16.02 -15.01
C GLY B 276 3.03 -15.47 -13.82
N MET B 277 2.32 -16.34 -13.12
CA MET B 277 1.82 -16.11 -11.77
C MET B 277 0.77 -15.01 -11.67
N GLY B 278 0.59 -14.24 -12.72
CA GLY B 278 -0.53 -13.32 -12.76
C GLY B 278 -1.47 -13.79 -13.83
N GLU B 279 -0.88 -14.28 -14.91
CA GLU B 279 -1.64 -14.99 -15.92
C GLU B 279 -2.20 -16.28 -15.37
N TRP B 280 -1.42 -16.97 -14.55
CA TRP B 280 -1.79 -18.31 -14.12
C TRP B 280 -2.97 -18.28 -13.15
N MET B 281 -3.05 -17.26 -12.30
CA MET B 281 -4.18 -17.15 -11.40
C MET B 281 -5.47 -16.87 -12.17
N VAL B 282 -5.41 -15.91 -13.10
CA VAL B 282 -6.57 -15.58 -13.91
C VAL B 282 -6.99 -16.78 -14.74
N ARG B 283 -6.01 -17.54 -15.25
CA ARG B 283 -6.32 -18.75 -16.00
C ARG B 283 -6.96 -19.80 -15.12
N GLY B 284 -6.45 -19.97 -13.90
CA GLY B 284 -7.07 -20.92 -12.99
C GLY B 284 -8.53 -20.57 -12.74
N ILE B 285 -8.81 -19.30 -12.49
CA ILE B 285 -10.19 -18.89 -12.24
C ILE B 285 -11.05 -19.06 -13.49
N SER B 286 -10.56 -18.59 -14.63
CA SER B 286 -11.38 -18.58 -15.84
C SER B 286 -11.65 -19.99 -16.37
N THR B 287 -10.71 -20.89 -16.11
CA THR B 287 -10.82 -22.30 -16.54
C THR B 287 -11.42 -23.15 -15.42
N GLN B 288 -11.65 -22.56 -14.23
CA GLN B 288 -12.29 -23.24 -13.10
C GLN B 288 -11.45 -24.45 -12.66
N ASP B 289 -10.20 -24.18 -12.34
CA ASP B 289 -9.24 -25.20 -11.95
C ASP B 289 -8.94 -25.08 -10.48
N THR B 290 -9.13 -26.16 -9.73
CA THR B 290 -8.82 -26.13 -8.30
C THR B 290 -7.39 -26.54 -8.00
N ASN B 291 -6.79 -27.38 -8.85
CA ASN B 291 -5.39 -27.75 -8.65
C ASN B 291 -4.46 -26.57 -8.87
N ILE B 292 -4.72 -25.79 -9.93
CA ILE B 292 -3.89 -24.61 -10.19
C ILE B 292 -3.97 -23.65 -9.02
N VAL B 293 -5.19 -23.35 -8.57
CA VAL B 293 -5.36 -22.38 -7.50
C VAL B 293 -4.72 -22.89 -6.21
N ALA B 294 -4.90 -24.17 -5.90
CA ALA B 294 -4.30 -24.70 -4.68
C ALA B 294 -2.78 -24.62 -4.72
N ALA B 295 -2.19 -25.01 -5.85
CA ALA B 295 -0.74 -24.93 -6.00
C ALA B 295 -0.25 -23.49 -5.97
N ILE B 296 -1.11 -22.52 -6.28
CA ILE B 296 -0.68 -21.14 -6.20
C ILE B 296 -0.79 -20.61 -4.77
N THR B 297 -1.86 -20.96 -4.05
CA THR B 297 -1.98 -20.50 -2.68
C THR B 297 -0.88 -21.09 -1.81
N VAL B 298 -0.45 -22.32 -2.09
CA VAL B 298 0.63 -22.90 -1.28
C VAL B 298 1.89 -22.04 -1.39
N PHE B 299 2.28 -21.69 -2.61
CA PHE B 299 3.51 -20.92 -2.80
C PHE B 299 3.36 -19.48 -2.32
N SER B 300 2.23 -18.85 -2.64
CA SER B 300 2.01 -17.47 -2.20
C SER B 300 1.94 -17.38 -0.69
N GLY B 301 1.36 -18.38 -0.03
CA GLY B 301 1.43 -18.43 1.42
C GLY B 301 2.83 -18.65 1.93
N ALA B 302 3.58 -19.57 1.30
CA ALA B 302 4.95 -19.79 1.73
C ALA B 302 5.80 -18.55 1.57
N VAL B 303 5.37 -17.59 0.76
CA VAL B 303 6.12 -16.33 0.66
C VAL B 303 5.58 -15.28 1.62
N VAL B 304 4.25 -15.11 1.69
CA VAL B 304 3.65 -14.11 2.57
C VAL B 304 3.79 -14.48 4.04
N LEU B 305 4.19 -15.69 4.36
CA LEU B 305 4.45 -16.05 5.74
C LEU B 305 5.91 -15.88 6.13
N LEU B 306 6.83 -16.07 5.19
CA LEU B 306 8.23 -15.77 5.45
C LEU B 306 8.55 -14.31 5.17
N ALA B 307 7.55 -13.52 4.77
CA ALA B 307 7.62 -12.07 4.81
C ALA B 307 6.97 -11.52 6.08
N GLY B 308 6.67 -12.36 7.06
CA GLY B 308 6.18 -11.92 8.35
C GLY B 308 7.19 -12.24 9.44
N LEU B 309 8.24 -12.94 9.06
CA LEU B 309 9.41 -13.17 9.89
C LEU B 309 10.48 -12.12 9.61
N LEU B 310 10.80 -11.95 8.32
CA LEU B 310 11.69 -10.89 7.89
C LEU B 310 11.19 -9.54 8.37
N SER B 311 9.87 -9.36 8.44
CA SER B 311 9.31 -8.08 8.87
C SER B 311 9.65 -7.77 10.32
N ASP B 312 9.43 -8.73 11.23
CA ASP B 312 9.77 -8.48 12.62
C ASP B 312 11.27 -8.30 12.80
N VAL B 313 12.07 -9.07 12.06
CA VAL B 313 13.52 -8.93 12.16
C VAL B 313 13.94 -7.52 11.76
N ILE B 314 13.45 -7.06 10.62
CA ILE B 314 13.86 -5.71 10.13
C ILE B 314 13.32 -4.64 11.09
N TYR B 315 12.22 -4.91 11.79
CA TYR B 315 11.65 -3.86 12.66
C TYR B 315 12.55 -3.63 13.87
N ALA B 316 13.12 -4.69 14.42
CA ALA B 316 13.92 -4.49 15.64
C ALA B 316 15.34 -4.18 15.21
N ALA B 317 15.61 -4.24 13.92
CA ALA B 317 16.95 -3.79 13.48
C ALA B 317 16.83 -2.30 13.25
N LEU B 318 15.79 -1.90 12.54
CA LEU B 318 15.64 -0.49 12.23
C LEU B 318 15.47 0.35 13.49
N ASP B 319 14.78 -0.18 14.48
CA ASP B 319 14.51 0.53 15.73
C ASP B 319 14.90 -0.32 16.92
N PRO B 320 15.95 0.04 17.66
CA PRO B 320 16.34 -0.77 18.82
C PRO B 320 15.39 -0.65 20.00
N ARG B 321 14.48 0.33 19.99
CA ARG B 321 13.60 0.51 21.13
C ARG B 321 12.48 -0.53 21.16
N VAL B 322 12.26 -1.26 20.06
CA VAL B 322 11.24 -2.29 20.04
C VAL B 322 11.84 -3.59 20.59
N ARG B 323 11.88 -3.72 21.91
CA ARG B 323 12.38 -4.98 22.44
C ARG B 323 11.30 -6.05 22.30
N VAL B 324 11.02 -6.44 21.05
CA VAL B 324 10.00 -7.44 20.74
C VAL B 324 10.62 -8.73 20.23
N SER B 325 11.41 -8.65 19.17
CA SER B 325 12.00 -9.81 18.51
C SER B 325 12.96 -9.35 17.41
N MET C 1 -11.94 28.39 35.51
CA MET C 1 -11.11 28.43 34.30
C MET C 1 -10.94 29.88 33.86
N THR C 2 -10.62 30.09 32.59
CA THR C 2 -10.65 31.47 32.04
C THR C 2 -11.01 31.15 30.58
N GLU C 3 -10.10 30.56 29.81
CA GLU C 3 -10.33 30.28 28.37
C GLU C 3 -9.67 28.96 27.99
N PHE C 4 -9.94 27.85 28.72
CA PHE C 4 -9.17 26.60 28.46
C PHE C 4 -9.79 25.83 27.30
N ALA C 5 -8.98 25.42 26.34
CA ALA C 5 -9.52 24.73 25.15
C ALA C 5 -8.94 23.33 25.04
N SER C 6 -9.77 22.37 24.67
CA SER C 6 -9.34 20.99 24.56
C SER C 6 -8.39 20.83 23.38
N ARG C 7 -7.97 19.59 23.11
CA ARG C 7 -7.10 19.35 21.98
C ARG C 7 -7.86 19.36 20.66
N ARG C 8 -9.09 18.83 20.65
CA ARG C 8 -9.84 18.77 19.40
C ARG C 8 -10.33 20.14 18.97
N THR C 9 -10.63 21.03 19.92
CA THR C 9 -10.94 22.40 19.56
C THR C 9 -9.78 23.04 18.81
N LEU C 10 -8.57 22.87 19.35
CA LEU C 10 -7.38 23.40 18.69
C LEU C 10 -7.17 22.76 17.33
N VAL C 11 -7.43 21.46 17.23
CA VAL C 11 -7.23 20.76 15.95
C VAL C 11 -8.19 21.29 14.90
N VAL C 12 -9.45 21.52 15.27
CA VAL C 12 -10.42 22.03 14.31
C VAL C 12 -10.03 23.44 13.87
N ARG C 13 -9.66 24.29 14.83
CA ARG C 13 -9.24 25.64 14.48
C ARG C 13 -8.03 25.62 13.56
N ARG C 14 -7.07 24.73 13.82
CA ARG C 14 -5.89 24.64 12.99
C ARG C 14 -6.19 24.08 11.61
N PHE C 15 -7.16 23.17 11.51
CA PHE C 15 -7.47 22.59 10.20
C PHE C 15 -8.20 23.58 9.32
N LEU C 16 -9.10 24.38 9.87
CA LEU C 16 -9.89 25.26 9.02
C LEU C 16 -9.19 26.58 8.71
N ARG C 17 -7.95 26.77 9.14
CA ARG C 17 -7.17 27.93 8.72
C ARG C 17 -6.16 27.57 7.63
N ASN C 18 -6.24 26.36 7.08
CA ASN C 18 -5.49 25.97 5.90
C ASN C 18 -6.51 25.92 4.76
N ARG C 19 -6.49 26.94 3.91
CA ARG C 19 -7.60 27.16 2.98
C ARG C 19 -7.62 26.18 1.81
N ALA C 20 -6.48 25.59 1.45
CA ALA C 20 -6.50 24.57 0.41
C ALA C 20 -7.38 23.39 0.81
N ALA C 21 -7.22 22.93 2.06
CA ALA C 21 -7.98 21.78 2.54
C ALA C 21 -9.43 22.13 2.86
N VAL C 22 -9.72 23.39 3.20
CA VAL C 22 -11.11 23.79 3.38
C VAL C 22 -11.83 23.79 2.03
N ALA C 23 -11.20 24.40 1.02
CA ALA C 23 -11.79 24.43 -0.31
C ALA C 23 -11.96 23.03 -0.87
N SER C 24 -10.94 22.19 -0.76
CA SER C 24 -11.05 20.83 -1.26
C SER C 24 -11.59 19.88 -0.21
N LEU C 25 -12.61 20.34 0.45
CA LEU C 25 -13.60 19.56 1.18
C LEU C 25 -14.99 20.01 0.79
N ALA C 26 -15.17 21.32 0.63
CA ALA C 26 -16.41 21.79 0.04
C ALA C 26 -16.57 21.29 -1.39
N ALA C 27 -15.49 21.25 -2.17
CA ALA C 27 -15.58 20.72 -3.52
C ALA C 27 -15.94 19.24 -3.51
N LEU C 28 -15.25 18.47 -2.66
CA LEU C 28 -15.48 17.04 -2.56
C LEU C 28 -16.90 16.71 -2.16
N LEU C 29 -17.54 17.55 -1.35
CA LEU C 29 -18.90 17.29 -0.91
C LEU C 29 -19.96 18.06 -1.68
N LEU C 30 -19.56 18.95 -2.59
CA LEU C 30 -20.55 19.57 -3.48
C LEU C 30 -20.67 18.82 -4.78
N LEU C 31 -19.62 18.14 -5.23
CA LEU C 31 -19.83 17.28 -6.39
C LEU C 31 -20.47 15.95 -6.02
N PHE C 32 -20.58 15.64 -4.73
CA PHE C 32 -21.42 14.53 -4.30
C PHE C 32 -22.90 14.90 -4.37
N VAL C 33 -23.22 16.12 -3.95
CA VAL C 33 -24.58 16.62 -4.12
C VAL C 33 -24.92 16.75 -5.59
N SER C 34 -23.99 17.30 -6.38
CA SER C 34 -24.24 17.50 -7.81
C SER C 34 -24.34 16.19 -8.58
N ALA C 35 -23.93 15.07 -7.99
CA ALA C 35 -24.14 13.78 -8.63
C ALA C 35 -25.57 13.30 -8.51
N TYR C 36 -26.39 13.93 -7.67
CA TYR C 36 -27.81 13.60 -7.54
C TYR C 36 -28.73 14.74 -7.91
N ALA C 37 -28.33 16.00 -7.69
CA ALA C 37 -29.18 17.11 -8.07
C ALA C 37 -29.23 17.30 -9.58
N LEU C 38 -28.16 16.96 -10.27
CA LEU C 38 -28.04 17.18 -11.71
C LEU C 38 -28.72 16.12 -12.57
N PRO C 39 -28.64 14.82 -12.25
CA PRO C 39 -29.20 13.80 -13.15
C PRO C 39 -30.66 14.06 -13.48
N PRO C 40 -31.49 14.52 -12.53
CA PRO C 40 -32.81 15.01 -12.96
C PRO C 40 -32.81 16.49 -13.35
N LEU C 41 -31.81 16.93 -14.09
CA LEU C 41 -31.85 18.28 -14.64
C LEU C 41 -31.46 18.34 -16.11
N LEU C 42 -30.49 17.54 -16.53
CA LEU C 42 -29.84 17.67 -17.83
C LEU C 42 -30.70 17.04 -18.93
N PRO C 43 -30.46 17.42 -20.21
CA PRO C 43 -31.36 16.99 -21.29
C PRO C 43 -31.51 15.48 -21.42
N TYR C 44 -30.40 14.80 -21.63
CA TYR C 44 -30.40 13.36 -21.89
C TYR C 44 -30.17 12.61 -20.59
N SER C 45 -31.05 11.68 -20.27
CA SER C 45 -30.82 10.80 -19.14
C SER C 45 -29.75 9.77 -19.51
N TYR C 46 -29.20 9.11 -18.49
CA TYR C 46 -28.40 7.93 -18.79
C TYR C 46 -29.30 6.91 -19.48
N ASP C 47 -28.69 5.83 -19.96
CA ASP C 47 -29.34 4.74 -20.67
C ASP C 47 -30.39 5.20 -21.68
N ASP C 48 -30.20 6.39 -22.25
CA ASP C 48 -31.01 6.85 -23.38
C ASP C 48 -30.14 6.70 -24.63
N LEU C 49 -30.59 5.86 -25.56
CA LEU C 49 -29.80 5.51 -26.72
C LEU C 49 -30.17 6.41 -27.89
N ASP C 50 -29.18 7.13 -28.42
CA ASP C 50 -29.34 7.95 -29.61
C ASP C 50 -28.61 7.20 -30.73
N PHE C 51 -29.36 6.40 -31.48
CA PHE C 51 -28.78 5.69 -32.60
C PHE C 51 -28.38 6.61 -33.74
N ASN C 52 -28.83 7.86 -33.73
CA ASN C 52 -28.36 8.82 -34.72
C ASN C 52 -26.91 9.24 -34.44
N ALA C 53 -26.54 9.33 -33.16
CA ALA C 53 -25.26 9.90 -32.75
C ALA C 53 -24.46 8.86 -31.98
N LEU C 54 -23.71 8.04 -32.70
CA LEU C 54 -22.86 7.02 -32.09
C LEU C 54 -21.41 7.48 -32.12
N LEU C 55 -20.78 7.47 -30.94
CA LEU C 55 -19.37 7.83 -30.79
C LEU C 55 -19.08 9.21 -31.38
N GLN C 56 -19.68 10.21 -30.77
CA GLN C 56 -19.47 11.55 -31.28
C GLN C 56 -18.60 12.36 -30.32
N PRO C 57 -17.75 13.24 -30.86
CA PRO C 57 -16.97 14.13 -30.00
C PRO C 57 -17.88 15.10 -29.28
N PRO C 58 -17.43 15.67 -28.16
CA PRO C 58 -18.31 16.53 -27.36
C PRO C 58 -18.80 17.74 -28.16
N GLY C 59 -20.04 18.14 -27.91
CA GLY C 59 -20.65 19.18 -28.71
C GLY C 59 -21.77 19.93 -28.02
N THR C 60 -22.84 20.22 -28.77
CA THR C 60 -23.91 21.09 -28.29
C THR C 60 -24.99 20.31 -27.53
N LYS C 61 -25.58 19.30 -28.17
CA LYS C 61 -26.56 18.48 -27.47
C LYS C 61 -25.91 17.52 -26.50
N HIS C 62 -24.71 17.04 -26.81
CA HIS C 62 -23.97 16.09 -26.00
C HIS C 62 -22.70 16.79 -25.54
N TRP C 63 -22.75 17.38 -24.35
CA TRP C 63 -21.67 18.26 -23.90
C TRP C 63 -20.36 17.52 -23.70
N LEU C 64 -20.42 16.23 -23.35
CA LEU C 64 -19.22 15.42 -23.19
C LEU C 64 -19.20 14.22 -24.14
N GLY C 65 -19.84 14.36 -25.30
CA GLY C 65 -19.78 13.32 -26.30
C GLY C 65 -20.69 12.16 -25.98
N THR C 66 -20.67 11.17 -26.85
CA THR C 66 -21.48 9.98 -26.71
C THR C 66 -20.62 8.74 -26.57
N ASN C 67 -21.29 7.60 -26.53
CA ASN C 67 -20.70 6.29 -26.38
C ASN C 67 -20.84 5.52 -27.67
N ALA C 68 -20.42 4.25 -27.63
CA ALA C 68 -20.61 3.38 -28.80
C ALA C 68 -22.09 3.16 -29.08
N LEU C 69 -22.89 3.06 -28.02
CA LEU C 69 -24.33 2.86 -28.15
C LEU C 69 -25.10 4.16 -28.30
N GLY C 70 -24.44 5.31 -28.18
CA GLY C 70 -25.11 6.58 -28.26
C GLY C 70 -25.50 7.17 -26.92
N GLN C 71 -25.20 6.49 -25.82
CA GLN C 71 -25.54 7.01 -24.50
C GLN C 71 -24.76 8.28 -24.21
N ASP C 72 -25.46 9.28 -23.68
CA ASP C 72 -24.81 10.54 -23.33
C ASP C 72 -23.77 10.30 -22.25
N LEU C 73 -22.54 10.73 -22.52
CA LEU C 73 -21.45 10.41 -21.62
C LEU C 73 -21.54 11.17 -20.30
N LEU C 74 -22.04 12.40 -20.32
CA LEU C 74 -22.14 13.19 -19.10
C LEU C 74 -23.12 12.57 -18.11
N ALA C 75 -24.32 12.21 -18.58
CA ALA C 75 -25.28 11.56 -17.70
C ALA C 75 -24.74 10.24 -17.19
N GLN C 76 -24.08 9.49 -18.07
CA GLN C 76 -23.49 8.20 -17.69
C GLN C 76 -22.49 8.37 -16.55
N THR C 77 -21.59 9.35 -16.67
CA THR C 77 -20.57 9.51 -15.65
C THR C 77 -21.13 10.07 -14.37
N LEU C 78 -22.19 10.88 -14.44
CA LEU C 78 -22.85 11.31 -13.21
C LEU C 78 -23.42 10.12 -12.44
N ARG C 79 -24.14 9.24 -13.14
CA ARG C 79 -24.69 8.07 -12.47
C ARG C 79 -23.57 7.17 -11.94
N GLY C 80 -22.46 7.09 -12.68
CA GLY C 80 -21.33 6.32 -12.18
C GLY C 80 -20.75 6.90 -10.90
N MET C 81 -20.69 8.23 -10.82
CA MET C 81 -20.25 8.89 -9.60
C MET C 81 -21.11 8.49 -8.42
N GLN C 82 -22.43 8.49 -8.62
CA GLN C 82 -23.34 8.21 -7.50
C GLN C 82 -22.95 6.93 -6.76
N LYS C 83 -22.64 5.87 -7.50
CA LYS C 83 -22.31 4.60 -6.88
C LYS C 83 -20.85 4.56 -6.43
N SER C 84 -19.95 5.01 -7.30
CA SER C 84 -18.52 4.77 -7.06
C SER C 84 -17.99 5.67 -5.94
N MET C 85 -18.49 6.88 -5.80
CA MET C 85 -17.97 7.74 -4.73
C MET C 85 -18.42 7.25 -3.36
N LEU C 86 -19.67 6.81 -3.24
CA LEU C 86 -20.13 6.20 -2.01
C LEU C 86 -19.27 5.00 -1.65
N ILE C 87 -19.03 4.10 -2.61
CA ILE C 87 -18.25 2.92 -2.26
C ILE C 87 -16.82 3.32 -1.89
N GLY C 88 -16.24 4.30 -2.58
CA GLY C 88 -14.87 4.70 -2.26
C GLY C 88 -14.74 5.25 -0.85
N VAL C 89 -15.63 6.17 -0.48
CA VAL C 89 -15.56 6.75 0.86
C VAL C 89 -15.80 5.68 1.92
N CYS C 90 -16.78 4.81 1.71
CA CYS C 90 -17.07 3.78 2.71
C CYS C 90 -15.89 2.83 2.88
N VAL C 91 -15.27 2.39 1.79
CA VAL C 91 -14.14 1.48 1.91
C VAL C 91 -12.98 2.15 2.60
N ALA C 92 -12.68 3.41 2.26
CA ALA C 92 -11.58 4.10 2.92
C ALA C 92 -11.82 4.16 4.42
N VAL C 93 -13.01 4.59 4.83
CA VAL C 93 -13.30 4.75 6.25
C VAL C 93 -13.20 3.42 6.98
N ILE C 94 -13.84 2.38 6.45
CA ILE C 94 -13.89 1.11 7.16
C ILE C 94 -12.52 0.45 7.21
N SER C 95 -11.79 0.46 6.09
CA SER C 95 -10.47 -0.15 6.07
C SER C 95 -9.52 0.56 7.02
N THR C 96 -9.53 1.89 7.03
CA THR C 96 -8.66 2.61 7.95
C THR C 96 -9.05 2.36 9.40
N GLY C 97 -10.35 2.30 9.69
CA GLY C 97 -10.77 2.05 11.07
C GLY C 97 -10.34 0.68 11.56
N ILE C 98 -10.58 -0.35 10.74
CA ILE C 98 -10.21 -1.71 11.15
C ILE C 98 -8.70 -1.83 11.28
N ALA C 99 -7.94 -1.29 10.32
CA ALA C 99 -6.50 -1.36 10.41
C ALA C 99 -5.98 -0.66 11.65
N ALA C 100 -6.51 0.53 11.94
CA ALA C 100 -6.10 1.27 13.12
C ALA C 100 -6.36 0.49 14.39
N THR C 101 -7.60 -0.02 14.56
CA THR C 101 -7.91 -0.69 15.82
C THR C 101 -7.12 -1.99 15.96
N VAL C 102 -7.01 -2.79 14.90
CA VAL C 102 -6.31 -4.06 15.01
C VAL C 102 -4.83 -3.84 15.27
N GLY C 103 -4.20 -2.96 14.47
CA GLY C 103 -2.79 -2.71 14.66
C GLY C 103 -2.48 -2.11 16.03
N ALA C 104 -3.29 -1.14 16.47
CA ALA C 104 -3.04 -0.52 17.76
C ALA C 104 -3.22 -1.50 18.90
N ILE C 105 -4.30 -2.29 18.88
CA ILE C 105 -4.52 -3.23 19.97
C ILE C 105 -3.37 -4.24 20.03
N SER C 106 -3.05 -4.86 18.90
CA SER C 106 -2.03 -5.90 18.90
C SER C 106 -0.65 -5.33 19.23
N GLY C 107 -0.31 -4.17 18.68
CA GLY C 107 1.00 -3.60 18.95
C GLY C 107 1.16 -3.13 20.38
N TYR C 108 0.12 -2.50 20.94
CA TYR C 108 0.23 -1.95 22.28
C TYR C 108 0.20 -3.04 23.34
N PHE C 109 -0.55 -4.12 23.11
CA PHE C 109 -0.69 -5.08 24.20
C PHE C 109 0.37 -6.18 24.16
N GLY C 110 0.57 -6.80 23.01
CA GLY C 110 1.49 -7.91 22.99
C GLY C 110 0.89 -9.12 23.69
N GLY C 111 1.75 -10.10 23.95
CA GLY C 111 1.28 -11.32 24.57
C GLY C 111 0.35 -12.08 23.63
N TRP C 112 -0.69 -12.68 24.20
CA TRP C 112 -1.59 -13.48 23.38
C TRP C 112 -2.42 -12.62 22.43
N ARG C 113 -2.72 -11.38 22.81
CA ARG C 113 -3.52 -10.52 21.94
C ARG C 113 -2.82 -10.30 20.61
N ASP C 114 -1.53 -9.94 20.66
CA ASP C 114 -0.72 -9.82 19.45
C ASP C 114 -0.73 -11.11 18.65
N ARG C 115 -0.50 -12.23 19.33
CA ARG C 115 -0.33 -13.50 18.62
C ARG C 115 -1.60 -13.90 17.88
N THR C 116 -2.75 -13.83 18.55
CA THR C 116 -3.98 -14.25 17.89
C THR C 116 -4.42 -13.25 16.82
N LEU C 117 -4.26 -11.95 17.08
CA LEU C 117 -4.66 -10.98 16.06
C LEU C 117 -3.82 -11.13 14.80
N MET C 118 -2.50 -11.29 14.96
CA MET C 118 -1.66 -11.48 13.79
C MET C 118 -1.85 -12.85 13.17
N TRP C 119 -2.28 -13.84 13.94
CA TRP C 119 -2.68 -15.12 13.37
C TRP C 119 -3.85 -14.94 12.40
N VAL C 120 -4.87 -14.19 12.81
CA VAL C 120 -6.00 -13.93 11.93
C VAL C 120 -5.57 -13.11 10.72
N VAL C 121 -4.70 -12.12 10.93
CA VAL C 121 -4.24 -11.28 9.82
C VAL C 121 -3.50 -12.11 8.80
N ASP C 122 -2.56 -12.95 9.26
CA ASP C 122 -1.80 -13.79 8.34
C ASP C 122 -2.68 -14.83 7.67
N LEU C 123 -3.73 -15.29 8.35
CA LEU C 123 -4.70 -16.16 7.69
C LEU C 123 -5.41 -15.42 6.56
N LEU C 124 -5.79 -14.17 6.81
CA LEU C 124 -6.49 -13.40 5.79
C LEU C 124 -5.59 -13.01 4.63
N LEU C 125 -4.27 -12.98 4.84
CA LEU C 125 -3.38 -12.66 3.74
C LEU C 125 -3.09 -13.88 2.86
N VAL C 126 -2.94 -15.06 3.48
CA VAL C 126 -2.60 -16.25 2.71
C VAL C 126 -3.74 -16.66 1.81
N VAL C 127 -4.96 -16.72 2.35
CA VAL C 127 -6.10 -17.17 1.54
C VAL C 127 -6.32 -16.17 0.42
N PRO C 128 -6.52 -16.60 -0.81
CA PRO C 128 -6.66 -15.65 -1.91
C PRO C 128 -8.05 -15.04 -1.94
N SER C 129 -8.14 -13.79 -1.52
CA SER C 129 -9.38 -13.05 -1.64
C SER C 129 -9.70 -12.70 -3.08
N PHE C 130 -8.77 -12.94 -4.01
CA PHE C 130 -9.02 -12.62 -5.40
C PHE C 130 -10.12 -13.50 -5.99
N ILE C 131 -10.15 -14.78 -5.65
CA ILE C 131 -11.27 -15.60 -6.11
C ILE C 131 -12.55 -15.20 -5.40
N LEU C 132 -12.47 -14.93 -4.10
CA LEU C 132 -13.65 -14.52 -3.36
C LEU C 132 -14.21 -13.21 -3.89
N ILE C 133 -13.40 -12.39 -4.55
CA ILE C 133 -13.88 -11.15 -5.17
C ILE C 133 -14.19 -11.33 -6.65
N ALA C 134 -13.62 -12.34 -7.31
CA ALA C 134 -13.88 -12.55 -8.72
C ALA C 134 -15.17 -13.32 -8.96
N ILE C 135 -15.58 -14.14 -7.99
CA ILE C 135 -16.80 -14.94 -8.13
C ILE C 135 -17.99 -14.28 -7.46
N VAL C 136 -17.79 -13.64 -6.31
CA VAL C 136 -18.93 -13.06 -5.59
C VAL C 136 -19.43 -11.81 -6.29
N THR C 137 -18.52 -11.00 -6.82
CA THR C 137 -18.92 -9.73 -7.41
C THR C 137 -19.95 -9.88 -8.51
N PRO C 138 -19.82 -10.82 -9.46
CA PRO C 138 -20.91 -10.98 -10.45
C PRO C 138 -22.01 -11.92 -9.97
N ARG C 139 -22.76 -11.49 -8.95
CA ARG C 139 -23.87 -12.26 -8.43
C ARG C 139 -25.23 -11.60 -8.65
N THR C 140 -25.41 -10.38 -8.17
CA THR C 140 -26.72 -9.73 -8.24
C THR C 140 -26.54 -8.22 -8.33
N LYS C 141 -27.22 -7.61 -9.29
CA LYS C 141 -27.07 -6.18 -9.58
C LYS C 141 -28.11 -5.41 -8.78
N ASN C 142 -27.70 -4.91 -7.63
CA ASN C 142 -28.53 -4.10 -6.74
C ASN C 142 -27.57 -3.47 -5.73
N SER C 143 -28.13 -2.81 -4.71
CA SER C 143 -27.31 -2.37 -3.59
C SER C 143 -26.55 -3.55 -2.99
N ALA C 144 -27.10 -4.76 -3.11
CA ALA C 144 -26.45 -5.93 -2.55
C ALA C 144 -25.00 -6.03 -2.98
N ASN C 145 -24.71 -5.80 -4.26
CA ASN C 145 -23.33 -5.90 -4.71
C ASN C 145 -22.47 -4.80 -4.11
N ILE C 146 -22.93 -3.54 -4.16
CA ILE C 146 -22.18 -2.45 -3.57
C ILE C 146 -21.86 -2.83 -2.13
N MET C 147 -22.85 -3.40 -1.43
CA MET C 147 -22.63 -3.83 -0.05
C MET C 147 -21.64 -4.98 0.01
N PHE C 148 -21.94 -6.09 -0.68
CA PHE C 148 -21.03 -7.23 -0.60
C PHE C 148 -19.63 -6.83 -1.05
N LEU C 149 -19.54 -5.89 -2.00
CA LEU C 149 -18.24 -5.42 -2.43
C LEU C 149 -17.48 -4.78 -1.28
N VAL C 150 -18.06 -3.76 -0.63
CA VAL C 150 -17.36 -3.13 0.48
C VAL C 150 -17.03 -4.16 1.55
N LEU C 151 -17.97 -5.05 1.86
CA LEU C 151 -17.66 -6.05 2.87
C LEU C 151 -16.42 -6.85 2.49
N LEU C 152 -16.23 -7.15 1.21
CA LEU C 152 -15.05 -7.90 0.77
C LEU C 152 -13.80 -7.02 0.54
N LEU C 153 -13.94 -5.89 -0.15
CA LEU C 153 -12.81 -4.98 -0.36
C LEU C 153 -12.32 -4.40 0.95
N ALA C 154 -13.24 -3.98 1.83
CA ALA C 154 -12.90 -3.48 3.15
C ALA C 154 -12.42 -4.59 4.08
N GLY C 155 -12.99 -5.80 4.00
CA GLY C 155 -12.53 -6.86 4.87
C GLY C 155 -11.20 -7.46 4.45
N PHE C 156 -10.85 -7.37 3.18
CA PHE C 156 -9.59 -7.86 2.66
C PHE C 156 -8.75 -6.72 2.09
N GLY C 157 -8.73 -5.59 2.80
CA GLY C 157 -7.92 -4.47 2.37
C GLY C 157 -7.10 -3.87 3.49
N TRP C 158 -7.36 -4.31 4.71
CA TRP C 158 -6.80 -3.66 5.89
C TRP C 158 -5.59 -4.38 6.49
N MET C 159 -5.25 -5.58 5.98
CA MET C 159 -4.24 -6.40 6.64
C MET C 159 -2.87 -5.73 6.61
N ILE C 160 -2.49 -5.20 5.44
CA ILE C 160 -1.17 -4.59 5.29
C ILE C 160 -1.04 -3.36 6.18
N SER C 161 -2.06 -2.52 6.16
CA SER C 161 -2.06 -1.32 6.98
C SER C 161 -2.02 -1.67 8.47
N SER C 162 -2.71 -2.75 8.86
CA SER C 162 -2.65 -3.18 10.24
C SER C 162 -1.24 -3.58 10.64
N ARG C 163 -0.53 -4.27 9.74
CA ARG C 163 0.87 -4.60 10.05
C ARG C 163 1.70 -3.33 10.22
N MET C 164 1.51 -2.36 9.34
CA MET C 164 2.27 -1.10 9.44
C MET C 164 2.02 -0.42 10.78
N VAL C 165 0.75 -0.30 11.16
CA VAL C 165 0.40 0.38 12.40
C VAL C 165 0.94 -0.38 13.60
N ARG C 166 0.88 -1.71 13.57
CA ARG C 166 1.42 -2.50 14.67
C ARG C 166 2.91 -2.25 14.84
N GLY C 167 3.64 -2.22 13.73
CA GLY C 167 5.06 -1.93 13.81
C GLY C 167 5.34 -0.58 14.41
N MET C 168 4.58 0.44 14.01
CA MET C 168 4.79 1.77 14.59
C MET C 168 4.44 1.80 16.08
N THR C 169 3.40 1.06 16.47
CA THR C 169 2.95 1.08 17.85
C THR C 169 3.91 0.35 18.78
N MET C 170 4.62 -0.67 18.29
CA MET C 170 5.58 -1.34 19.15
C MET C 170 6.68 -0.38 19.61
N SER C 171 7.10 0.53 18.74
CA SER C 171 8.08 1.54 19.12
C SER C 171 7.44 2.65 19.94
N LEU C 172 6.19 3.00 19.61
CA LEU C 172 5.52 4.08 20.35
C LEU C 172 5.22 3.69 21.79
N ARG C 173 4.90 2.43 22.04
CA ARG C 173 4.52 1.98 23.37
C ARG C 173 5.70 1.84 24.31
N GLU C 174 6.93 2.01 23.80
CA GLU C 174 8.11 2.06 24.63
C GLU C 174 8.53 3.49 24.95
N ARG C 175 7.69 4.47 24.63
CA ARG C 175 7.99 5.84 24.94
C ARG C 175 7.92 6.08 26.44
N GLU C 176 8.13 7.33 26.81
CA GLU C 176 8.12 7.74 28.20
C GLU C 176 6.77 8.29 28.63
N PHE C 177 6.07 8.98 27.72
CA PHE C 177 4.75 9.51 28.06
C PHE C 177 3.68 8.43 28.07
N ILE C 178 3.85 7.37 27.28
CA ILE C 178 2.96 6.22 27.42
C ILE C 178 3.07 5.62 28.81
N ARG C 179 4.31 5.48 29.30
CA ARG C 179 4.52 4.99 30.65
C ARG C 179 3.92 5.94 31.68
N ALA C 180 4.08 7.24 31.49
CA ALA C 180 3.49 8.20 32.42
C ALA C 180 1.97 8.07 32.47
N ALA C 181 1.34 7.97 31.30
CA ALA C 181 -0.10 7.82 31.24
C ALA C 181 -0.54 6.55 31.96
N ARG C 182 0.19 5.44 31.77
CA ARG C 182 -0.13 4.22 32.49
C ARG C 182 0.02 4.42 34.00
N TYR C 183 1.03 5.18 34.42
CA TYR C 183 1.23 5.47 35.83
C TYR C 183 0.12 6.32 36.42
N MET C 184 -0.59 7.08 35.61
CA MET C 184 -1.62 7.98 36.13
C MET C 184 -3.02 7.39 36.12
N GLY C 185 -3.20 6.14 35.69
CA GLY C 185 -4.49 5.50 35.72
C GLY C 185 -5.30 5.61 34.45
N VAL C 186 -4.76 6.23 33.40
CA VAL C 186 -5.44 6.27 32.12
C VAL C 186 -5.70 4.84 31.65
N SER C 187 -6.94 4.56 31.28
CA SER C 187 -7.34 3.24 30.84
C SER C 187 -6.69 2.91 29.49
N SER C 188 -6.54 1.62 29.22
CA SER C 188 -5.81 1.25 28.02
C SER C 188 -6.51 1.63 26.72
N ARG C 189 -7.74 2.13 26.76
CA ARG C 189 -8.31 2.66 25.53
C ARG C 189 -8.23 4.17 25.45
N ARG C 190 -8.28 4.87 26.58
CA ARG C 190 -7.95 6.29 26.54
C ARG C 190 -6.50 6.48 26.13
N ILE C 191 -5.61 5.59 26.58
CA ILE C 191 -4.23 5.64 26.11
C ILE C 191 -4.17 5.47 24.60
N ILE C 192 -4.83 4.44 24.08
CA ILE C 192 -4.75 4.18 22.65
C ILE C 192 -5.30 5.37 21.87
N VAL C 193 -6.60 5.67 22.05
CA VAL C 193 -7.22 6.71 21.24
C VAL C 193 -6.81 8.13 21.61
N GLY C 194 -6.00 8.32 22.66
CA GLY C 194 -5.63 9.67 23.00
C GLY C 194 -4.15 9.96 22.86
N HIS C 195 -3.33 8.92 22.87
CA HIS C 195 -1.90 9.05 22.76
C HIS C 195 -1.31 8.25 21.61
N VAL C 196 -1.81 7.04 21.35
CA VAL C 196 -1.20 6.21 20.32
C VAL C 196 -1.71 6.62 18.94
N VAL C 197 -3.03 6.72 18.78
CA VAL C 197 -3.59 7.03 17.48
C VAL C 197 -3.17 8.41 16.98
N PRO C 198 -3.26 9.49 17.77
CA PRO C 198 -2.78 10.78 17.25
C PRO C 198 -1.31 10.80 16.90
N ASN C 199 -0.47 10.10 17.65
CA ASN C 199 0.96 10.07 17.34
C ASN C 199 1.30 9.14 16.18
N VAL C 200 0.35 8.32 15.75
CA VAL C 200 0.49 7.48 14.57
C VAL C 200 -0.38 7.95 13.43
N ALA C 201 -1.07 9.09 13.59
CA ALA C 201 -2.13 9.49 12.69
C ALA C 201 -1.63 10.03 11.36
N SER C 202 -0.35 10.37 11.24
CA SER C 202 0.13 10.92 9.98
C SER C 202 0.08 9.90 8.84
N ILE C 203 -0.02 8.62 9.16
CA ILE C 203 0.00 7.57 8.15
C ILE C 203 -1.40 6.99 7.97
N LEU C 204 -2.21 7.05 9.01
CA LEU C 204 -3.62 6.67 8.86
C LEU C 204 -4.31 7.55 7.83
N ILE C 205 -3.97 8.84 7.81
CA ILE C 205 -4.60 9.77 6.88
C ILE C 205 -4.23 9.41 5.44
N ILE C 206 -2.95 9.12 5.19
CA ILE C 206 -2.55 8.75 3.85
C ILE C 206 -3.17 7.43 3.46
N ASP C 207 -3.40 6.54 4.43
CA ASP C 207 -4.12 5.30 4.15
C ASP C 207 -5.53 5.59 3.66
N ALA C 208 -6.26 6.43 4.38
CA ALA C 208 -7.63 6.75 3.95
C ALA C 208 -7.63 7.37 2.56
N ALA C 209 -6.76 8.36 2.35
CA ALA C 209 -6.72 9.06 1.07
C ALA C 209 -6.40 8.12 -0.07
N LEU C 210 -5.42 7.24 0.12
CA LEU C 210 -5.03 6.34 -0.95
C LEU C 210 -6.06 5.24 -1.15
N ASN C 211 -6.71 4.79 -0.08
CA ASN C 211 -7.69 3.73 -0.21
C ASN C 211 -8.94 4.18 -0.94
N VAL C 212 -9.26 5.48 -0.93
CA VAL C 212 -10.34 5.94 -1.80
C VAL C 212 -10.10 5.52 -3.25
N ALA C 213 -8.97 5.95 -3.81
CA ALA C 213 -8.66 5.63 -5.20
C ALA C 213 -8.41 4.14 -5.40
N ALA C 214 -7.79 3.50 -4.41
CA ALA C 214 -7.55 2.06 -4.53
C ALA C 214 -8.85 1.29 -4.61
N ALA C 215 -9.85 1.67 -3.81
CA ALA C 215 -11.14 1.00 -3.85
C ALA C 215 -11.85 1.26 -5.16
N ILE C 216 -11.75 2.49 -5.69
CA ILE C 216 -12.41 2.76 -6.97
C ILE C 216 -11.75 1.97 -8.09
N LEU C 217 -10.43 1.81 -8.04
CA LEU C 217 -9.74 1.07 -9.10
C LEU C 217 -9.77 -0.45 -8.90
N ALA C 218 -10.12 -0.93 -7.72
CA ALA C 218 -10.27 -2.37 -7.56
C ALA C 218 -11.44 -2.89 -8.40
N GLU C 219 -12.51 -2.10 -8.51
CA GLU C 219 -13.65 -2.48 -9.32
C GLU C 219 -13.46 -2.22 -10.81
N THR C 220 -12.36 -1.58 -11.23
CA THR C 220 -12.02 -1.57 -12.65
C THR C 220 -11.07 -2.71 -13.00
N GLY C 221 -10.17 -3.05 -12.07
CA GLY C 221 -9.37 -4.25 -12.26
C GLY C 221 -10.24 -5.48 -12.40
N LEU C 222 -11.34 -5.52 -11.65
CA LEU C 222 -12.30 -6.60 -11.85
C LEU C 222 -12.89 -6.60 -13.26
N SER C 223 -13.26 -5.42 -13.78
CA SER C 223 -13.92 -5.36 -15.08
C SER C 223 -12.97 -5.65 -16.23
N PHE C 224 -11.67 -5.51 -16.01
CA PHE C 224 -10.72 -5.85 -17.07
C PHE C 224 -10.64 -7.34 -17.32
N LEU C 225 -10.89 -8.16 -16.30
CA LEU C 225 -10.79 -9.61 -16.41
C LEU C 225 -12.14 -10.28 -16.68
N GLY C 226 -13.21 -9.50 -16.82
CA GLY C 226 -14.53 -10.04 -17.08
C GLY C 226 -15.44 -10.08 -15.88
N PHE C 227 -14.90 -9.89 -14.68
CA PHE C 227 -15.71 -9.80 -13.47
C PHE C 227 -16.17 -8.35 -13.30
N GLY C 228 -16.68 -8.02 -12.12
CA GLY C 228 -17.04 -6.65 -11.83
C GLY C 228 -18.50 -6.36 -12.08
N ILE C 229 -18.86 -5.09 -11.88
CA ILE C 229 -20.24 -4.65 -12.02
C ILE C 229 -20.71 -4.87 -13.46
N GLN C 230 -21.92 -5.38 -13.58
CA GLN C 230 -22.46 -5.84 -14.84
C GLN C 230 -23.13 -4.73 -15.62
N PRO C 231 -23.30 -4.93 -16.92
CA PRO C 231 -23.73 -3.87 -17.84
C PRO C 231 -24.93 -3.07 -17.39
N PRO C 232 -26.04 -3.71 -16.96
CA PRO C 232 -27.27 -2.94 -16.78
C PRO C 232 -27.12 -1.73 -15.86
N ASP C 233 -26.26 -1.82 -14.85
CA ASP C 233 -25.99 -0.72 -13.94
C ASP C 233 -24.56 -0.24 -14.13
N VAL C 234 -24.35 1.07 -14.01
CA VAL C 234 -23.09 1.70 -14.37
C VAL C 234 -22.44 2.29 -13.13
N SER C 235 -21.12 2.17 -13.04
CA SER C 235 -20.33 2.80 -12.01
C SER C 235 -19.06 3.36 -12.64
N LEU C 236 -18.46 4.34 -11.98
CA LEU C 236 -17.31 5.03 -12.54
C LEU C 236 -16.19 4.06 -12.88
N GLY C 237 -16.01 3.02 -12.06
CA GLY C 237 -15.00 2.03 -12.36
C GLY C 237 -15.23 1.32 -13.68
N THR C 238 -16.49 0.94 -13.93
CA THR C 238 -16.80 0.29 -15.21
C THR C 238 -16.70 1.26 -16.37
N LEU C 239 -17.01 2.54 -16.16
CA LEU C 239 -16.84 3.53 -17.22
C LEU C 239 -15.38 3.65 -17.63
N ILE C 240 -14.48 3.73 -16.65
CA ILE C 240 -13.06 3.77 -16.98
C ILE C 240 -12.64 2.47 -17.64
N ALA C 241 -13.15 1.34 -17.15
CA ALA C 241 -12.77 0.05 -17.73
C ALA C 241 -13.17 -0.02 -19.21
N ASP C 242 -14.32 0.53 -19.56
CA ASP C 242 -14.73 0.56 -20.96
C ASP C 242 -14.04 1.66 -21.74
N GLY C 243 -13.45 2.63 -21.07
CA GLY C 243 -12.73 3.67 -21.77
C GLY C 243 -11.27 3.38 -22.08
N THR C 244 -10.59 2.61 -21.23
CA THR C 244 -9.14 2.45 -21.43
C THR C 244 -8.81 1.81 -22.77
N ALA C 245 -9.69 0.97 -23.28
CA ALA C 245 -9.44 0.39 -24.60
C ALA C 245 -9.36 1.49 -25.65
N SER C 246 -10.37 2.36 -25.70
CA SER C 246 -10.40 3.48 -26.63
C SER C 246 -9.84 4.75 -26.03
N ALA C 247 -8.89 4.63 -25.10
CA ALA C 247 -8.25 5.81 -24.55
C ALA C 247 -7.47 6.58 -25.60
N THR C 248 -7.05 5.92 -26.68
CA THR C 248 -6.27 6.55 -27.73
C THR C 248 -7.11 6.95 -28.93
N ALA C 249 -7.99 6.06 -29.40
CA ALA C 249 -8.75 6.33 -30.60
C ALA C 249 -9.83 7.37 -30.35
N PHE C 250 -10.57 7.24 -29.25
CA PHE C 250 -11.67 8.14 -28.90
C PHE C 250 -11.44 8.62 -27.48
N PRO C 251 -10.61 9.65 -27.30
CA PRO C 251 -10.13 9.99 -25.96
C PRO C 251 -11.22 10.42 -24.98
N TRP C 252 -12.28 11.09 -25.44
CA TRP C 252 -13.24 11.65 -24.50
C TRP C 252 -13.86 10.56 -23.62
N VAL C 253 -14.15 9.40 -24.23
CA VAL C 253 -14.82 8.31 -23.54
C VAL C 253 -14.03 7.88 -22.32
N PHE C 254 -12.71 7.86 -22.43
CA PHE C 254 -11.88 7.52 -21.28
C PHE C 254 -11.53 8.75 -20.45
N LEU C 255 -11.31 9.89 -21.10
CA LEU C 255 -10.75 11.04 -20.40
C LEU C 255 -11.71 11.58 -19.35
N PHE C 256 -12.98 11.80 -19.70
CA PHE C 256 -13.83 12.51 -18.75
C PHE C 256 -14.09 11.71 -17.47
N PRO C 257 -14.52 10.44 -17.50
CA PRO C 257 -14.64 9.68 -16.24
C PRO C 257 -13.33 9.59 -15.45
N ALA C 258 -12.21 9.42 -16.15
CA ALA C 258 -10.93 9.32 -15.47
C ALA C 258 -10.50 10.64 -14.85
N SER C 259 -10.78 11.75 -15.54
CA SER C 259 -10.47 13.06 -14.96
C SER C 259 -11.29 13.29 -13.70
N ILE C 260 -12.51 12.77 -13.65
CA ILE C 260 -13.27 12.84 -12.41
C ILE C 260 -12.53 12.11 -11.30
N LEU C 261 -12.03 10.91 -11.59
CA LEU C 261 -11.30 10.18 -10.54
C LEU C 261 -10.05 10.94 -10.07
N VAL C 262 -9.34 11.57 -11.02
CA VAL C 262 -8.15 12.34 -10.66
C VAL C 262 -8.52 13.47 -9.72
N LEU C 263 -9.60 14.19 -10.04
CA LEU C 263 -10.04 15.30 -9.19
C LEU C 263 -10.42 14.81 -7.81
N ILE C 264 -11.11 13.67 -7.73
CA ILE C 264 -11.52 13.13 -6.44
C ILE C 264 -10.29 12.84 -5.58
N LEU C 265 -9.30 12.17 -6.16
CA LEU C 265 -8.10 11.84 -5.38
C LEU C 265 -7.33 13.09 -4.97
N VAL C 266 -7.27 14.09 -5.85
CA VAL C 266 -6.55 15.32 -5.51
C VAL C 266 -7.20 16.01 -4.31
N CYS C 267 -8.54 16.11 -4.32
CA CYS C 267 -9.21 16.72 -3.18
C CYS C 267 -9.04 15.88 -1.92
N ALA C 268 -9.16 14.56 -2.04
CA ALA C 268 -8.99 13.68 -0.88
C ALA C 268 -7.58 13.71 -0.33
N ASN C 269 -6.62 14.16 -1.12
CA ASN C 269 -5.25 14.31 -0.63
C ASN C 269 -5.00 15.68 -0.01
N LEU C 270 -5.56 16.75 -0.60
CA LEU C 270 -5.41 18.07 0.01
C LEU C 270 -6.08 18.14 1.37
N THR C 271 -7.27 17.54 1.50
CA THR C 271 -7.94 17.51 2.80
C THR C 271 -7.12 16.72 3.81
N GLY C 272 -6.55 15.60 3.39
CA GLY C 272 -5.69 14.83 4.28
C GLY C 272 -4.48 15.62 4.74
N ASP C 273 -3.90 16.41 3.84
CA ASP C 273 -2.77 17.25 4.24
C ASP C 273 -3.20 18.29 5.27
N GLY C 274 -4.36 18.90 5.08
CA GLY C 274 -4.84 19.85 6.08
C GLY C 274 -4.98 19.22 7.45
N LEU C 275 -5.61 18.05 7.52
CA LEU C 275 -5.78 17.41 8.82
C LEU C 275 -4.43 16.99 9.41
N ARG C 276 -3.53 16.48 8.57
CA ARG C 276 -2.22 16.04 9.07
C ARG C 276 -1.47 17.21 9.68
N ASP C 277 -1.51 18.37 9.03
CA ASP C 277 -0.88 19.56 9.61
C ASP C 277 -1.58 19.97 10.90
N ALA C 278 -2.90 19.80 10.97
CA ALA C 278 -3.61 20.16 12.20
C ALA C 278 -3.15 19.31 13.38
N LEU C 279 -2.98 18.01 13.18
CA LEU C 279 -2.64 17.14 14.31
C LEU C 279 -1.18 17.24 14.73
N ASP C 280 -0.29 17.76 13.88
CA ASP C 280 1.12 17.85 14.20
C ASP C 280 1.44 19.24 14.70
N PRO C 281 1.93 19.42 15.93
CA PRO C 281 2.23 20.77 16.41
C PRO C 281 3.48 21.39 15.79
N ALA C 282 4.37 20.60 15.21
CA ALA C 282 5.62 21.18 14.70
C ALA C 282 5.47 21.54 13.23
N SER C 283 4.25 21.54 12.72
CA SER C 283 3.99 21.91 11.31
C SER C 283 4.54 23.30 11.08
N ARG C 284 5.20 23.54 9.95
CA ARG C 284 5.88 24.84 9.74
C ARG C 284 4.95 25.79 9.02
N SER C 285 3.95 25.25 8.35
CA SER C 285 3.04 26.11 7.57
C SER C 285 2.17 26.94 8.49
N LEU C 286 1.82 26.39 9.65
CA LEU C 286 0.93 27.10 10.54
C LEU C 286 1.66 28.07 11.46
N ARG C 287 2.85 28.52 11.06
CA ARG C 287 3.66 29.46 11.82
C ARG C 287 3.56 30.82 11.16
N ARG C 288 2.58 31.61 11.59
CA ARG C 288 2.35 32.93 11.01
C ARG C 288 3.26 33.97 11.63
N SER D 2 41.51 40.44 17.40
CA SER D 2 40.09 40.15 17.17
C SER D 2 39.55 39.26 18.27
N PRO D 3 38.43 39.66 18.87
CA PRO D 3 37.84 38.85 19.93
C PRO D 3 37.38 37.50 19.40
N LEU D 4 37.47 36.50 20.27
CA LEU D 4 37.05 35.15 19.92
C LEU D 4 35.54 35.04 19.74
N LEU D 5 34.78 36.02 20.22
CA LEU D 5 33.35 36.09 19.98
C LEU D 5 32.91 37.51 20.29
N GLU D 6 31.89 37.98 19.56
CA GLU D 6 31.39 39.33 19.76
C GLU D 6 29.93 39.37 19.29
N VAL D 7 29.01 39.56 20.22
CA VAL D 7 27.59 39.66 19.94
C VAL D 7 27.15 41.10 20.19
N THR D 8 26.25 41.60 19.35
CA THR D 8 25.81 42.98 19.46
C THR D 8 24.36 43.09 19.03
N ASP D 9 23.50 43.51 19.95
CA ASP D 9 22.10 43.84 19.65
C ASP D 9 21.32 42.64 19.11
N LEU D 10 21.60 41.46 19.67
CA LEU D 10 20.88 40.27 19.24
C LEU D 10 19.44 40.30 19.75
N ALA D 11 18.52 39.83 18.92
CA ALA D 11 17.11 39.82 19.28
C ALA D 11 16.41 38.68 18.56
N VAL D 12 15.70 37.84 19.32
CA VAL D 12 15.00 36.68 18.78
C VAL D 12 13.53 36.80 19.17
N THR D 13 12.64 36.72 18.18
CA THR D 13 11.20 36.79 18.42
C THR D 13 10.53 35.66 17.65
N PHE D 14 10.21 34.57 18.33
CA PHE D 14 9.51 33.47 17.69
C PHE D 14 8.12 33.91 17.30
N ARG D 15 7.79 33.73 16.03
CA ARG D 15 6.48 34.08 15.49
C ARG D 15 5.69 32.79 15.31
N THR D 16 5.08 32.33 16.39
CA THR D 16 4.18 31.19 16.34
C THR D 16 2.75 31.69 16.13
N ASP D 17 1.80 30.76 16.14
CA ASP D 17 0.41 31.13 15.92
C ASP D 17 -0.15 31.85 17.14
N GLY D 18 -0.18 33.17 17.08
CA GLY D 18 -0.53 33.98 18.22
C GLY D 18 0.46 35.10 18.36
N ASP D 19 0.36 35.83 19.45
CA ASP D 19 1.25 36.96 19.64
C ASP D 19 2.70 36.47 19.57
N PRO D 20 3.60 37.20 18.90
CA PRO D 20 4.99 36.79 18.88
C PRO D 20 5.61 36.91 20.26
N VAL D 21 6.48 35.96 20.59
CA VAL D 21 7.19 35.97 21.87
C VAL D 21 8.57 36.56 21.61
N THR D 22 8.84 37.73 22.16
CA THR D 22 10.15 38.36 22.05
C THR D 22 11.05 37.77 23.12
N ALA D 23 11.71 36.66 22.80
CA ALA D 23 12.53 35.96 23.78
C ALA D 23 13.72 36.80 24.20
N VAL D 24 14.49 37.30 23.23
CA VAL D 24 15.66 38.13 23.49
C VAL D 24 15.44 39.48 22.85
N ARG D 25 15.79 40.54 23.58
CA ARG D 25 15.59 41.91 23.11
C ARG D 25 16.90 42.69 23.27
N GLY D 26 17.79 42.59 22.30
CA GLY D 26 18.93 43.47 22.28
C GLY D 26 19.96 43.27 23.38
N ILE D 27 20.68 42.15 23.33
CA ILE D 27 21.79 41.91 24.23
C ILE D 27 23.09 42.07 23.45
N SER D 28 24.20 42.15 24.19
CA SER D 28 25.51 42.33 23.57
C SER D 28 26.59 41.99 24.58
N TYR D 29 27.49 41.09 24.20
CA TYR D 29 28.60 40.68 25.06
C TYR D 29 29.74 40.20 24.18
N ARG D 30 30.79 39.68 24.82
CA ARG D 30 31.93 39.14 24.11
C ARG D 30 32.66 38.17 25.02
N VAL D 31 33.35 37.21 24.39
CA VAL D 31 34.09 36.16 25.10
C VAL D 31 35.51 36.14 24.56
N GLU D 32 36.47 36.03 25.46
CA GLU D 32 37.88 36.00 25.09
C GLU D 32 38.47 34.59 25.26
N PRO D 33 39.56 34.29 24.55
CA PRO D 33 40.03 32.90 24.49
C PRO D 33 40.32 32.25 25.83
N GLY D 34 40.87 32.99 26.78
CA GLY D 34 41.26 32.38 28.03
C GLY D 34 40.34 32.72 29.18
N GLU D 35 39.04 32.67 28.94
CA GLU D 35 38.11 33.24 29.91
C GLU D 35 36.74 32.58 29.79
N VAL D 36 36.12 32.30 30.93
CA VAL D 36 34.80 31.69 31.01
C VAL D 36 33.80 32.75 31.41
N VAL D 37 32.71 32.84 30.66
CA VAL D 37 31.63 33.78 30.92
C VAL D 37 30.38 33.00 31.26
N ALA D 38 29.78 33.31 32.41
CA ALA D 38 28.58 32.62 32.88
C ALA D 38 27.37 33.51 32.70
N MET D 39 26.26 32.91 32.28
CA MET D 39 25.02 33.63 32.01
C MET D 39 23.93 33.07 32.92
N VAL D 40 23.77 33.68 34.09
CA VAL D 40 22.73 33.29 35.02
C VAL D 40 21.49 34.16 34.78
N GLY D 41 20.35 33.69 35.27
CA GLY D 41 19.11 34.43 35.09
C GLY D 41 17.93 33.57 35.50
N GLU D 42 16.74 34.17 35.38
CA GLU D 42 15.51 33.49 35.74
C GLU D 42 15.09 32.53 34.64
N SER D 43 14.19 31.61 34.99
CA SER D 43 13.71 30.63 34.02
C SER D 43 12.81 31.32 33.01
N GLY D 44 13.08 31.10 31.73
CA GLY D 44 12.32 31.72 30.67
C GLY D 44 12.79 33.09 30.25
N SER D 45 14.00 33.48 30.63
CA SER D 45 14.49 34.82 30.36
C SER D 45 15.25 34.95 29.05
N GLY D 46 15.35 33.88 28.26
CA GLY D 46 15.91 33.95 26.93
C GLY D 46 17.34 33.49 26.77
N LYS D 47 17.93 32.86 27.79
CA LYS D 47 19.34 32.49 27.70
C LYS D 47 19.58 31.43 26.64
N SER D 48 18.76 30.38 26.63
CA SER D 48 18.93 29.29 25.68
C SER D 48 18.34 29.59 24.31
N ALA D 49 17.75 30.76 24.13
CA ALA D 49 17.44 31.23 22.78
C ALA D 49 18.57 32.08 22.23
N ALA D 50 19.20 32.89 23.09
CA ALA D 50 20.41 33.60 22.68
C ALA D 50 21.51 32.61 22.30
N ALA D 51 21.63 31.51 23.05
CA ALA D 51 22.65 30.51 22.72
C ALA D 51 22.43 29.94 21.32
N MET D 52 21.22 29.48 21.03
CA MET D 52 20.94 28.91 19.71
C MET D 52 21.01 29.96 18.61
N ALA D 53 20.70 31.22 18.94
CA ALA D 53 20.87 32.28 17.94
C ALA D 53 22.33 32.45 17.59
N VAL D 54 23.21 32.45 18.58
CA VAL D 54 24.65 32.58 18.30
C VAL D 54 25.13 31.39 17.48
N VAL D 55 24.76 30.18 17.90
CA VAL D 55 25.23 29.00 17.19
C VAL D 55 24.60 28.90 15.82
N GLY D 56 23.32 29.22 15.70
CA GLY D 56 22.64 29.24 14.43
C GLY D 56 21.65 28.13 14.19
N LEU D 57 21.17 27.45 15.23
CA LEU D 57 20.29 26.30 15.09
C LEU D 57 18.88 26.59 15.61
N LEU D 58 18.40 27.81 15.40
CA LEU D 58 17.04 28.14 15.77
C LEU D 58 16.06 27.68 14.68
N PRO D 59 14.78 27.51 15.02
CA PRO D 59 13.82 27.04 14.01
C PRO D 59 13.64 28.01 12.85
N GLU D 60 12.86 27.58 11.85
CA GLU D 60 12.64 28.38 10.65
C GLU D 60 11.89 29.68 10.94
N TYR D 61 11.15 29.74 12.05
CA TYR D 61 10.34 30.89 12.39
C TYR D 61 10.98 31.75 13.48
N ALA D 62 12.29 31.67 13.66
CA ALA D 62 12.93 32.34 14.79
C ALA D 62 12.93 33.86 14.61
N GLN D 63 13.27 34.34 13.42
CA GLN D 63 13.36 35.76 13.13
C GLN D 63 14.39 36.44 14.06
N VAL D 64 15.64 36.04 13.86
CA VAL D 64 16.76 36.66 14.55
C VAL D 64 17.16 37.94 13.83
N ARG D 65 17.63 38.93 14.59
CA ARG D 65 18.08 40.18 13.98
C ARG D 65 19.06 40.85 14.93
N GLY D 66 20.33 40.83 14.56
CA GLY D 66 21.39 41.43 15.34
C GLY D 66 22.72 41.28 14.64
N SER D 67 23.79 41.10 15.41
CA SER D 67 25.12 40.94 14.83
C SER D 67 25.96 40.05 15.73
N VAL D 68 26.35 38.88 15.21
CA VAL D 68 27.23 37.96 15.92
C VAL D 68 28.42 37.66 15.01
N ARG D 69 29.63 37.79 15.54
CA ARG D 69 30.85 37.55 14.78
C ARG D 69 31.77 36.66 15.59
N LEU D 70 32.25 35.58 14.95
CA LEU D 70 33.11 34.64 15.67
C LEU D 70 34.52 35.19 15.82
N GLN D 71 35.23 35.34 14.72
CA GLN D 71 36.62 35.81 14.75
C GLN D 71 36.84 36.85 13.68
N GLY D 72 35.89 37.76 13.53
CA GLY D 72 35.86 38.67 12.42
C GLY D 72 34.83 38.31 11.37
N THR D 73 34.34 37.08 11.38
CA THR D 73 33.43 36.58 10.36
C THR D 73 32.00 36.70 10.89
N GLU D 74 31.24 37.61 10.30
CA GLU D 74 29.86 37.85 10.72
C GLU D 74 29.03 36.64 10.32
N LEU D 75 28.79 35.73 11.26
CA LEU D 75 28.16 34.45 10.95
C LEU D 75 26.65 34.51 10.99
N LEU D 76 26.05 35.69 11.16
CA LEU D 76 24.59 35.83 11.15
C LEU D 76 24.14 36.08 9.71
N GLY D 77 24.05 34.99 8.95
CA GLY D 77 23.64 35.10 7.57
C GLY D 77 24.41 34.19 6.63
N LEU D 78 25.47 33.56 7.14
CA LEU D 78 26.24 32.63 6.33
C LEU D 78 25.38 31.46 5.90
N ALA D 79 25.67 30.92 4.72
CA ALA D 79 24.97 29.75 4.25
C ALA D 79 25.31 28.55 5.14
N ASP D 80 24.45 27.53 5.08
CA ASP D 80 24.65 26.38 5.95
C ASP D 80 25.98 25.69 5.67
N ASN D 81 26.44 25.69 4.43
CA ASN D 81 27.75 25.11 4.13
C ASN D 81 28.85 25.86 4.85
N ALA D 82 28.84 27.19 4.77
CA ALA D 82 29.82 27.98 5.49
C ALA D 82 29.68 27.77 7.00
N MET D 83 28.44 27.76 7.48
CA MET D 83 28.14 27.57 8.90
C MET D 83 28.09 26.11 9.28
N SER D 84 28.75 25.24 8.50
CA SER D 84 29.01 23.87 8.90
C SER D 84 30.50 23.57 8.88
N ARG D 85 31.34 24.58 8.60
CA ARG D 85 32.77 24.48 8.81
C ARG D 85 33.19 25.02 10.16
N PHE D 86 32.35 25.83 10.80
CA PHE D 86 32.58 26.27 12.17
C PHE D 86 31.86 25.41 13.18
N ARG D 87 30.70 24.84 12.82
CA ARG D 87 29.79 24.32 13.83
C ARG D 87 30.34 23.11 14.58
N GLY D 88 31.44 22.52 14.13
CA GLY D 88 32.03 21.45 14.92
C GLY D 88 33.46 21.73 15.33
N LYS D 89 34.15 22.56 14.55
CA LYS D 89 35.58 22.80 14.77
C LYS D 89 35.84 24.07 15.57
N ALA D 90 34.98 25.08 15.45
CA ALA D 90 35.18 26.35 16.15
C ALA D 90 34.11 26.64 17.19
N ILE D 91 32.95 26.00 17.11
CA ILE D 91 31.85 26.23 18.03
C ILE D 91 31.32 24.86 18.47
N GLY D 92 31.70 24.43 19.67
CA GLY D 92 31.15 23.21 20.25
C GLY D 92 30.02 23.56 21.21
N THR D 93 28.91 22.86 21.07
CA THR D 93 27.68 23.20 21.77
C THR D 93 27.20 22.03 22.61
N VAL D 94 26.81 22.31 23.86
CA VAL D 94 26.15 21.34 24.72
C VAL D 94 24.71 21.82 24.92
N PHE D 95 23.76 20.95 24.58
CA PHE D 95 22.36 21.32 24.62
C PHE D 95 21.76 21.01 25.99
N GLN D 96 20.64 21.67 26.29
CA GLN D 96 20.05 21.59 27.62
C GLN D 96 19.45 20.23 27.89
N ASP D 97 18.52 19.81 27.04
CA ASP D 97 17.90 18.50 27.18
C ASP D 97 18.84 17.46 26.62
N PRO D 98 19.48 16.64 27.46
CA PRO D 98 20.40 15.63 26.93
C PRO D 98 19.68 14.44 26.33
N MET D 99 18.40 14.23 26.64
CA MET D 99 17.70 13.04 26.21
C MET D 99 17.28 13.11 24.75
N SER D 100 16.63 14.22 24.37
CA SER D 100 16.16 14.38 23.00
C SER D 100 17.28 14.75 22.05
N ALA D 101 18.45 15.08 22.58
CA ALA D 101 19.57 15.55 21.78
C ALA D 101 20.33 14.42 21.12
N LEU D 102 19.98 13.17 21.36
CA LEU D 102 20.70 12.03 20.82
C LEU D 102 19.78 11.21 19.94
N THR D 103 20.26 10.86 18.76
CA THR D 103 19.47 10.05 17.84
C THR D 103 19.20 8.69 18.47
N PRO D 104 17.95 8.24 18.51
CA PRO D 104 17.63 7.01 19.25
C PRO D 104 17.96 5.72 18.52
N VAL D 105 18.53 5.77 17.32
CA VAL D 105 18.81 4.55 16.56
C VAL D 105 20.28 4.37 16.27
N TYR D 106 21.16 5.12 16.93
CA TYR D 106 22.59 4.96 16.80
C TYR D 106 23.19 4.79 18.19
N THR D 107 24.14 3.89 18.32
CA THR D 107 24.85 3.72 19.58
C THR D 107 25.65 4.97 19.90
N VAL D 108 25.85 5.23 21.19
CA VAL D 108 26.49 6.48 21.59
C VAL D 108 27.93 6.54 21.09
N GLY D 109 28.61 5.39 21.04
CA GLY D 109 29.91 5.35 20.41
C GLY D 109 29.87 5.79 18.96
N ASP D 110 28.82 5.36 18.24
CA ASP D 110 28.67 5.79 16.86
C ASP D 110 28.47 7.30 16.76
N GLN D 111 27.67 7.87 17.66
CA GLN D 111 27.43 9.31 17.59
C GLN D 111 28.69 10.11 17.85
N ILE D 112 29.46 9.72 18.87
CA ILE D 112 30.73 10.42 19.12
C ILE D 112 31.70 10.21 17.97
N ALA D 113 31.77 8.99 17.42
CA ALA D 113 32.68 8.73 16.31
C ALA D 113 32.30 9.53 15.08
N GLU D 114 31.00 9.67 14.81
CA GLU D 114 30.54 10.47 13.69
C GLU D 114 30.92 11.93 13.87
N ALA D 115 30.74 12.46 15.09
CA ALA D 115 31.20 13.81 15.37
C ALA D 115 32.69 13.96 15.11
N ILE D 116 33.46 12.91 15.42
CA ILE D 116 34.91 12.98 15.20
C ILE D 116 35.21 13.00 13.71
N GLU D 117 34.59 12.11 12.94
CA GLU D 117 35.00 11.93 11.56
C GLU D 117 34.39 12.95 10.61
N VAL D 118 33.49 13.82 11.09
CA VAL D 118 32.99 14.89 10.23
C VAL D 118 34.13 15.83 9.82
N HIS D 119 34.96 16.23 10.78
CA HIS D 119 35.97 17.26 10.54
C HIS D 119 37.38 16.72 10.37
N GLN D 120 37.55 15.40 10.33
CA GLN D 120 38.82 14.79 9.94
C GLN D 120 38.50 13.46 9.27
N PRO D 121 38.07 13.50 8.01
CA PRO D 121 37.56 12.29 7.35
C PRO D 121 38.64 11.28 7.00
N ARG D 122 39.91 11.57 7.27
CA ARG D 122 41.00 10.64 7.03
C ARG D 122 41.24 9.69 8.20
N VAL D 123 40.55 9.89 9.32
CA VAL D 123 40.76 9.03 10.48
C VAL D 123 40.27 7.62 10.20
N GLY D 124 39.08 7.49 9.63
CA GLY D 124 38.54 6.19 9.32
C GLY D 124 37.36 5.80 10.17
N LYS D 125 37.26 4.52 10.51
CA LYS D 125 36.23 4.01 11.40
C LYS D 125 36.82 3.27 12.60
N LYS D 126 37.86 2.47 12.39
CA LYS D 126 38.54 1.83 13.50
C LYS D 126 39.10 2.87 14.46
N ALA D 127 39.89 3.81 13.94
CA ALA D 127 40.52 4.82 14.79
C ALA D 127 39.50 5.77 15.37
N ALA D 128 38.47 6.12 14.60
CA ALA D 128 37.43 7.01 15.10
C ALA D 128 36.70 6.39 16.27
N ARG D 129 36.31 5.12 16.15
CA ARG D 129 35.62 4.47 17.26
C ARG D 129 36.54 4.29 18.46
N ARG D 130 37.82 3.98 18.21
CA ARG D 130 38.78 3.87 19.30
C ARG D 130 38.87 5.17 20.10
N ARG D 131 39.01 6.29 19.39
CA ARG D 131 39.12 7.57 20.08
C ARG D 131 37.82 7.98 20.75
N ALA D 132 36.67 7.63 20.16
CA ALA D 132 35.41 7.90 20.82
C ALA D 132 35.31 7.15 22.14
N VAL D 133 35.79 5.91 22.17
CA VAL D 133 35.86 5.18 23.43
C VAL D 133 36.76 5.91 24.43
N GLU D 134 37.89 6.43 23.94
CA GLU D 134 38.77 7.19 24.82
C GLU D 134 38.04 8.39 25.41
N LEU D 135 37.22 9.07 24.61
CA LEU D 135 36.44 10.19 25.11
C LEU D 135 35.46 9.74 26.18
N LEU D 136 34.80 8.60 25.96
CA LEU D 136 33.88 8.09 26.97
C LEU D 136 34.59 7.85 28.30
N ASP D 137 35.81 7.30 28.24
CA ASP D 137 36.56 7.10 29.48
C ASP D 137 36.98 8.42 30.11
N LEU D 138 37.43 9.38 29.30
CA LEU D 138 37.88 10.65 29.84
C LEU D 138 36.75 11.38 30.56
N VAL D 139 35.55 11.33 29.98
CA VAL D 139 34.42 11.97 30.62
C VAL D 139 34.07 11.28 31.93
N GLY D 140 34.11 9.96 31.96
CA GLY D 140 34.03 9.24 33.22
C GLY D 140 32.98 8.16 33.30
N ILE D 141 32.40 7.77 32.17
CA ILE D 141 31.34 6.78 32.16
C ILE D 141 31.91 5.41 32.47
N SER D 142 31.21 4.65 33.31
CA SER D 142 31.70 3.37 33.79
C SER D 142 31.46 2.27 32.76
N GLN D 143 32.47 1.39 32.61
CA GLN D 143 32.54 0.36 31.60
C GLN D 143 32.50 0.96 30.20
N PRO D 144 33.44 1.86 29.88
CA PRO D 144 33.39 2.54 28.57
C PRO D 144 33.30 1.59 27.41
N GLN D 145 34.16 0.56 27.38
CA GLN D 145 34.17 -0.39 26.29
C GLN D 145 32.84 -1.11 26.17
N ARG D 146 32.27 -1.52 27.30
CA ARG D 146 31.00 -2.23 27.28
C ARG D 146 29.84 -1.31 26.95
N ARG D 147 29.89 -0.06 27.44
CA ARG D 147 28.79 0.88 27.29
C ARG D 147 28.87 1.70 26.02
N SER D 148 29.89 1.48 25.18
CA SER D 148 30.00 2.26 23.96
C SER D 148 28.90 1.94 22.96
N ARG D 149 28.42 0.71 22.94
CA ARG D 149 27.32 0.32 22.06
C ARG D 149 25.99 0.29 22.81
N ALA D 150 25.66 1.40 23.44
CA ALA D 150 24.44 1.51 24.24
C ALA D 150 23.54 2.54 23.61
N PHE D 151 22.41 2.10 23.06
CA PHE D 151 21.48 3.05 22.49
C PHE D 151 21.01 4.01 23.57
N PRO D 152 20.88 5.30 23.28
CA PRO D 152 20.75 6.31 24.35
C PRO D 152 19.66 6.03 25.36
N HIS D 153 18.62 5.30 24.98
CA HIS D 153 17.58 4.96 25.94
C HIS D 153 18.02 3.91 26.95
N GLU D 154 19.24 3.38 26.80
CA GLU D 154 19.79 2.42 27.75
C GLU D 154 20.90 3.03 28.61
N LEU D 155 20.76 4.30 28.94
CA LEU D 155 21.72 5.00 29.77
C LEU D 155 20.98 5.77 30.85
N SER D 156 21.71 6.12 31.91
CA SER D 156 21.11 6.91 32.97
C SER D 156 20.89 8.34 32.48
N GLY D 157 20.37 9.19 33.36
CA GLY D 157 20.17 10.58 32.99
C GLY D 157 21.44 11.40 32.98
N GLY D 158 22.45 10.96 33.73
CA GLY D 158 23.71 11.69 33.80
C GLY D 158 24.72 11.21 32.77
N GLU D 159 24.76 9.90 32.55
CA GLU D 159 25.60 9.37 31.47
C GLU D 159 25.11 9.87 30.11
N ARG D 160 23.79 9.97 29.95
CA ARG D 160 23.23 10.48 28.70
C ARG D 160 23.61 11.93 28.47
N GLN D 161 23.88 12.69 29.53
CA GLN D 161 24.31 14.07 29.39
C GLN D 161 25.81 14.16 29.16
N ARG D 162 26.56 13.28 29.80
CA ARG D 162 27.99 13.24 29.60
C ARG D 162 28.35 12.84 28.17
N VAL D 163 27.49 12.04 27.52
CA VAL D 163 27.71 11.74 26.11
C VAL D 163 27.63 13.00 25.27
N VAL D 164 26.66 13.87 25.55
CA VAL D 164 26.53 15.13 24.81
C VAL D 164 27.75 16.00 25.05
N ILE D 165 28.24 16.04 26.30
CA ILE D 165 29.45 16.80 26.58
C ILE D 165 30.62 16.27 25.76
N ALA D 166 30.75 14.94 25.67
CA ALA D 166 31.83 14.35 24.88
C ALA D 166 31.72 14.73 23.41
N ILE D 167 30.50 14.68 22.87
CA ILE D 167 30.28 15.10 21.48
C ILE D 167 30.77 16.53 21.29
N ALA D 168 30.43 17.40 22.22
CA ALA D 168 30.84 18.80 22.08
C ALA D 168 32.36 18.95 22.09
N ILE D 169 33.04 18.24 22.99
CA ILE D 169 34.48 18.46 23.15
C ILE D 169 35.29 17.49 22.33
N ALA D 170 34.66 16.81 21.38
CA ALA D 170 35.37 15.82 20.56
C ALA D 170 36.53 16.44 19.77
N ASN D 171 36.31 17.62 19.18
CA ASN D 171 37.27 18.17 18.22
C ASN D 171 38.08 19.34 18.76
N ASP D 172 38.08 19.56 20.08
CA ASP D 172 38.80 20.66 20.70
C ASP D 172 38.44 22.00 20.05
N PRO D 173 37.22 22.47 20.21
CA PRO D 173 36.80 23.70 19.51
C PRO D 173 37.39 24.95 20.16
N ASP D 174 37.31 26.05 19.41
CA ASP D 174 37.79 27.33 19.90
C ASP D 174 36.75 28.07 20.74
N LEU D 175 35.50 27.62 20.74
CA LEU D 175 34.48 28.22 21.59
C LEU D 175 33.53 27.13 22.04
N LEU D 176 33.27 27.09 23.34
CA LEU D 176 32.37 26.10 23.93
C LEU D 176 31.14 26.84 24.44
N ILE D 177 30.00 26.58 23.82
CA ILE D 177 28.74 27.12 24.30
C ILE D 177 27.98 26.00 24.98
N CYS D 178 28.13 25.87 26.30
CA CYS D 178 27.54 24.78 27.05
C CYS D 178 26.45 25.30 27.96
N ASP D 179 25.26 24.69 27.82
CA ASP D 179 24.05 25.12 28.52
C ASP D 179 23.75 24.21 29.71
N ASP D 180 23.92 24.73 30.92
CA ASP D 180 23.69 23.94 32.14
C ASP D 180 24.29 22.59 31.82
N PRO D 181 25.61 22.43 31.84
CA PRO D 181 26.20 21.16 31.51
C PRO D 181 26.38 20.29 32.75
N THR D 182 25.67 20.55 33.84
CA THR D 182 25.89 19.80 35.08
C THR D 182 24.62 19.60 35.89
N THR D 183 23.45 19.48 35.27
CA THR D 183 22.21 19.32 36.03
C THR D 183 21.86 17.89 36.33
N ALA D 184 22.55 16.93 35.76
CA ALA D 184 22.25 15.53 35.99
C ALA D 184 23.45 14.79 36.55
N LEU D 185 24.49 15.50 36.95
CA LEU D 185 25.70 14.91 37.48
C LEU D 185 25.84 15.26 38.95
N ASP D 186 26.20 14.28 39.76
CA ASP D 186 26.42 14.57 41.17
C ASP D 186 27.68 15.39 41.35
N VAL D 187 27.97 15.71 42.60
CA VAL D 187 29.02 16.67 42.90
C VAL D 187 30.38 16.13 42.45
N THR D 188 30.68 14.87 42.78
CA THR D 188 32.03 14.37 42.58
C THR D 188 32.35 13.98 41.15
N VAL D 189 31.35 13.94 40.25
CA VAL D 189 31.61 13.74 38.83
C VAL D 189 31.59 15.07 38.07
N GLN D 190 30.70 15.98 38.46
CA GLN D 190 30.78 17.31 37.89
C GLN D 190 32.07 18.01 38.27
N ALA D 191 32.70 17.61 39.37
CA ALA D 191 34.02 18.13 39.68
C ALA D 191 34.98 17.88 38.52
N GLN D 192 35.02 16.64 38.04
CA GLN D 192 35.93 16.32 36.94
C GLN D 192 35.41 16.79 35.58
N ILE D 193 34.09 16.95 35.41
CA ILE D 193 33.61 17.52 34.16
C ILE D 193 34.03 18.98 34.04
N LEU D 194 33.88 19.75 35.12
CA LEU D 194 34.42 21.10 35.12
C LEU D 194 35.93 21.08 34.99
N ASP D 195 36.58 20.02 35.51
CA ASP D 195 38.02 19.91 35.32
C ASP D 195 38.39 19.75 33.84
N VAL D 196 37.66 18.93 33.09
CA VAL D 196 38.01 18.77 31.68
C VAL D 196 37.67 20.03 30.89
N LEU D 197 36.62 20.75 31.28
CA LEU D 197 36.36 22.04 30.64
C LEU D 197 37.48 23.03 30.94
N LYS D 198 37.96 23.05 32.18
CA LYS D 198 39.14 23.86 32.50
C LYS D 198 40.34 23.43 31.66
N ALA D 199 40.52 22.13 31.46
CA ALA D 199 41.61 21.65 30.63
C ALA D 199 41.49 22.18 29.22
N ALA D 200 40.27 22.20 28.68
CA ALA D 200 40.04 22.83 27.38
C ALA D 200 40.31 24.32 27.41
N ARG D 201 40.26 24.96 28.58
CA ARG D 201 40.58 26.38 28.66
C ARG D 201 42.09 26.63 28.77
N ASP D 202 42.84 25.74 29.43
CA ASP D 202 44.26 25.95 29.70
C ASP D 202 45.17 25.29 28.67
N VAL D 203 44.96 24.01 28.39
CA VAL D 203 45.75 23.30 27.38
C VAL D 203 45.48 23.85 25.98
N THR D 204 44.41 24.62 25.83
CA THR D 204 44.01 25.20 24.54
C THR D 204 43.60 26.63 24.84
N GLY D 205 42.90 27.27 23.91
CA GLY D 205 42.30 28.56 24.16
C GLY D 205 40.88 28.30 24.61
N ALA D 206 39.91 28.50 23.72
CA ALA D 206 38.54 28.03 23.92
C ALA D 206 37.91 28.67 25.16
N GLY D 207 37.69 29.97 25.05
CA GLY D 207 36.82 30.63 26.00
C GLY D 207 35.47 29.93 26.05
N VAL D 208 34.86 29.87 27.22
CA VAL D 208 33.63 29.11 27.44
C VAL D 208 32.52 30.08 27.78
N LEU D 209 31.38 29.92 27.12
CA LEU D 209 30.15 30.61 27.50
C LEU D 209 29.23 29.56 28.12
N ILE D 210 29.07 29.62 29.43
CA ILE D 210 28.34 28.61 30.19
C ILE D 210 27.07 29.24 30.75
N ILE D 211 25.95 28.55 30.59
CA ILE D 211 24.67 29.01 31.09
C ILE D 211 24.25 28.06 32.20
N THR D 212 24.23 28.53 33.44
CA THR D 212 23.91 27.68 34.58
C THR D 212 22.80 28.29 35.41
N HIS D 213 22.06 27.43 36.10
CA HIS D 213 21.05 27.85 37.04
C HIS D 213 21.52 27.75 38.49
N ASP D 214 22.61 27.05 38.76
CA ASP D 214 23.18 27.04 40.09
C ASP D 214 24.35 28.00 40.16
N LEU D 215 24.72 28.37 41.38
CA LEU D 215 25.64 29.48 41.57
C LEU D 215 26.99 29.06 42.16
N GLY D 216 27.05 27.90 42.81
CA GLY D 216 28.33 27.40 43.28
C GLY D 216 29.29 27.11 42.15
N VAL D 217 28.77 26.58 41.04
CA VAL D 217 29.61 26.32 39.87
C VAL D 217 30.18 27.63 39.34
N VAL D 218 29.34 28.67 39.26
CA VAL D 218 29.81 29.96 38.77
C VAL D 218 30.87 30.53 39.69
N ALA D 219 30.70 30.36 41.01
CA ALA D 219 31.62 30.98 41.96
C ALA D 219 33.06 30.48 41.81
N GLU D 220 33.27 29.29 41.24
CA GLU D 220 34.61 28.74 41.12
C GLU D 220 35.07 28.50 39.69
N PHE D 221 34.16 28.44 38.72
CA PHE D 221 34.51 28.15 37.35
C PHE D 221 34.61 29.39 36.48
N ALA D 222 33.60 30.26 36.55
CA ALA D 222 33.51 31.39 35.63
C ALA D 222 34.46 32.51 36.03
N ASP D 223 34.61 33.48 35.13
CA ASP D 223 35.43 34.66 35.33
C ASP D 223 34.63 35.95 35.30
N ARG D 224 33.60 36.03 34.46
CA ARG D 224 32.64 37.12 34.47
C ARG D 224 31.24 36.54 34.55
N ALA D 225 30.29 37.38 34.93
CA ALA D 225 28.91 36.96 35.10
C ALA D 225 27.99 37.86 34.31
N LEU D 226 26.93 37.28 33.76
CA LEU D 226 25.89 38.01 33.05
C LEU D 226 24.54 37.61 33.62
N VAL D 227 23.85 38.55 34.23
CA VAL D 227 22.52 38.31 34.79
C VAL D 227 21.49 38.77 33.76
N MET D 228 20.67 37.84 33.31
CA MET D 228 19.72 38.08 32.23
C MET D 228 18.31 37.97 32.77
N TYR D 229 17.48 38.96 32.47
CA TYR D 229 16.11 38.96 32.95
C TYR D 229 15.20 39.59 31.91
N ALA D 230 14.16 38.86 31.51
CA ALA D 230 13.15 39.34 30.58
C ALA D 230 13.78 39.81 29.27
N GLY D 231 14.69 39.00 28.73
CA GLY D 231 15.33 39.27 27.46
C GLY D 231 16.57 40.12 27.52
N ARG D 232 16.59 41.14 28.37
CA ARG D 232 17.73 42.02 28.48
C ARG D 232 18.81 41.40 29.35
N VAL D 233 20.06 41.66 28.99
CA VAL D 233 21.14 41.48 29.96
C VAL D 233 21.02 42.59 30.98
N VAL D 234 20.94 42.21 32.25
CA VAL D 234 20.39 43.09 33.26
C VAL D 234 21.43 43.55 34.27
N GLU D 235 22.47 42.76 34.51
CA GLU D 235 23.59 43.16 35.35
C GLU D 235 24.81 42.40 34.89
N SER D 236 25.94 43.10 34.74
CA SER D 236 27.17 42.49 34.27
C SER D 236 28.34 42.96 35.12
N ALA D 237 29.15 42.03 35.58
CA ALA D 237 30.31 42.35 36.42
C ALA D 237 31.19 41.11 36.51
N GLY D 238 32.29 41.24 37.24
CA GLY D 238 33.12 40.09 37.54
C GLY D 238 32.44 39.15 38.51
N VAL D 239 32.88 37.89 38.48
CA VAL D 239 32.22 36.88 39.31
C VAL D 239 32.50 37.12 40.78
N ASN D 240 33.70 37.60 41.12
CA ASN D 240 34.00 37.86 42.52
C ASN D 240 33.31 39.14 43.00
N ASP D 241 33.25 40.16 42.15
CA ASP D 241 32.66 41.43 42.55
C ASP D 241 31.14 41.37 42.56
N LEU D 242 30.53 40.62 41.64
CA LEU D 242 29.08 40.51 41.65
C LEU D 242 28.58 39.91 42.95
N TYR D 243 29.25 38.85 43.42
CA TYR D 243 28.77 38.09 44.56
C TYR D 243 28.74 38.91 45.85
N ARG D 244 29.63 39.89 45.97
CA ARG D 244 29.70 40.69 47.18
C ARG D 244 29.29 42.15 46.98
N ASP D 245 29.14 42.60 45.74
CA ASP D 245 28.82 44.03 45.53
C ASP D 245 27.72 44.14 44.46
N ARG D 246 26.81 43.16 44.42
CA ARG D 246 25.66 43.22 43.46
C ARG D 246 24.93 44.55 43.65
N ARG D 247 24.46 45.16 42.56
CA ARG D 247 23.85 46.51 42.67
C ARG D 247 22.59 46.62 41.82
N MET D 248 21.87 45.54 41.61
CA MET D 248 20.63 45.60 40.82
C MET D 248 19.55 44.92 41.65
N PRO D 249 18.43 45.55 42.03
CA PRO D 249 17.51 44.87 42.92
C PRO D 249 17.28 43.39 42.59
N TYR D 250 17.16 43.00 41.33
CA TYR D 250 16.88 41.59 40.96
C TYR D 250 18.05 40.74 41.37
N THR D 251 19.26 41.14 41.06
CA THR D 251 20.35 40.30 41.52
C THR D 251 20.42 40.32 43.04
N VAL D 252 19.95 41.36 43.69
CA VAL D 252 19.96 41.26 45.17
C VAL D 252 18.95 40.18 45.58
N GLY D 253 17.76 40.11 44.97
CA GLY D 253 16.83 39.10 45.40
C GLY D 253 17.23 37.71 44.98
N LEU D 254 17.96 37.58 43.88
CA LEU D 254 18.28 36.24 43.38
C LEU D 254 19.54 35.67 44.02
N LEU D 255 20.59 36.47 44.19
CA LEU D 255 21.82 36.00 44.80
C LEU D 255 21.68 35.72 46.28
N GLY D 256 20.57 36.13 46.89
CA GLY D 256 20.36 35.93 48.30
C GLY D 256 19.20 34.99 48.59
N SER D 257 18.94 34.07 47.67
CA SER D 257 17.87 33.09 47.85
C SER D 257 18.34 31.67 47.56
N VAL D 258 19.66 31.44 47.63
CA VAL D 258 20.26 30.13 47.38
C VAL D 258 20.03 29.23 48.59
N PRO D 259 19.98 27.91 48.41
CA PRO D 259 19.99 27.02 49.57
C PRO D 259 21.31 27.12 50.31
N ARG D 260 21.26 26.87 51.62
CA ARG D 260 22.39 27.20 52.48
C ARG D 260 23.20 25.99 52.92
N LEU D 261 22.60 24.79 52.96
CA LEU D 261 23.26 23.56 53.37
C LEU D 261 23.60 23.55 54.86
N ASP D 262 23.39 24.67 55.53
CA ASP D 262 23.57 24.77 56.98
C ASP D 262 22.22 24.94 57.68
N ALA D 263 21.21 24.29 57.14
CA ALA D 263 19.85 24.39 57.65
C ALA D 263 19.39 23.03 58.16
N ALA D 264 18.18 23.01 58.71
CA ALA D 264 17.57 21.78 59.22
C ALA D 264 16.30 21.51 58.41
N GLN D 265 15.54 20.51 58.85
CA GLN D 265 14.24 20.27 58.26
C GLN D 265 13.35 21.49 58.43
N GLY D 266 12.59 21.80 57.40
CA GLY D 266 11.86 23.06 57.36
C GLY D 266 12.71 24.16 56.74
N THR D 267 12.94 25.24 57.48
CA THR D 267 13.79 26.34 57.03
C THR D 267 13.33 26.84 55.65
N ARG D 268 12.14 27.43 55.65
CA ARG D 268 11.58 27.94 54.41
C ARG D 268 12.47 29.04 53.85
N LEU D 269 13.20 28.72 52.78
CA LEU D 269 14.04 29.70 52.13
C LEU D 269 13.20 30.70 51.36
N VAL D 270 13.72 31.92 51.23
CA VAL D 270 12.93 33.06 50.77
C VAL D 270 13.07 33.16 49.25
N PRO D 271 11.97 33.10 48.51
CA PRO D 271 12.01 33.42 47.08
C PRO D 271 11.67 34.87 46.84
N ILE D 272 11.86 35.30 45.59
CA ILE D 272 11.49 36.65 45.19
C ILE D 272 9.98 36.72 45.06
N PRO D 273 9.30 37.63 45.75
CA PRO D 273 7.83 37.68 45.68
C PRO D 273 7.38 38.27 44.35
N GLY D 274 6.44 37.58 43.70
CA GLY D 274 5.86 38.06 42.47
C GLY D 274 5.75 36.95 41.47
N ALA D 275 5.57 37.32 40.20
CA ALA D 275 5.44 36.40 39.10
C ALA D 275 6.33 36.85 37.94
N PRO D 276 6.84 35.90 37.15
CA PRO D 276 7.73 36.27 36.06
C PRO D 276 7.00 37.09 35.01
N PRO D 277 7.72 37.93 34.27
CA PRO D 277 7.05 38.80 33.30
C PRO D 277 6.43 38.01 32.15
N SER D 278 5.40 38.59 31.55
CA SER D 278 4.69 37.92 30.47
C SER D 278 5.55 37.75 29.23
N LEU D 279 6.56 38.62 29.05
CA LEU D 279 7.47 38.61 27.91
C LEU D 279 6.76 38.82 26.58
N ALA D 280 5.46 39.12 26.61
CA ALA D 280 4.70 39.43 25.40
C ALA D 280 4.20 40.86 25.39
N GLY D 281 3.47 41.28 26.43
CA GLY D 281 3.04 42.65 26.54
C GLY D 281 4.18 43.58 26.90
N LEU D 282 4.75 43.40 28.10
CA LEU D 282 5.96 44.08 28.53
C LEU D 282 5.77 45.61 28.49
N ALA D 283 4.92 46.08 29.40
CA ALA D 283 4.66 47.50 29.60
C ALA D 283 5.95 48.31 29.66
N PRO D 284 5.92 49.58 29.29
CA PRO D 284 7.15 50.38 29.30
C PRO D 284 7.76 50.49 30.69
N GLY D 285 9.07 50.64 30.73
CA GLY D 285 9.81 50.72 31.96
C GLY D 285 10.60 49.44 32.22
N CYS D 286 11.23 49.43 33.39
CA CYS D 286 12.03 48.27 33.78
C CYS D 286 11.11 47.08 33.99
N PRO D 287 11.37 45.94 33.35
CA PRO D 287 10.46 44.79 33.50
C PRO D 287 10.37 44.25 34.91
N PHE D 288 11.35 44.53 35.76
CA PHE D 288 11.32 44.09 37.15
C PHE D 288 10.58 45.07 38.05
N ALA D 289 10.06 46.16 37.49
CA ALA D 289 9.29 47.12 38.29
C ALA D 289 8.12 46.50 39.03
N PRO D 290 7.34 45.57 38.44
CA PRO D 290 6.21 45.00 39.20
C PRO D 290 6.61 44.27 40.47
N ARG D 291 7.86 43.83 40.60
CA ARG D 291 8.28 43.07 41.76
C ARG D 291 9.34 43.78 42.59
N CYS D 292 9.58 45.03 42.33
CA CYS D 292 10.69 45.74 42.94
C CYS D 292 10.28 46.38 44.26
N PRO D 293 11.02 46.15 45.34
CA PRO D 293 10.77 46.93 46.56
C PRO D 293 11.12 48.40 46.42
N LEU D 294 11.97 48.76 45.46
CA LEU D 294 12.46 50.12 45.30
C LEU D 294 11.75 50.87 44.17
N VAL D 295 10.71 50.28 43.58
CA VAL D 295 10.09 50.90 42.42
C VAL D 295 9.50 52.25 42.78
N ILE D 296 9.75 53.24 41.94
CA ILE D 296 9.11 54.54 42.05
C ILE D 296 8.39 54.82 40.74
N ASP D 297 7.78 55.99 40.62
CA ASP D 297 7.04 56.30 39.40
C ASP D 297 7.95 56.56 38.22
N GLU D 298 9.18 57.03 38.46
CA GLU D 298 10.11 57.23 37.36
C GLU D 298 10.53 55.90 36.76
N CYS D 299 10.63 54.85 37.56
CA CYS D 299 11.12 53.58 37.05
C CYS D 299 10.24 53.02 35.94
N LEU D 300 9.02 53.52 35.80
CA LEU D 300 8.05 52.98 34.86
C LEU D 300 8.02 53.70 33.52
N THR D 301 8.58 54.92 33.43
CA THR D 301 8.43 55.71 32.22
C THR D 301 9.20 55.09 31.06
N ALA D 302 10.47 54.74 31.27
CA ALA D 302 11.30 54.22 30.21
C ALA D 302 12.15 53.06 30.73
N GLU D 303 12.58 52.21 29.82
CA GLU D 303 13.40 51.07 30.19
C GLU D 303 14.85 51.52 30.41
N PRO D 304 15.43 51.26 31.57
CA PRO D 304 16.81 51.67 31.82
C PRO D 304 17.79 50.82 31.00
N GLU D 305 18.94 51.41 30.73
CA GLU D 305 20.01 50.73 30.00
C GLU D 305 21.17 50.45 30.95
N LEU D 306 22.13 49.68 30.45
CA LEU D 306 23.27 49.30 31.27
C LEU D 306 24.20 50.49 31.44
N LEU D 307 24.31 50.98 32.67
CA LEU D 307 25.15 52.12 33.00
C LEU D 307 26.33 51.66 33.84
N ASP D 308 27.48 52.29 33.63
CA ASP D 308 28.67 51.95 34.40
C ASP D 308 28.48 52.36 35.85
N VAL D 309 28.81 51.46 36.77
CA VAL D 309 28.75 51.76 38.19
C VAL D 309 30.08 51.55 38.89
N ALA D 310 30.99 50.75 38.34
CA ALA D 310 32.31 50.51 38.92
C ALA D 310 33.23 50.04 37.80
N THR D 311 34.38 49.50 38.18
CA THR D 311 35.33 48.96 37.21
C THR D 311 34.76 47.68 36.61
N ASP D 312 34.45 47.72 35.31
CA ASP D 312 33.89 46.57 34.59
C ASP D 312 32.60 46.08 35.25
N HIS D 313 31.78 47.02 35.73
CA HIS D 313 30.53 46.72 36.40
C HIS D 313 29.43 47.54 35.76
N ARG D 314 28.32 46.87 35.40
CA ARG D 314 27.22 47.54 34.71
C ARG D 314 25.90 47.03 35.26
N ALA D 315 25.00 47.96 35.58
CA ALA D 315 23.70 47.62 36.13
C ALA D 315 22.63 48.39 35.37
N ALA D 316 21.56 47.70 34.99
CA ALA D 316 20.42 48.30 34.27
C ALA D 316 19.37 48.69 35.29
N CYS D 317 19.58 49.84 35.92
CA CYS D 317 18.77 50.24 37.06
C CYS D 317 18.96 51.73 37.32
N ILE D 318 17.88 52.51 37.31
CA ILE D 318 18.05 53.96 37.41
C ILE D 318 18.38 54.41 38.82
N ARG D 319 18.17 53.57 39.84
CA ARG D 319 18.57 53.89 41.21
C ARG D 319 19.28 52.69 41.82
N THR D 320 20.62 52.76 41.84
CA THR D 320 21.45 51.70 42.41
C THR D 320 22.27 52.16 43.60
N GLU D 321 22.46 53.47 43.75
CA GLU D 321 23.21 54.01 44.89
C GLU D 321 22.60 53.60 46.21
N LEU D 322 21.30 53.29 46.21
CA LEU D 322 20.65 52.75 47.41
C LEU D 322 20.99 51.29 47.62
N VAL D 323 21.05 50.52 46.53
CA VAL D 323 21.36 49.10 46.65
C VAL D 323 22.78 48.90 47.16
N THR D 324 23.68 49.85 46.88
CA THR D 324 25.05 49.73 47.36
C THR D 324 25.11 49.44 48.85
N GLY D 325 25.80 48.36 49.21
CA GLY D 325 26.07 48.01 50.60
C GLY D 325 25.01 47.23 51.33
N ARG D 326 23.73 47.53 51.08
CA ARG D 326 22.64 46.90 51.80
C ARG D 326 22.54 45.42 51.42
N SER D 327 21.90 44.65 52.29
CA SER D 327 21.76 43.21 52.13
C SER D 327 20.36 42.85 51.66
N ALA D 328 20.19 41.57 51.30
CA ALA D 328 18.90 41.10 50.80
C ALA D 328 17.84 41.16 51.90
N ALA D 329 18.21 40.85 53.14
CA ALA D 329 17.26 40.99 54.24
C ALA D 329 16.84 42.43 54.47
N ASP D 330 17.66 43.38 54.03
CA ASP D 330 17.40 44.81 54.15
C ASP D 330 16.66 45.33 52.91
N ILE D 331 17.16 45.02 51.72
CA ILE D 331 16.50 45.47 50.49
C ILE D 331 15.10 44.88 50.40
N TYR D 332 14.98 43.58 50.69
CA TYR D 332 13.70 42.88 50.70
C TYR D 332 13.27 42.74 52.16
N ARG D 333 12.43 43.66 52.63
CA ARG D 333 11.96 43.61 54.04
C ARG D 333 11.08 42.37 54.23
N VAL D 334 10.78 41.65 53.15
CA VAL D 334 9.95 40.41 53.23
C VAL D 334 10.68 39.40 54.11
N LYS D 335 9.97 38.77 55.07
CA LYS D 335 10.58 37.76 55.95
C LYS D 335 9.79 36.45 55.85
N THR D 336 10.49 35.32 55.75
CA THR D 336 9.81 34.00 55.66
C THR D 336 10.08 33.22 56.95
N GLU D 337 9.03 32.87 57.69
CA GLU D 337 9.19 32.13 58.98
C GLU D 337 8.44 30.80 58.88
N ALA D 338 9.01 29.74 59.48
CA ALA D 338 8.39 28.39 59.41
C ALA D 338 7.40 28.23 60.57
N ARG D 339 6.12 28.55 60.32
CA ARG D 339 5.06 28.38 61.35
C ARG D 339 3.85 27.68 60.72
N PRO D 340 3.96 26.41 60.27
CA PRO D 340 2.86 25.73 59.61
C PRO D 340 2.04 24.81 60.54
N ALA D 341 0.99 24.18 60.02
CA ALA D 341 0.19 23.24 60.83
C ALA D 341 0.77 21.83 60.66
N ALA D 342 1.96 21.59 61.22
CA ALA D 342 2.77 20.39 60.91
C ALA D 342 2.03 19.12 61.38
N LEU D 343 2.11 18.05 60.59
CA LEU D 343 1.47 16.75 60.99
C LEU D 343 2.58 15.72 61.23
N GLY D 344 2.60 15.10 62.41
CA GLY D 344 3.66 14.13 62.76
C GLY D 344 3.11 12.72 62.90
N ASP D 345 3.65 11.77 62.15
CA ASP D 345 3.22 10.34 62.24
C ASP D 345 4.34 9.45 61.69
N ALA D 346 4.29 8.15 61.99
CA ALA D 346 5.39 7.25 61.57
C ALA D 346 4.83 5.90 61.11
N SER D 347 3.74 5.91 60.33
CA SER D 347 3.21 4.67 59.80
C SER D 347 3.81 4.47 58.41
N VAL D 348 4.43 3.31 58.20
CA VAL D 348 5.14 3.06 56.94
C VAL D 348 4.17 3.21 55.77
N VAL D 349 4.65 3.82 54.69
CA VAL D 349 3.90 3.89 53.44
C VAL D 349 4.58 3.09 52.34
N VAL D 350 5.91 3.07 52.31
CA VAL D 350 6.67 2.27 51.36
C VAL D 350 7.77 1.54 52.11
N ARG D 351 7.92 0.25 51.83
CA ARG D 351 8.96 -0.56 52.48
C ARG D 351 9.56 -1.51 51.45
N VAL D 352 10.72 -1.15 50.92
CA VAL D 352 11.44 -1.96 49.93
C VAL D 352 12.47 -2.79 50.68
N ARG D 353 12.50 -4.08 50.41
CA ARG D 353 13.44 -4.99 51.06
C ARG D 353 14.17 -5.81 50.02
N HIS D 354 15.49 -5.74 50.02
CA HIS D 354 16.35 -6.58 49.19
C HIS D 354 15.96 -6.52 47.72
N LEU D 355 15.68 -5.31 47.23
CA LEU D 355 15.35 -5.14 45.83
C LEU D 355 16.55 -5.41 44.95
N VAL D 356 16.31 -6.06 43.82
CA VAL D 356 17.36 -6.37 42.86
C VAL D 356 16.83 -6.11 41.46
N LYS D 357 17.68 -5.50 40.62
CA LYS D 357 17.34 -5.27 39.22
C LYS D 357 18.63 -5.37 38.41
N THR D 358 18.57 -6.09 37.29
CA THR D 358 19.76 -6.37 36.50
C THR D 358 19.44 -6.23 35.02
N TYR D 359 20.36 -5.63 34.28
CA TYR D 359 20.22 -5.41 32.85
C TYR D 359 21.28 -6.19 32.08
N ARG D 360 20.89 -6.72 30.93
CA ARG D 360 21.78 -7.48 30.07
C ARG D 360 22.40 -6.57 29.01
N LEU D 361 23.65 -6.85 28.67
CA LEU D 361 24.40 -6.06 27.69
C LEU D 361 24.75 -6.94 26.50
N ALA D 362 24.41 -6.47 25.30
CA ALA D 362 24.61 -7.27 24.10
C ALA D 362 25.09 -6.38 22.96
N LYS D 363 25.68 -7.02 21.96
CA LYS D 363 26.14 -6.36 20.74
C LYS D 363 25.49 -7.01 19.53
N GLY D 364 25.51 -6.29 18.42
CA GLY D 364 24.99 -6.80 17.17
C GLY D 364 23.70 -6.10 16.77
N VAL D 365 23.29 -6.38 15.53
CA VAL D 365 22.10 -5.75 14.95
C VAL D 365 20.89 -6.67 15.01
N VAL D 366 21.06 -7.97 14.75
CA VAL D 366 19.95 -8.92 14.77
C VAL D 366 20.19 -10.04 15.78
N LEU D 367 21.41 -10.56 15.87
CA LEU D 367 21.66 -11.71 16.74
C LEU D 367 21.62 -11.31 18.21
N ARG D 368 22.28 -10.19 18.56
CA ARG D 368 22.27 -9.64 19.92
C ARG D 368 22.82 -10.65 20.93
N ARG D 369 24.12 -10.92 20.81
CA ARG D 369 24.82 -11.80 21.73
C ARG D 369 25.31 -11.03 22.95
N ALA D 370 25.12 -11.63 24.12
CA ALA D 370 25.42 -10.95 25.38
C ALA D 370 26.90 -10.72 25.57
N ILE D 371 27.25 -9.62 26.26
CA ILE D 371 28.64 -9.26 26.50
C ILE D 371 28.88 -8.91 27.96
N GLY D 372 27.82 -8.83 28.75
CA GLY D 372 27.98 -8.48 30.15
C GLY D 372 26.65 -8.15 30.78
N GLU D 373 26.71 -7.45 31.92
CA GLU D 373 25.49 -7.11 32.65
C GLU D 373 25.74 -5.86 33.48
N VAL D 374 24.65 -5.20 33.85
CA VAL D 374 24.68 -4.08 34.77
C VAL D 374 23.78 -4.41 35.96
N ARG D 375 24.37 -4.52 37.13
CA ARG D 375 23.61 -4.73 38.37
C ARG D 375 23.17 -3.35 38.86
N ALA D 376 22.12 -2.83 38.21
CA ALA D 376 21.65 -1.49 38.50
C ALA D 376 21.27 -1.32 39.96
N VAL D 377 20.63 -2.35 40.54
CA VAL D 377 20.29 -2.39 41.95
C VAL D 377 20.81 -3.70 42.53
N ASP D 378 21.39 -3.64 43.72
CA ASP D 378 22.06 -4.78 44.36
C ASP D 378 21.60 -4.89 45.81
N GLY D 379 20.30 -5.01 46.02
CA GLY D 379 19.84 -5.45 47.33
C GLY D 379 19.70 -4.33 48.33
N ILE D 380 19.01 -3.29 47.94
CA ILE D 380 18.78 -2.15 48.82
C ILE D 380 17.65 -2.46 49.78
N SER D 381 17.67 -1.80 50.93
CA SER D 381 16.57 -1.84 51.90
C SER D 381 16.15 -0.41 52.16
N LEU D 382 14.94 -0.06 51.77
CA LEU D 382 14.44 1.30 51.92
C LEU D 382 13.17 1.29 52.76
N GLU D 383 12.89 2.42 53.39
CA GLU D 383 11.77 2.53 54.33
C GLU D 383 11.39 3.99 54.42
N LEU D 384 10.15 4.31 54.07
CA LEU D 384 9.63 5.67 54.11
C LEU D 384 8.43 5.72 55.02
N ARG D 385 8.47 6.61 56.01
CA ARG D 385 7.34 6.82 56.91
C ARG D 385 6.28 7.65 56.20
N GLN D 386 5.23 8.03 56.92
CA GLN D 386 4.15 8.83 56.37
C GLN D 386 4.25 10.24 56.91
N GLY D 387 4.25 11.22 56.01
CA GLY D 387 4.46 12.60 56.38
C GLY D 387 5.91 13.03 56.40
N ARG D 388 6.83 12.12 56.16
CA ARG D 388 8.26 12.41 56.12
C ARG D 388 8.78 12.18 54.70
N THR D 389 9.98 12.70 54.43
CA THR D 389 10.61 12.54 53.15
C THR D 389 11.90 11.75 53.31
N LEU D 390 12.23 10.98 52.27
CA LEU D 390 13.47 10.22 52.22
C LEU D 390 14.26 10.71 51.01
N GLY D 391 15.46 11.25 51.27
CA GLY D 391 16.27 11.84 50.23
C GLY D 391 17.30 10.86 49.72
N ILE D 392 17.21 10.53 48.44
CA ILE D 392 18.11 9.56 47.82
C ILE D 392 19.16 10.35 47.05
N VAL D 393 20.41 10.25 47.48
CA VAL D 393 21.52 10.92 46.83
C VAL D 393 22.60 9.87 46.54
N GLY D 394 23.52 10.22 45.67
CA GLY D 394 24.63 9.35 45.38
C GLY D 394 25.15 9.58 43.97
N GLU D 395 26.06 8.70 43.58
CA GLU D 395 26.76 8.84 42.31
C GLU D 395 25.78 8.77 41.14
N SER D 396 26.12 9.49 40.07
CA SER D 396 25.37 9.36 38.83
C SER D 396 25.59 7.99 38.20
N GLY D 397 24.52 7.39 37.72
CA GLY D 397 24.58 6.04 37.19
C GLY D 397 24.60 4.96 38.24
N SER D 398 24.04 5.23 39.42
CA SER D 398 24.09 4.30 40.54
C SER D 398 22.72 3.83 40.99
N GLY D 399 21.79 3.70 40.05
CA GLY D 399 20.52 3.03 40.34
C GLY D 399 19.44 3.87 40.97
N LYS D 400 19.66 5.17 41.16
CA LYS D 400 18.67 5.98 41.87
C LYS D 400 17.35 6.07 41.13
N SER D 401 17.43 6.20 39.81
CA SER D 401 16.23 6.30 38.97
C SER D 401 15.57 4.94 38.73
N THR D 402 16.33 3.87 38.90
CA THR D 402 15.78 2.53 38.69
C THR D 402 14.86 2.12 39.83
N THR D 403 15.30 2.35 41.08
CA THR D 403 14.46 2.01 42.21
C THR D 403 13.17 2.80 42.19
N LEU D 404 13.25 4.09 41.86
CA LEU D 404 12.07 4.94 41.83
C LEU D 404 11.02 4.40 40.86
N HIS D 405 11.46 3.74 39.79
CA HIS D 405 10.54 3.19 38.80
C HIS D 405 10.28 1.72 38.99
N GLU D 406 10.93 1.07 39.96
CA GLU D 406 10.54 -0.28 40.34
C GLU D 406 9.39 -0.24 41.33
N ILE D 407 9.39 0.73 42.22
CA ILE D 407 8.26 0.92 43.14
C ILE D 407 7.03 1.37 42.37
N LEU D 408 7.23 2.21 41.36
CA LEU D 408 6.10 2.86 40.70
C LEU D 408 5.34 1.93 39.78
N GLU D 409 6.03 1.05 39.06
CA GLU D 409 5.32 0.00 38.35
C GLU D 409 4.91 -1.00 39.42
N LEU D 410 3.66 -0.93 39.83
CA LEU D 410 3.24 -1.73 40.96
C LEU D 410 3.13 -3.19 40.54
N ALA D 411 4.24 -3.93 40.65
CA ALA D 411 4.29 -5.33 40.29
C ALA D 411 5.38 -6.01 41.10
N ALA D 412 5.39 -7.33 41.05
CA ALA D 412 6.40 -8.10 41.76
C ALA D 412 7.76 -7.85 41.12
N PRO D 413 8.76 -7.41 41.88
CA PRO D 413 10.05 -7.07 41.28
C PRO D 413 10.83 -8.31 40.89
N GLN D 414 12.08 -8.11 40.45
CA GLN D 414 12.91 -9.24 40.06
C GLN D 414 13.19 -10.16 41.24
N SER D 415 13.88 -9.66 42.25
CA SER D 415 14.31 -10.49 43.38
C SER D 415 14.17 -9.73 44.69
N GLY D 416 13.03 -9.05 44.89
CA GLY D 416 12.81 -8.36 46.14
C GLY D 416 11.35 -8.30 46.55
N SER D 417 11.04 -7.44 47.52
CA SER D 417 9.66 -7.24 47.97
C SER D 417 9.38 -5.75 48.06
N ILE D 418 8.22 -5.33 47.56
CA ILE D 418 7.80 -3.94 47.58
C ILE D 418 6.43 -3.86 48.25
N GLU D 419 6.31 -2.97 49.23
CA GLU D 419 5.08 -2.80 50.00
C GLU D 419 4.71 -1.33 50.02
N VAL D 420 3.70 -0.94 49.25
CA VAL D 420 3.25 0.44 49.17
C VAL D 420 1.92 0.56 49.88
N LEU D 421 1.87 1.41 50.91
CA LEU D 421 0.63 1.73 51.61
C LEU D 421 -0.06 0.46 52.12
N GLY D 422 0.72 -0.42 52.72
CA GLY D 422 0.22 -1.65 53.32
C GLY D 422 0.20 -2.87 52.42
N THR D 423 -0.22 -2.69 51.17
CA THR D 423 -0.29 -3.81 50.23
C THR D 423 1.08 -4.44 50.05
N ASP D 424 1.08 -5.70 49.63
CA ASP D 424 2.23 -6.28 48.97
C ASP D 424 1.95 -6.17 47.48
N VAL D 425 2.88 -5.58 46.75
CA VAL D 425 2.59 -5.20 45.38
C VAL D 425 2.26 -6.43 44.53
N ALA D 426 2.81 -7.58 44.88
CA ALA D 426 2.46 -8.81 44.18
C ALA D 426 1.04 -9.28 44.51
N THR D 427 0.59 -9.03 45.74
CA THR D 427 -0.75 -9.47 46.15
C THR D 427 -1.85 -8.73 45.41
N LEU D 428 -1.53 -7.60 44.78
CA LEU D 428 -2.50 -6.84 44.00
C LEU D 428 -2.93 -7.62 42.76
N GLY D 429 -4.12 -7.27 42.27
CA GLY D 429 -4.62 -7.84 41.03
C GLY D 429 -4.39 -6.93 39.85
N THR D 430 -5.47 -6.42 39.28
CA THR D 430 -5.40 -5.38 38.27
C THR D 430 -6.30 -4.20 38.60
N ALA D 431 -7.47 -4.46 39.17
CA ALA D 431 -8.38 -3.38 39.54
C ALA D 431 -8.02 -2.76 40.88
N GLU D 432 -7.49 -3.56 41.81
CA GLU D 432 -7.00 -3.00 43.07
C GLU D 432 -5.77 -2.13 42.83
N ARG D 433 -4.93 -2.53 41.87
CA ARG D 433 -3.74 -1.75 41.55
C ARG D 433 -4.11 -0.38 40.98
N ARG D 434 -5.05 -0.34 40.03
CA ARG D 434 -5.46 0.93 39.46
C ARG D 434 -6.09 1.84 40.50
N SER D 435 -6.90 1.26 41.39
CA SER D 435 -7.44 2.05 42.49
C SER D 435 -6.35 2.50 43.44
N LEU D 436 -5.26 1.74 43.54
CA LEU D 436 -4.18 2.10 44.45
C LEU D 436 -3.36 3.26 43.92
N ARG D 437 -3.12 3.30 42.62
CA ARG D 437 -2.31 4.38 42.08
C ARG D 437 -3.17 5.63 41.90
N ARG D 438 -3.94 5.97 42.92
CA ARG D 438 -4.63 7.24 43.00
C ARG D 438 -3.94 8.17 43.99
N ASP D 439 -3.28 7.62 45.00
CA ASP D 439 -2.36 8.40 45.82
C ASP D 439 -0.98 7.77 45.68
N ILE D 440 -0.36 8.01 44.52
CA ILE D 440 1.08 7.92 44.30
C ILE D 440 1.30 8.53 42.92
N GLN D 441 2.34 9.35 42.77
CA GLN D 441 2.57 10.03 41.49
C GLN D 441 4.07 10.11 41.29
N VAL D 442 4.50 10.85 40.27
CA VAL D 442 5.92 10.95 39.97
C VAL D 442 6.19 12.16 39.08
N VAL D 443 7.37 12.74 39.27
CA VAL D 443 7.95 13.70 38.34
C VAL D 443 9.16 13.02 37.71
N PHE D 444 9.12 12.81 36.40
CA PHE D 444 10.19 12.10 35.74
C PHE D 444 11.43 12.96 35.66
N GLN D 445 12.60 12.30 35.63
CA GLN D 445 13.86 13.05 35.57
C GLN D 445 13.94 13.89 34.32
N ASP D 446 13.51 13.33 33.19
CA ASP D 446 13.46 14.08 31.94
C ASP D 446 12.04 14.56 31.73
N PRO D 447 11.73 15.83 32.02
CA PRO D 447 10.33 16.25 32.02
C PRO D 447 9.73 16.38 30.63
N VAL D 448 10.55 16.64 29.60
CA VAL D 448 9.99 16.81 28.27
C VAL D 448 9.59 15.47 27.66
N ALA D 449 10.30 14.38 27.99
CA ALA D 449 9.96 13.10 27.38
C ALA D 449 8.70 12.51 27.97
N SER D 450 8.38 12.84 29.21
CA SER D 450 7.17 12.31 29.84
C SER D 450 5.92 13.05 29.41
N LEU D 451 6.04 14.14 28.66
CA LEU D 451 4.91 14.88 28.12
C LEU D 451 4.89 14.68 26.61
N ASP D 452 3.77 14.19 26.09
CA ASP D 452 3.73 13.96 24.66
C ASP D 452 3.61 15.29 23.93
N PRO D 453 4.16 15.38 22.71
CA PRO D 453 4.22 16.68 22.03
C PRO D 453 2.92 17.12 21.39
N ARG D 454 1.95 16.22 21.22
CA ARG D 454 0.74 16.53 20.47
C ARG D 454 -0.42 16.96 21.36
N LEU D 455 -0.16 17.27 22.63
CA LEU D 455 -1.20 17.73 23.52
C LEU D 455 -0.84 19.11 24.05
N PRO D 456 -1.78 20.05 24.08
CA PRO D 456 -1.50 21.36 24.68
C PRO D 456 -1.27 21.22 26.17
N VAL D 457 -0.82 22.33 26.77
CA VAL D 457 -0.43 22.30 28.19
C VAL D 457 -1.64 21.98 29.06
N PHE D 458 -2.80 22.54 28.73
CA PHE D 458 -3.98 22.29 29.55
C PHE D 458 -4.32 20.80 29.58
N ASP D 459 -4.29 20.15 28.42
CA ASP D 459 -4.61 18.73 28.35
C ASP D 459 -3.56 17.86 29.02
N LEU D 460 -2.32 18.34 29.15
CA LEU D 460 -1.29 17.59 29.86
C LEU D 460 -1.55 17.61 31.36
N ILE D 461 -1.82 18.79 31.91
CA ILE D 461 -2.03 18.93 33.35
C ILE D 461 -3.34 18.29 33.76
N ALA D 462 -4.38 18.45 32.94
CA ALA D 462 -5.71 17.94 33.27
C ALA D 462 -5.85 16.45 33.04
N GLU D 463 -4.94 15.83 32.29
CA GLU D 463 -5.08 14.42 31.96
C GLU D 463 -5.12 13.51 33.19
N PRO D 464 -4.29 13.68 34.22
CA PRO D 464 -4.49 12.86 35.42
C PRO D 464 -5.86 13.04 36.03
N LEU D 465 -6.26 14.27 36.34
CA LEU D 465 -7.54 14.46 37.01
C LEU D 465 -8.68 14.67 36.01
N GLN D 466 -8.71 13.80 35.02
CA GLN D 466 -9.92 13.55 34.26
C GLN D 466 -10.08 12.07 33.95
N ALA D 467 -9.11 11.25 34.35
CA ALA D 467 -9.25 9.81 34.36
C ALA D 467 -9.65 9.27 35.73
N ASN D 468 -9.86 10.15 36.72
CA ASN D 468 -10.27 9.75 38.05
C ASN D 468 -11.55 10.46 38.50
N GLY D 469 -12.36 10.95 37.55
CA GLY D 469 -13.69 11.43 37.86
C GLY D 469 -13.83 12.87 38.27
N PHE D 470 -13.39 13.80 37.42
CA PHE D 470 -13.55 15.22 37.69
C PHE D 470 -14.31 15.85 36.52
N GLY D 471 -15.35 16.62 36.84
CA GLY D 471 -16.10 17.32 35.82
C GLY D 471 -15.26 18.44 35.22
N LYS D 472 -15.83 19.13 34.24
CA LYS D 472 -15.11 20.19 33.58
C LYS D 472 -15.35 21.55 34.21
N ASN D 473 -15.92 21.59 35.41
CA ASN D 473 -15.88 22.80 36.21
C ASN D 473 -14.85 22.74 37.31
N GLU D 474 -14.54 21.53 37.80
CA GLU D 474 -13.41 21.31 38.69
C GLU D 474 -12.12 21.10 37.91
N THR D 475 -12.14 20.27 36.86
CA THR D 475 -10.92 20.09 36.08
C THR D 475 -10.35 21.43 35.67
N HIS D 476 -11.21 22.41 35.41
CA HIS D 476 -10.77 23.73 35.00
C HIS D 476 -10.38 24.65 36.15
N ALA D 477 -11.07 24.56 37.29
CA ALA D 477 -10.66 25.40 38.42
C ALA D 477 -9.37 24.89 39.04
N ARG D 478 -9.11 23.59 38.96
CA ARG D 478 -7.86 23.06 39.49
C ARG D 478 -6.68 23.40 38.58
N VAL D 479 -6.86 23.27 37.26
CA VAL D 479 -5.77 23.62 36.35
C VAL D 479 -5.46 25.09 36.42
N ALA D 480 -6.49 25.93 36.56
CA ALA D 480 -6.27 27.37 36.66
C ALA D 480 -5.49 27.72 37.91
N GLU D 481 -5.65 26.96 38.99
CA GLU D 481 -4.92 27.22 40.21
C GLU D 481 -3.58 26.48 40.28
N LEU D 482 -3.43 25.39 39.53
CA LEU D 482 -2.13 24.75 39.42
C LEU D 482 -1.19 25.54 38.53
N LEU D 483 -1.73 26.20 37.50
CA LEU D 483 -0.89 26.98 36.60
C LEU D 483 -0.20 28.13 37.30
N ASP D 484 -0.86 28.75 38.28
CA ASP D 484 -0.25 29.86 38.98
C ASP D 484 0.46 29.45 40.26
N ILE D 485 0.22 28.25 40.76
CA ILE D 485 1.00 27.75 41.88
C ILE D 485 2.45 27.56 41.46
N VAL D 486 2.67 26.96 40.29
CA VAL D 486 4.02 26.72 39.81
C VAL D 486 4.64 27.97 39.20
N GLY D 487 3.85 28.97 38.85
CA GLY D 487 4.38 30.19 38.26
C GLY D 487 4.19 30.32 36.78
N LEU D 488 3.44 29.41 36.15
CA LEU D 488 3.13 29.57 34.74
C LEU D 488 2.01 30.60 34.56
N ARG D 489 1.75 30.93 33.30
CA ARG D 489 0.76 31.94 32.97
C ARG D 489 -0.43 31.32 32.29
N HIS D 490 -1.62 31.81 32.61
CA HIS D 490 -2.79 31.49 31.82
C HIS D 490 -2.60 32.06 30.42
N GLY D 491 -3.01 31.30 29.42
CA GLY D 491 -2.67 31.58 28.05
C GLY D 491 -1.52 30.74 27.53
N ASP D 492 -0.75 30.13 28.43
CA ASP D 492 0.17 29.07 28.08
C ASP D 492 -0.50 27.72 28.05
N ALA D 493 -1.81 27.66 28.35
CA ALA D 493 -2.55 26.41 28.31
C ALA D 493 -2.93 25.98 26.91
N SER D 494 -2.72 26.84 25.91
CA SER D 494 -2.96 26.49 24.52
C SER D 494 -1.68 26.21 23.76
N ARG D 495 -0.53 26.22 24.43
CA ARG D 495 0.75 26.00 23.81
C ARG D 495 1.18 24.54 23.95
N TYR D 496 1.88 24.09 23.02
CA TYR D 496 2.37 22.72 23.10
C TYR D 496 3.69 22.67 23.86
N PRO D 497 4.03 21.53 24.46
CA PRO D 497 5.23 21.51 25.32
C PRO D 497 6.52 21.77 24.60
N ALA D 498 6.55 21.64 23.27
CA ALA D 498 7.79 21.81 22.52
C ALA D 498 8.26 23.26 22.46
N GLU D 499 7.43 24.21 22.86
CA GLU D 499 7.77 25.62 22.75
C GLU D 499 7.85 26.28 24.12
N PHE D 500 8.46 25.59 25.08
CA PHE D 500 8.72 26.14 26.39
C PHE D 500 10.22 26.15 26.65
N SER D 501 10.61 26.84 27.71
CA SER D 501 12.03 27.11 27.92
C SER D 501 12.80 25.84 28.25
N GLY D 502 12.31 25.05 29.19
CA GLY D 502 13.05 23.89 29.64
C GLY D 502 13.01 23.78 31.15
N GLY D 503 12.98 24.93 31.81
CA GLY D 503 12.59 24.97 33.21
C GLY D 503 11.09 25.14 33.30
N GLN D 504 10.49 25.60 32.20
CA GLN D 504 9.04 25.66 32.11
C GLN D 504 8.44 24.29 31.83
N LYS D 505 9.12 23.48 31.02
CA LYS D 505 8.66 22.11 30.80
C LYS D 505 8.72 21.30 32.09
N GLN D 506 9.66 21.63 32.97
CA GLN D 506 9.78 20.93 34.23
C GLN D 506 8.71 21.36 35.22
N ARG D 507 8.28 22.62 35.15
CA ARG D 507 7.18 23.06 36.01
C ARG D 507 5.86 22.48 35.55
N ILE D 508 5.72 22.18 34.26
CA ILE D 508 4.53 21.51 33.76
C ILE D 508 4.42 20.11 34.37
N GLY D 509 5.53 19.37 34.38
CA GLY D 509 5.51 18.04 34.95
C GLY D 509 5.30 18.02 36.44
N ILE D 510 5.71 19.09 37.13
CA ILE D 510 5.43 19.21 38.55
C ILE D 510 3.95 19.49 38.77
N ALA D 511 3.36 20.36 37.95
CA ALA D 511 1.95 20.66 38.08
C ALA D 511 1.09 19.44 37.76
N ARG D 512 1.49 18.64 36.77
CA ARG D 512 0.76 17.42 36.47
C ARG D 512 0.82 16.44 37.62
N ALA D 513 1.89 16.48 38.42
CA ALA D 513 2.06 15.54 39.52
C ALA D 513 1.35 16.00 40.78
N LEU D 514 1.18 17.30 40.97
CA LEU D 514 0.55 17.83 42.17
C LEU D 514 -0.96 17.95 42.02
N ALA D 515 -1.51 17.57 40.87
CA ALA D 515 -2.93 17.33 40.76
C ALA D 515 -3.26 16.00 41.42
N LEU D 516 -4.46 15.91 41.98
CA LEU D 516 -4.96 14.75 42.71
C LEU D 516 -4.32 14.60 44.08
N GLN D 517 -3.52 15.57 44.53
CA GLN D 517 -2.86 15.63 45.85
C GLN D 517 -2.59 14.24 46.39
N PRO D 518 -1.67 13.49 45.77
CA PRO D 518 -1.42 12.11 46.20
C PRO D 518 -0.86 12.07 47.60
N LYS D 519 -0.80 10.86 48.16
CA LYS D 519 -0.21 10.67 49.48
C LYS D 519 1.29 10.46 49.40
N ILE D 520 1.77 9.81 48.35
CA ILE D 520 3.19 9.62 48.11
C ILE D 520 3.53 10.28 46.79
N LEU D 521 4.56 11.10 46.79
CA LEU D 521 5.01 11.81 45.59
C LEU D 521 6.46 11.43 45.35
N ALA D 522 6.73 10.82 44.20
CA ALA D 522 8.08 10.41 43.84
C ALA D 522 8.70 11.46 42.92
N LEU D 523 9.81 12.05 43.34
CA LEU D 523 10.42 13.17 42.63
C LEU D 523 11.81 12.77 42.17
N ASP D 524 12.00 12.75 40.85
CA ASP D 524 13.28 12.38 40.24
C ASP D 524 14.01 13.64 39.81
N ASP D 525 14.69 14.28 40.76
CA ASP D 525 15.39 15.57 40.48
C ASP D 525 14.32 16.55 39.98
N PRO D 526 13.38 17.02 40.84
CA PRO D 526 12.27 17.84 40.37
C PRO D 526 12.59 19.31 40.19
N VAL D 527 13.75 19.79 40.67
CA VAL D 527 14.08 21.20 40.63
C VAL D 527 15.44 21.43 40.00
N SER D 528 15.81 20.59 39.04
CA SER D 528 17.16 20.62 38.47
C SER D 528 17.37 21.74 37.46
N ALA D 529 16.39 22.01 36.60
CA ALA D 529 16.50 23.05 35.60
C ALA D 529 15.77 24.32 35.99
N LEU D 530 15.35 24.42 37.25
CA LEU D 530 14.76 25.65 37.76
C LEU D 530 15.86 26.52 38.35
N ASP D 531 15.71 27.83 38.20
CA ASP D 531 16.73 28.73 38.73
C ASP D 531 16.56 28.85 40.24
N VAL D 532 17.45 29.63 40.85
CA VAL D 532 17.52 29.69 42.31
C VAL D 532 16.23 30.25 42.89
N SER D 533 15.73 31.33 42.31
CA SER D 533 14.56 32.00 42.89
C SER D 533 13.30 31.19 42.71
N ILE D 534 13.10 30.62 41.52
CA ILE D 534 11.85 29.91 41.24
C ILE D 534 11.80 28.60 42.02
N GLN D 535 12.91 27.86 42.05
CA GLN D 535 12.93 26.61 42.80
C GLN D 535 12.77 26.82 44.29
N ALA D 536 13.06 28.02 44.80
CA ALA D 536 12.83 28.28 46.21
C ALA D 536 11.34 28.26 46.54
N GLY D 537 10.51 28.79 45.64
CA GLY D 537 9.07 28.74 45.84
C GLY D 537 8.48 27.36 45.64
N ILE D 538 9.14 26.51 44.86
CA ILE D 538 8.70 25.12 44.74
C ILE D 538 8.97 24.36 46.03
N ILE D 539 10.17 24.52 46.59
CA ILE D 539 10.49 23.87 47.87
C ILE D 539 9.59 24.40 48.97
N ASN D 540 9.37 25.71 49.01
CA ASN D 540 8.46 26.27 49.99
C ASN D 540 7.05 25.75 49.79
N LEU D 541 6.66 25.53 48.54
CA LEU D 541 5.36 24.91 48.27
C LEU D 541 5.33 23.48 48.78
N LEU D 542 6.34 22.68 48.42
CA LEU D 542 6.35 21.28 48.81
C LEU D 542 6.40 21.12 50.32
N LEU D 543 7.19 21.96 51.00
CA LEU D 543 7.32 21.84 52.45
C LEU D 543 6.01 22.19 53.14
N ASP D 544 5.40 23.31 52.75
CA ASP D 544 4.18 23.75 53.41
C ASP D 544 2.99 22.87 53.04
N LEU D 545 3.07 22.11 51.95
CA LEU D 545 1.97 21.20 51.51
C LEU D 545 2.15 19.84 52.14
N GLN D 546 3.23 19.67 52.88
CA GLN D 546 3.43 18.42 53.62
C GLN D 546 3.07 18.54 55.08
N GLU D 547 3.30 19.71 55.68
CA GLU D 547 2.91 19.92 57.08
C GLU D 547 1.41 19.68 57.26
N GLN D 548 0.60 20.27 56.39
CA GLN D 548 -0.80 19.92 56.28
C GLN D 548 -0.97 18.98 55.09
N PHE D 549 -1.94 18.06 55.22
CA PHE D 549 -2.21 16.96 54.29
C PHE D 549 -1.21 15.82 54.40
N GLY D 550 -0.13 16.01 55.15
CA GLY D 550 0.76 14.92 55.48
C GLY D 550 1.34 14.13 54.32
N LEU D 551 1.85 14.82 53.30
CA LEU D 551 2.41 14.12 52.15
C LEU D 551 3.83 13.63 52.46
N SER D 552 4.21 12.54 51.81
CA SER D 552 5.53 11.94 51.97
C SER D 552 6.17 11.81 50.59
N TYR D 553 7.35 12.40 50.43
CA TYR D 553 8.02 12.45 49.15
C TYR D 553 9.22 11.50 49.11
N LEU D 554 9.40 10.84 47.98
CA LEU D 554 10.64 10.15 47.64
C LEU D 554 11.41 11.10 46.75
N PHE D 555 12.45 11.73 47.31
CA PHE D 555 13.13 12.86 46.69
C PHE D 555 14.57 12.46 46.36
N VAL D 556 14.89 12.38 45.08
CA VAL D 556 16.23 12.04 44.62
C VAL D 556 16.77 13.21 43.81
N SER D 557 17.97 13.66 44.15
CA SER D 557 18.55 14.80 43.46
C SER D 557 20.03 14.89 43.78
N HIS D 558 20.74 15.63 42.92
CA HIS D 558 22.18 15.80 43.03
C HIS D 558 22.57 17.08 43.75
N ASP D 559 21.60 17.85 44.22
CA ASP D 559 21.86 19.07 45.00
C ASP D 559 21.75 18.73 46.47
N LEU D 560 22.88 18.58 47.15
CA LEU D 560 22.89 18.21 48.55
C LEU D 560 22.62 19.39 49.47
N SER D 561 22.18 20.52 48.92
CA SER D 561 21.72 21.64 49.72
C SER D 561 20.21 21.69 49.80
N VAL D 562 19.53 21.54 48.66
CA VAL D 562 18.08 21.39 48.69
C VAL D 562 17.69 20.23 49.60
N VAL D 563 18.37 19.09 49.43
CA VAL D 563 18.07 17.91 50.23
C VAL D 563 18.21 18.21 51.71
N LYS D 564 19.18 19.06 52.09
CA LYS D 564 19.33 19.41 53.49
C LYS D 564 18.06 20.04 54.06
N HIS D 565 17.32 20.78 53.24
CA HIS D 565 16.17 21.52 53.73
C HIS D 565 14.97 20.61 54.00
N LEU D 566 14.74 19.62 53.14
CA LEU D 566 13.45 18.92 53.14
C LEU D 566 13.58 17.41 53.30
N ALA D 567 14.72 16.90 53.74
CA ALA D 567 14.92 15.46 53.93
C ALA D 567 15.04 15.15 55.41
N HIS D 568 14.09 14.36 55.92
CA HIS D 568 14.22 13.86 57.29
C HIS D 568 15.27 12.76 57.37
N GLN D 569 15.25 11.84 56.41
CA GLN D 569 16.21 10.75 56.32
C GLN D 569 16.76 10.72 54.90
N VAL D 570 18.03 10.37 54.77
CA VAL D 570 18.64 10.28 53.46
C VAL D 570 19.31 8.92 53.31
N ALA D 571 19.52 8.52 52.06
CA ALA D 571 20.07 7.21 51.74
C ALA D 571 21.08 7.40 50.61
N VAL D 572 22.37 7.45 50.97
CA VAL D 572 23.41 7.56 49.96
C VAL D 572 23.51 6.23 49.21
N MET D 573 23.51 6.31 47.88
CA MET D 573 23.39 5.14 47.03
C MET D 573 24.50 5.17 45.99
N LEU D 574 25.42 4.21 46.07
CA LEU D 574 26.54 4.13 45.15
C LEU D 574 26.66 2.72 44.59
N ALA D 575 26.87 2.62 43.28
CA ALA D 575 27.11 1.38 42.56
C ALA D 575 25.91 0.42 42.61
N GLY D 576 24.76 0.89 43.04
CA GLY D 576 23.59 0.04 43.15
C GLY D 576 23.29 -0.46 44.55
N THR D 577 24.06 -0.04 45.55
CA THR D 577 23.82 -0.42 46.93
C THR D 577 23.70 0.83 47.78
N VAL D 578 22.86 0.75 48.81
CA VAL D 578 22.75 1.85 49.75
C VAL D 578 23.99 1.84 50.62
N VAL D 579 24.91 2.76 50.33
CA VAL D 579 26.16 2.81 51.07
C VAL D 579 25.93 3.21 52.51
N GLU D 580 25.06 4.20 52.74
CA GLU D 580 24.77 4.69 54.07
C GLU D 580 23.37 5.27 54.08
N GLN D 581 22.71 5.18 55.23
CA GLN D 581 21.38 5.79 55.37
C GLN D 581 21.12 6.10 56.83
N GLY D 582 20.16 6.97 57.05
CA GLY D 582 19.81 7.43 58.38
C GLY D 582 19.18 8.81 58.29
N ASP D 583 18.87 9.34 59.47
CA ASP D 583 18.33 10.69 59.54
C ASP D 583 19.39 11.69 59.10
N SER D 584 18.94 12.77 58.44
CA SER D 584 19.89 13.67 57.82
C SER D 584 20.50 14.62 58.83
N GLU D 585 20.95 14.10 59.95
CA GLU D 585 21.86 14.80 60.83
C GLU D 585 23.02 13.92 61.26
N GLU D 586 22.79 12.64 61.45
CA GLU D 586 23.86 11.70 61.75
C GLU D 586 24.64 11.30 60.51
N VAL D 587 24.21 11.71 59.32
CA VAL D 587 24.89 11.37 58.09
C VAL D 587 25.40 12.63 57.41
N PHE D 588 24.67 13.73 57.58
CA PHE D 588 25.16 15.01 57.10
C PHE D 588 26.18 15.61 58.06
N GLY D 589 26.05 15.34 59.36
CA GLY D 589 26.99 15.82 60.35
C GLY D 589 28.32 15.12 60.28
N ASN D 590 28.38 13.85 60.66
CA ASN D 590 29.56 13.03 60.40
C ASN D 590 29.16 11.84 59.53
N PRO D 591 29.80 11.64 58.42
CA PRO D 591 29.55 10.41 57.66
C PRO D 591 30.55 9.32 58.01
N LYS D 592 30.08 8.15 58.39
CA LYS D 592 30.99 7.04 58.71
C LYS D 592 31.11 6.07 57.53
N HIS D 593 31.62 6.60 56.43
CA HIS D 593 31.97 5.80 55.24
C HIS D 593 32.76 6.69 54.30
N GLU D 594 33.82 6.14 53.73
CA GLU D 594 34.74 6.99 52.95
C GLU D 594 34.37 7.07 51.48
N TYR D 595 33.10 7.29 51.21
CA TYR D 595 32.66 7.88 49.96
C TYR D 595 31.67 9.01 50.17
N THR D 596 30.75 8.83 51.13
CA THR D 596 29.82 9.90 51.46
C THR D 596 30.54 11.06 52.11
N ARG D 597 31.62 10.79 52.85
CA ARG D 597 32.46 11.88 53.33
C ARG D 597 33.08 12.64 52.17
N ARG D 598 33.55 11.92 51.16
CA ARG D 598 34.11 12.57 49.98
C ARG D 598 33.05 13.38 49.25
N LEU D 599 31.85 12.80 49.08
CA LEU D 599 30.77 13.50 48.39
C LEU D 599 30.32 14.73 49.17
N LEU D 600 30.23 14.63 50.48
CA LEU D 600 29.82 15.78 51.29
C LEU D 600 30.91 16.83 51.37
N GLY D 601 32.17 16.42 51.26
CA GLY D 601 33.29 17.34 51.29
C GLY D 601 33.67 17.93 49.96
N ALA D 602 32.96 17.59 48.89
CA ALA D 602 33.26 18.10 47.56
C ALA D 602 32.26 19.13 47.08
N VAL D 603 31.28 19.50 47.90
CA VAL D 603 30.22 20.40 47.45
C VAL D 603 30.81 21.75 47.08
N PRO D 604 30.33 22.42 46.03
CA PRO D 604 30.89 23.75 45.68
C PRO D 604 30.36 24.82 46.61
N GLN D 605 31.28 25.48 47.31
CA GLN D 605 30.92 26.60 48.19
C GLN D 605 30.65 27.83 47.34
N PRO D 606 29.52 28.51 47.54
CA PRO D 606 29.18 29.65 46.66
C PRO D 606 30.02 30.90 46.89
N ASP D 607 30.82 30.96 47.95
CA ASP D 607 31.65 32.14 48.16
C ASP D 607 32.94 32.01 47.36
N PRO D 608 33.21 32.91 46.41
CA PRO D 608 34.43 32.79 45.61
C PRO D 608 35.71 32.84 46.43
N ALA D 609 35.72 33.60 47.52
CA ALA D 609 36.90 33.69 48.37
C ALA D 609 36.78 32.77 49.58
#